data_4LHC
#
_entry.id   4LHC
#
_cell.length_a   160.050
_cell.length_b   160.050
_cell.length_c   159.833
_cell.angle_alpha   90.00
_cell.angle_beta   90.00
_cell.angle_gamma   120.00
#
_symmetry.space_group_name_H-M   'P 3 2 1'
#
loop_
_entity.id
_entity.type
_entity.pdbx_description
1 polymer 'Glycine dehydrogenase [decarboxylating]'
2 non-polymer GLYCINE
3 non-polymer 'BICARBONATE ION'
4 non-polymer 'PHOSPHATE ION'
5 non-polymer 1,2-ETHANEDIOL
6 non-polymer BICINE
7 water water
#
_entity_poly.entity_id   1
_entity_poly.type   'polypeptide(L)'
_entity_poly.pdbx_seq_one_letter_code
;MPNLEPAVVVPTSEAIAVDLTKLEEKLAPADSFLDRHLGPGETEQRQMLQTLGFDTLGDLIDQAVPPAIRFPRSLQLPAS
QSEYGAIAQLKSIASKNQVFRSYIGMGYYDTITPPVIQRNILENPGWYTAYTPYQAEIAQGRLEALLNFQTMVMDLTGLE
IANASLLDEGTAAAEAMALSYGVSKSKANAFFVAQDCHPQTIEVIKTRANPLGIEVIVGDHHTFSFSTSIFGALLQYPAT
DGAVYDYRSFIDKAHQHQALVTLAADPLSLTLLTPPGELGADIAVGSTQRFGIPLGYGGPHAAYFATKAEYQRKMPGRIV
GVSKDAHGNPALRLALQTREQHIRRDKATSNICTAQVLLAVMASMYGVYHGSTGLKNIALRIHQLTVLLAIGLKRLNYSL
NNDYFFDTLRVGVGEQSAPAILKAAEGRGINLRPLVPGEVGISLDETVTVQDLLDLWQVFAGKDNLPFTPEELWSEVKTS
FPADLTRQSLYLQDAVFNQYHSETELLRYLHQLESKDLALNTSMIPLGSCTMKLNATAEMMPVTWPEFGKIHPFAPAGQT
EGYQILFAQLEAWLGEITGFDAISLQPNAGSQGEYAGLQVIRQYHLSRGEEQRNICLIPESAHGTNPASAVMCGMQVVPV
KCDGEGNIDVEDLTSKAEKYGDRLAALMVTYPSTHGVFEATIGTICDIVHRFGGEVYMDGANMNAQVGLCRPADFGADVC
HLNLH(LLP)TFCIPHGGGGPGMGPIGVKSHLQAFLPRTSLNSTAELQAEDQSIGMISAAPYGSASILVISWMYIAMMGP
QGLTKATEVAILSANYMAKRLENYYPILFRGNNELVAHECILDLRPLKKQAAIEVEDVAKRLMDFGFHAPTVSWPVLGTM
MVEPTESESLGELDRFCDAMIAIYQEAQAITHGEIDPADNPLKNAPHTAQSLICGEWNHPYSQEEAAYPAPWTKQFKFWP
AVGRINNTYGDRHLVCSCEGMEAYKEG
;
_entity_poly.pdbx_strand_id   A,B
#
loop_
_chem_comp.id
_chem_comp.type
_chem_comp.name
_chem_comp.formula
BCN non-polymer BICINE 'C6 H13 N O4'
BCT non-polymer 'BICARBONATE ION' 'C H O3 -1'
EDO non-polymer 1,2-ETHANEDIOL 'C2 H6 O2'
PO4 non-polymer 'PHOSPHATE ION' 'O4 P -3'
#
# COMPACT_ATOMS: atom_id res chain seq x y z
N ALA A 15 17.78 -1.83 -36.87
CA ALA A 15 18.25 -2.86 -37.80
C ALA A 15 17.92 -4.25 -37.25
N ILE A 16 18.56 -4.59 -36.14
CA ILE A 16 18.25 -5.81 -35.41
C ILE A 16 17.06 -5.55 -34.49
N ALA A 17 17.06 -4.37 -33.86
CA ALA A 17 15.92 -3.92 -33.05
C ALA A 17 14.66 -3.89 -33.89
N VAL A 18 14.81 -3.49 -35.16
CA VAL A 18 13.70 -3.44 -36.09
C VAL A 18 13.18 -4.84 -36.41
N ASP A 19 14.09 -5.77 -36.66
CA ASP A 19 13.72 -7.16 -36.93
C ASP A 19 13.01 -7.77 -35.72
N LEU A 20 13.55 -7.53 -34.53
CA LEU A 20 12.94 -8.00 -33.29
C LEU A 20 11.57 -7.40 -33.07
N THR A 21 11.48 -6.09 -33.26
CA THR A 21 10.21 -5.37 -33.12
C THR A 21 9.18 -5.98 -34.07
N LYS A 22 9.61 -6.32 -35.28
CA LYS A 22 8.72 -6.94 -36.24
C LYS A 22 8.34 -8.37 -35.84
N LEU A 23 9.29 -9.10 -35.25
CA LEU A 23 9.00 -10.44 -34.74
C LEU A 23 7.99 -10.38 -33.59
N GLU A 24 8.18 -9.43 -32.68
CA GLU A 24 7.32 -9.31 -31.51
C GLU A 24 5.86 -9.09 -31.91
N GLU A 25 5.64 -8.45 -33.05
CA GLU A 25 4.30 -8.12 -33.51
C GLU A 25 3.53 -9.35 -33.98
N LYS A 26 4.25 -10.40 -34.33
CA LYS A 26 3.63 -11.66 -34.77
C LYS A 26 3.01 -12.43 -33.60
N LEU A 27 3.51 -12.14 -32.40
CA LEU A 27 3.15 -12.91 -31.21
C LEU A 27 1.73 -12.64 -30.73
N ALA A 28 1.17 -13.58 -29.98
CA ALA A 28 -0.10 -13.33 -29.30
C ALA A 28 -0.01 -12.05 -28.49
N PRO A 29 -1.10 -11.26 -28.47
CA PRO A 29 -1.13 -9.94 -27.83
C PRO A 29 -0.75 -10.02 -26.36
N ALA A 30 0.15 -9.16 -25.89
CA ALA A 30 0.48 -9.11 -24.48
C ALA A 30 -0.44 -8.13 -23.77
N ASP A 31 -0.32 -8.07 -22.45
CA ASP A 31 -1.09 -7.13 -21.64
C ASP A 31 -0.76 -5.70 -22.09
N SER A 32 -1.77 -4.99 -22.60
CA SER A 32 -1.58 -3.60 -23.01
C SER A 32 -2.06 -2.66 -21.91
N PHE A 33 -1.23 -1.71 -21.50
CA PHE A 33 -1.65 -0.81 -20.45
C PHE A 33 -2.87 0.01 -20.85
N LEU A 34 -2.99 0.33 -22.15
CA LEU A 34 -4.15 1.06 -22.65
C LEU A 34 -5.46 0.40 -22.21
N ASP A 35 -5.50 -0.92 -22.29
CA ASP A 35 -6.69 -1.68 -21.92
C ASP A 35 -6.98 -1.68 -20.41
N ARG A 36 -5.99 -1.33 -19.60
CA ARG A 36 -6.23 -1.18 -18.16
C ARG A 36 -6.60 0.26 -17.84
N HIS A 37 -6.07 1.19 -18.62
CA HIS A 37 -6.31 2.61 -18.36
C HIS A 37 -7.73 3.01 -18.79
N LEU A 38 -8.16 2.54 -19.96
CA LEU A 38 -9.53 2.80 -20.43
C LEU A 38 -10.56 2.03 -19.63
N GLY A 39 -11.69 2.67 -19.36
CA GLY A 39 -12.85 1.99 -18.80
C GLY A 39 -13.62 1.20 -19.85
N PRO A 40 -14.14 1.87 -20.88
CA PRO A 40 -14.93 1.18 -21.92
C PRO A 40 -14.06 0.41 -22.91
N GLY A 41 -14.27 -0.90 -23.02
CA GLY A 41 -13.61 -1.69 -24.04
C GLY A 41 -14.29 -1.52 -25.38
N GLU A 42 -13.85 -2.26 -26.40
CA GLU A 42 -14.39 -2.04 -27.75
C GLU A 42 -15.88 -2.30 -27.85
N THR A 43 -16.37 -3.29 -27.12
CA THR A 43 -17.80 -3.60 -27.17
C THR A 43 -18.62 -2.49 -26.52
N GLU A 44 -18.15 -2.01 -25.37
CA GLU A 44 -18.79 -0.90 -24.68
C GLU A 44 -18.76 0.39 -25.52
N GLN A 45 -17.63 0.63 -26.19
CA GLN A 45 -17.52 1.80 -27.07
C GLN A 45 -18.55 1.75 -28.19
N ARG A 46 -18.71 0.58 -28.80
CA ARG A 46 -19.69 0.43 -29.88
C ARG A 46 -21.11 0.69 -29.40
N GLN A 47 -21.42 0.25 -28.19
CA GLN A 47 -22.74 0.50 -27.60
C GLN A 47 -22.98 1.99 -27.43
N MET A 48 -21.97 2.71 -26.95
CA MET A 48 -22.09 4.14 -26.70
C MET A 48 -22.28 4.90 -28.02
N LEU A 49 -21.54 4.48 -29.04
CA LEU A 49 -21.67 5.07 -30.37
C LEU A 49 -23.06 4.82 -30.94
N GLN A 50 -23.60 3.63 -30.70
CA GLN A 50 -24.96 3.30 -31.17
C GLN A 50 -25.99 4.23 -30.52
N THR A 51 -25.83 4.45 -29.23
CA THR A 51 -26.70 5.38 -28.49
C THR A 51 -26.61 6.80 -29.06
N LEU A 52 -25.41 7.20 -29.50
CA LEU A 52 -25.19 8.54 -30.04
C LEU A 52 -25.53 8.68 -31.51
N GLY A 53 -25.73 7.56 -32.19
CA GLY A 53 -26.08 7.57 -33.61
C GLY A 53 -24.88 7.72 -34.53
N PHE A 54 -23.69 7.37 -34.03
CA PHE A 54 -22.47 7.42 -34.85
C PHE A 54 -22.01 6.03 -35.23
N ASP A 55 -21.57 5.87 -36.47
CA ASP A 55 -21.14 4.58 -36.99
C ASP A 55 -19.77 4.18 -36.44
N THR A 56 -18.89 5.16 -36.27
CA THR A 56 -17.53 4.91 -35.78
C THR A 56 -17.05 6.02 -34.84
N LEU A 57 -16.10 5.69 -33.97
CA LEU A 57 -15.48 6.69 -33.11
C LEU A 57 -14.81 7.78 -33.95
N GLY A 58 -14.16 7.38 -35.04
CA GLY A 58 -13.54 8.33 -35.95
C GLY A 58 -14.49 9.39 -36.48
N ASP A 59 -15.70 8.98 -36.83
CA ASP A 59 -16.74 9.91 -37.30
C ASP A 59 -17.12 10.92 -36.20
N LEU A 60 -17.35 10.42 -34.99
CA LEU A 60 -17.63 11.29 -33.85
C LEU A 60 -16.54 12.35 -33.67
N ILE A 61 -15.29 11.91 -33.62
CA ILE A 61 -14.17 12.82 -33.42
C ILE A 61 -14.00 13.83 -34.56
N ASP A 62 -14.21 13.38 -35.80
CA ASP A 62 -14.14 14.26 -36.97
C ASP A 62 -15.21 15.34 -36.90
N GLN A 63 -16.33 15.04 -36.25
CA GLN A 63 -17.39 16.04 -36.11
C GLN A 63 -17.27 16.88 -34.85
N ALA A 64 -16.54 16.38 -33.85
CA ALA A 64 -16.32 17.13 -32.62
C ALA A 64 -15.23 18.19 -32.76
N VAL A 65 -14.08 17.79 -33.29
CA VAL A 65 -12.92 18.68 -33.38
C VAL A 65 -12.92 19.43 -34.70
N PRO A 66 -12.84 20.76 -34.63
CA PRO A 66 -12.79 21.56 -35.86
C PRO A 66 -11.65 21.11 -36.76
N PRO A 67 -11.98 20.75 -38.02
CA PRO A 67 -11.01 20.16 -38.96
C PRO A 67 -9.75 20.99 -39.07
N ALA A 68 -9.90 22.31 -39.03
CA ALA A 68 -8.78 23.23 -39.21
C ALA A 68 -7.67 23.13 -38.16
N ILE A 69 -8.03 22.90 -36.89
CA ILE A 69 -7.01 22.86 -35.84
C ILE A 69 -6.50 21.44 -35.62
N ARG A 70 -7.05 20.51 -36.38
CA ARG A 70 -6.72 19.09 -36.23
C ARG A 70 -5.24 18.81 -36.55
N PHE A 71 -4.58 18.08 -35.66
CA PHE A 71 -3.19 17.66 -35.84
C PHE A 71 -3.16 16.56 -36.92
N PRO A 72 -2.47 16.81 -38.04
CA PRO A 72 -2.58 15.97 -39.25
C PRO A 72 -1.78 14.66 -39.25
N ARG A 73 -1.14 14.31 -38.15
CA ARG A 73 -0.30 13.10 -38.13
C ARG A 73 -0.27 12.45 -36.76
N SER A 74 0.42 11.31 -36.65
CA SER A 74 0.59 10.65 -35.36
C SER A 74 1.58 11.44 -34.52
N LEU A 75 1.39 11.41 -33.20
CA LEU A 75 2.37 12.00 -32.31
C LEU A 75 3.69 11.23 -32.44
N GLN A 76 4.80 11.96 -32.46
CA GLN A 76 6.12 11.35 -32.54
C GLN A 76 6.61 11.04 -31.11
N LEU A 77 6.20 9.88 -30.60
CA LEU A 77 6.52 9.45 -29.24
C LEU A 77 6.93 7.97 -29.28
N PRO A 78 7.71 7.51 -28.29
CA PRO A 78 8.14 6.10 -28.29
C PRO A 78 6.96 5.13 -28.28
N ALA A 79 7.10 3.98 -28.95
CA ALA A 79 6.05 2.98 -28.94
C ALA A 79 5.73 2.56 -27.50
N SER A 80 4.47 2.21 -27.25
CA SER A 80 4.04 1.86 -25.90
C SER A 80 4.83 0.70 -25.32
N GLN A 81 5.05 0.73 -24.02
CA GLN A 81 5.69 -0.37 -23.33
C GLN A 81 4.71 -0.95 -22.35
N SER A 82 4.89 -2.23 -21.99
CA SER A 82 4.06 -2.84 -20.96
C SER A 82 4.37 -2.17 -19.62
N GLU A 83 3.52 -2.42 -18.61
CA GLU A 83 3.78 -1.91 -17.28
C GLU A 83 5.14 -2.42 -16.82
N TYR A 84 5.38 -3.71 -17.09
CA TYR A 84 6.62 -4.35 -16.64
C TYR A 84 7.84 -3.74 -17.33
N GLY A 85 7.71 -3.53 -18.64
CA GLY A 85 8.80 -2.96 -19.41
C GLY A 85 9.09 -1.50 -19.07
N ALA A 86 8.05 -0.71 -18.86
CA ALA A 86 8.24 0.70 -18.57
C ALA A 86 8.90 0.88 -17.20
N ILE A 87 8.50 0.05 -16.24
N ILE A 87 8.50 0.05 -16.24
CA ILE A 87 9.11 0.07 -14.90
CA ILE A 87 9.12 0.08 -14.90
C ILE A 87 10.59 -0.28 -15.00
C ILE A 87 10.60 -0.27 -15.00
N ALA A 88 10.90 -1.31 -15.78
CA ALA A 88 12.29 -1.71 -16.00
C ALA A 88 13.08 -0.57 -16.64
N GLN A 89 12.50 0.11 -17.63
CA GLN A 89 13.21 1.20 -18.30
C GLN A 89 13.45 2.34 -17.32
N LEU A 90 12.44 2.69 -16.54
CA LEU A 90 12.62 3.77 -15.57
C LEU A 90 13.60 3.39 -14.44
N LYS A 91 13.62 2.11 -14.05
CA LYS A 91 14.56 1.68 -13.02
C LYS A 91 15.98 1.90 -13.50
N SER A 92 16.21 1.61 -14.77
CA SER A 92 17.52 1.79 -15.38
C SER A 92 17.93 3.26 -15.37
N ILE A 93 16.96 4.14 -15.63
CA ILE A 93 17.20 5.57 -15.55
C ILE A 93 17.48 6.00 -14.12
N ALA A 94 16.64 5.56 -13.19
CA ALA A 94 16.78 5.92 -11.79
C ALA A 94 18.13 5.49 -11.23
N SER A 95 18.63 4.36 -11.72
CA SER A 95 19.89 3.81 -11.23
C SER A 95 21.08 4.73 -11.50
N LYS A 96 20.89 5.70 -12.40
CA LYS A 96 21.96 6.65 -12.70
C LYS A 96 22.08 7.78 -11.67
N ASN A 97 21.04 7.98 -10.88
CA ASN A 97 21.09 8.90 -9.76
C ASN A 97 21.95 8.32 -8.65
N GLN A 98 22.56 9.16 -7.83
CA GLN A 98 23.31 8.68 -6.68
C GLN A 98 22.70 9.23 -5.41
N VAL A 99 22.34 8.34 -4.49
CA VAL A 99 21.76 8.75 -3.21
C VAL A 99 22.89 9.05 -2.24
N PHE A 100 23.21 10.33 -2.07
CA PHE A 100 24.25 10.74 -1.11
C PHE A 100 23.65 11.04 0.27
N ARG A 101 24.51 11.18 1.28
CA ARG A 101 24.11 11.80 2.52
C ARG A 101 24.30 13.29 2.31
N SER A 102 23.22 14.01 2.01
CA SER A 102 23.35 15.42 1.70
C SER A 102 23.11 16.23 2.96
N TYR A 103 24.12 16.98 3.38
CA TYR A 103 24.00 17.86 4.53
C TYR A 103 24.01 19.30 4.04
N ILE A 104 23.39 19.51 2.88
CA ILE A 104 23.41 20.79 2.19
C ILE A 104 22.50 21.81 2.86
N GLY A 105 21.39 21.35 3.41
CA GLY A 105 20.45 22.25 4.07
C GLY A 105 19.70 23.08 3.04
N MET A 106 19.72 24.40 3.20
CA MET A 106 19.04 25.33 2.30
C MET A 106 17.56 25.02 2.21
N GLY A 107 16.95 24.59 3.31
CA GLY A 107 15.52 24.40 3.32
C GLY A 107 15.01 23.00 3.00
N TYR A 108 15.93 22.04 2.85
CA TYR A 108 15.57 20.63 2.60
C TYR A 108 16.51 19.76 3.42
N TYR A 109 15.97 18.84 4.20
CA TYR A 109 16.76 18.06 5.18
C TYR A 109 16.20 16.66 5.20
N ASP A 110 17.06 15.65 5.12
CA ASP A 110 16.55 14.29 5.04
C ASP A 110 15.76 13.99 6.31
N THR A 111 14.80 13.07 6.20
CA THR A 111 13.87 12.84 7.28
C THR A 111 13.40 11.41 7.18
N ILE A 112 12.91 10.86 8.29
CA ILE A 112 12.43 9.48 8.29
C ILE A 112 10.91 9.43 8.17
N THR A 113 10.42 9.00 7.01
CA THR A 113 8.99 8.80 6.83
C THR A 113 8.63 7.52 7.56
N PRO A 114 7.77 7.62 8.59
CA PRO A 114 7.42 6.37 9.28
C PRO A 114 6.83 5.38 8.30
N PRO A 115 7.37 4.15 8.24
CA PRO A 115 6.86 3.15 7.30
C PRO A 115 5.32 3.04 7.30
N VAL A 116 4.69 3.12 8.46
CA VAL A 116 3.23 2.97 8.49
C VAL A 116 2.51 4.07 7.69
N ILE A 117 3.08 5.27 7.71
CA ILE A 117 2.55 6.39 6.92
C ILE A 117 2.84 6.24 5.43
N GLN A 118 4.06 5.79 5.12
CA GLN A 118 4.41 5.55 3.72
C GLN A 118 3.46 4.54 3.08
N ARG A 119 3.26 3.41 3.75
CA ARG A 119 2.45 2.34 3.16
C ARG A 119 0.97 2.72 3.13
N ASN A 120 0.49 3.32 4.21
CA ASN A 120 -0.97 3.42 4.38
C ASN A 120 -1.53 4.79 4.02
N ILE A 121 -0.66 5.73 3.69
CA ILE A 121 -1.12 7.00 3.15
C ILE A 121 -0.55 7.24 1.76
N LEU A 122 0.78 7.38 1.68
CA LEU A 122 1.43 7.75 0.42
C LEU A 122 1.23 6.71 -0.68
N GLU A 123 1.14 5.43 -0.30
CA GLU A 123 0.98 4.34 -1.24
C GLU A 123 -0.42 3.70 -1.16
N ASN A 124 -1.39 4.49 -0.69
CA ASN A 124 -2.77 4.04 -0.54
C ASN A 124 -3.68 4.95 -1.38
N PRO A 125 -4.24 4.41 -2.48
CA PRO A 125 -5.10 5.22 -3.36
C PRO A 125 -6.35 5.74 -2.65
N GLY A 126 -6.73 5.13 -1.53
CA GLY A 126 -7.80 5.67 -0.71
C GLY A 126 -7.50 7.06 -0.16
N TRP A 127 -6.21 7.39 -0.06
CA TRP A 127 -5.80 8.71 0.43
C TRP A 127 -5.40 9.65 -0.70
N TYR A 128 -4.95 9.11 -1.82
CA TYR A 128 -4.40 10.00 -2.86
C TYR A 128 -5.27 10.23 -4.11
N THR A 129 -6.41 9.56 -4.23
CA THR A 129 -7.18 9.68 -5.48
C THR A 129 -8.32 10.72 -5.48
N ALA A 130 -8.82 11.10 -4.30
CA ALA A 130 -9.88 12.11 -4.26
C ALA A 130 -9.27 13.49 -4.51
N TYR A 131 -10.11 14.51 -4.65
CA TYR A 131 -9.60 15.85 -4.89
C TYR A 131 -10.00 16.77 -3.73
N THR A 132 -10.04 18.06 -4.04
CA THR A 132 -10.38 19.11 -3.08
C THR A 132 -11.68 18.74 -2.39
N PRO A 133 -11.76 18.95 -1.08
CA PRO A 133 -12.98 18.51 -0.39
C PRO A 133 -14.17 19.45 -0.60
N TYR A 134 -14.60 19.57 -1.86
CA TYR A 134 -15.76 20.40 -2.25
C TYR A 134 -17.03 19.84 -1.60
N GLN A 135 -17.10 18.54 -1.48
CA GLN A 135 -18.28 17.89 -0.91
C GLN A 135 -17.89 17.39 0.48
N ALA A 136 -18.05 18.26 1.47
CA ALA A 136 -17.41 18.05 2.78
C ALA A 136 -17.94 16.83 3.53
N GLU A 137 -19.21 16.52 3.35
CA GLU A 137 -19.83 15.40 4.06
C GLU A 137 -19.19 14.04 3.72
N ILE A 138 -18.52 13.96 2.58
CA ILE A 138 -17.83 12.73 2.19
C ILE A 138 -16.31 12.95 2.08
N ALA A 139 -15.80 13.90 2.86
CA ALA A 139 -14.38 14.18 2.93
C ALA A 139 -13.92 14.50 4.36
N GLN A 140 -14.68 14.07 5.36
CA GLN A 140 -14.36 14.36 6.76
C GLN A 140 -13.00 13.81 7.20
N GLY A 141 -12.54 12.76 6.53
CA GLY A 141 -11.28 12.13 6.89
C GLY A 141 -10.11 13.03 6.60
N ARG A 142 -9.93 13.42 5.34
CA ARG A 142 -8.85 14.33 5.02
C ARG A 142 -9.04 15.70 5.61
N LEU A 143 -10.30 16.13 5.79
CA LEU A 143 -10.55 17.41 6.45
C LEU A 143 -10.04 17.39 7.89
N GLU A 144 -10.25 16.28 8.59
CA GLU A 144 -9.71 16.15 9.95
C GLU A 144 -8.18 16.17 9.95
N ALA A 145 -7.57 15.42 9.04
CA ALA A 145 -6.12 15.43 8.95
C ALA A 145 -5.60 16.85 8.66
N LEU A 146 -6.32 17.60 7.85
CA LEU A 146 -5.92 19.00 7.59
C LEU A 146 -6.13 19.87 8.82
N LEU A 147 -7.17 19.58 9.60
CA LEU A 147 -7.40 20.33 10.83
C LEU A 147 -6.22 20.08 11.79
N ASN A 148 -5.75 18.84 11.82
CA ASN A 148 -4.59 18.49 12.62
C ASN A 148 -3.35 19.24 12.15
N PHE A 149 -3.19 19.33 10.83
CA PHE A 149 -2.10 20.10 10.22
C PHE A 149 -2.13 21.57 10.68
N GLN A 150 -3.29 22.21 10.58
CA GLN A 150 -3.44 23.60 11.02
C GLN A 150 -3.09 23.76 12.49
N THR A 151 -3.52 22.81 13.30
CA THR A 151 -3.32 22.87 14.75
C THR A 151 -1.83 22.74 15.09
N MET A 152 -1.18 21.76 14.48
CA MET A 152 0.26 21.60 14.62
C MET A 152 0.98 22.90 14.27
N VAL A 153 0.62 23.49 13.12
CA VAL A 153 1.25 24.72 12.67
C VAL A 153 0.98 25.88 13.64
N MET A 154 -0.27 26.07 14.05
CA MET A 154 -0.58 27.09 15.04
C MET A 154 0.18 26.88 16.36
N ASP A 155 0.17 25.66 16.87
CA ASP A 155 0.86 25.35 18.12
C ASP A 155 2.35 25.68 18.02
N LEU A 156 3.00 25.19 16.97
CA LEU A 156 4.44 25.39 16.83
C LEU A 156 4.81 26.86 16.57
N THR A 157 4.06 27.56 15.73
CA THR A 157 4.38 28.95 15.39
C THR A 157 3.95 29.96 16.46
N GLY A 158 2.99 29.59 17.29
CA GLY A 158 2.48 30.50 18.30
C GLY A 158 1.54 31.55 17.74
N LEU A 159 1.05 31.32 16.52
CA LEU A 159 0.15 32.26 15.85
C LEU A 159 -1.29 31.70 15.83
N GLU A 160 -2.24 32.56 15.49
CA GLU A 160 -3.66 32.31 15.79
C GLU A 160 -4.44 31.53 14.73
N ILE A 161 -4.02 31.63 13.48
N ILE A 161 -3.99 31.60 13.49
CA ILE A 161 -4.66 30.92 12.38
CA ILE A 161 -4.64 30.88 12.40
C ILE A 161 -3.61 30.37 11.42
C ILE A 161 -3.62 30.38 11.40
N ALA A 162 -3.93 29.26 10.76
CA ALA A 162 -3.04 28.71 9.73
C ALA A 162 -3.91 28.06 8.67
N ASN A 163 -3.39 27.95 7.46
CA ASN A 163 -4.16 27.38 6.37
C ASN A 163 -3.85 25.90 6.12
N ALA A 164 -4.46 25.34 5.07
CA ALA A 164 -4.36 23.91 4.79
C ALA A 164 -3.29 23.60 3.73
N SER A 165 -2.30 24.50 3.67
CA SER A 165 -1.00 24.37 2.97
C SER A 165 -0.82 25.33 1.79
N LEU A 166 0.45 25.69 1.55
CA LEU A 166 0.85 26.42 0.36
C LEU A 166 1.89 25.57 -0.40
N LEU A 167 2.38 26.05 -1.54
CA LEU A 167 3.11 25.18 -2.46
C LEU A 167 4.54 24.81 -2.06
N ASP A 168 5.27 25.81 -1.55
CA ASP A 168 6.65 25.62 -1.08
C ASP A 168 7.05 26.82 -0.25
N GLU A 169 8.22 26.79 0.36
CA GLU A 169 8.59 27.83 1.31
C GLU A 169 8.70 29.22 0.67
N GLY A 170 9.40 29.28 -0.46
CA GLY A 170 9.59 30.55 -1.15
C GLY A 170 8.30 31.19 -1.56
N THR A 171 7.40 30.43 -2.18
CA THR A 171 6.13 31.04 -2.59
C THR A 171 5.27 31.40 -1.39
N ALA A 172 5.38 30.64 -0.30
CA ALA A 172 4.66 31.04 0.92
C ALA A 172 5.18 32.37 1.44
N ALA A 173 6.50 32.56 1.39
CA ALA A 173 7.08 33.86 1.76
C ALA A 173 6.58 34.95 0.82
N ALA A 174 6.44 34.63 -0.47
CA ALA A 174 5.92 35.62 -1.41
C ALA A 174 4.47 35.94 -1.11
N GLU A 175 3.72 34.95 -0.63
CA GLU A 175 2.34 35.19 -0.23
C GLU A 175 2.32 36.08 1.00
N ALA A 176 3.31 35.90 1.88
CA ALA A 176 3.42 36.76 3.05
C ALA A 176 3.71 38.19 2.66
N MET A 177 4.55 38.37 1.63
CA MET A 177 4.82 39.70 1.11
C MET A 177 3.52 40.31 0.59
N ALA A 178 2.75 39.54 -0.16
CA ALA A 178 1.49 40.03 -0.72
C ALA A 178 0.48 40.42 0.37
N LEU A 179 0.34 39.59 1.40
CA LEU A 179 -0.55 39.92 2.52
C LEU A 179 -0.10 41.20 3.18
N SER A 180 1.20 41.34 3.41
CA SER A 180 1.74 42.53 4.08
C SER A 180 1.49 43.78 3.24
N TYR A 181 1.60 43.65 1.93
CA TYR A 181 1.37 44.79 1.05
C TYR A 181 -0.11 45.17 1.15
N GLY A 182 -0.97 44.16 1.21
CA GLY A 182 -2.41 44.36 1.23
C GLY A 182 -2.98 44.95 2.51
N VAL A 183 -2.30 44.76 3.64
CA VAL A 183 -2.78 45.33 4.89
C VAL A 183 -1.98 46.56 5.34
N SER A 184 -1.09 47.04 4.46
CA SER A 184 -0.23 48.16 4.80
C SER A 184 -1.01 49.46 4.97
N LYS A 185 -0.69 50.21 6.02
CA LYS A 185 -1.32 51.52 6.25
C LYS A 185 -0.58 52.64 5.54
N SER A 186 0.67 52.40 5.15
CA SER A 186 1.49 53.47 4.59
C SER A 186 1.59 53.39 3.08
N LYS A 187 2.35 54.31 2.50
CA LYS A 187 2.58 54.34 1.07
C LYS A 187 3.86 53.58 0.73
N ALA A 188 4.43 52.91 1.73
CA ALA A 188 5.72 52.22 1.56
C ALA A 188 5.66 51.22 0.42
N ASN A 189 6.70 51.21 -0.41
CA ASN A 189 6.72 50.35 -1.59
C ASN A 189 7.84 49.30 -1.52
N ALA A 190 8.59 49.27 -0.43
CA ALA A 190 9.74 48.37 -0.32
C ALA A 190 9.47 47.22 0.65
N PHE A 191 10.06 46.06 0.35
CA PHE A 191 9.97 44.88 1.21
C PHE A 191 11.39 44.45 1.55
N PHE A 192 11.71 44.38 2.84
CA PHE A 192 13.05 43.97 3.26
C PHE A 192 13.15 42.45 3.34
N VAL A 193 14.18 41.90 2.71
CA VAL A 193 14.43 40.47 2.80
C VAL A 193 15.84 40.28 3.39
N ALA A 194 15.93 39.60 4.52
CA ALA A 194 17.23 39.36 5.12
C ALA A 194 18.12 38.56 4.18
N GLN A 195 19.39 38.96 4.08
CA GLN A 195 20.30 38.32 3.16
C GLN A 195 20.62 36.89 3.58
N ASP A 196 20.29 36.53 4.83
CA ASP A 196 20.46 35.13 5.21
C ASP A 196 19.17 34.30 5.15
N CYS A 197 18.21 34.73 4.34
CA CYS A 197 17.16 33.80 3.91
C CYS A 197 17.78 32.81 2.93
N HIS A 198 17.16 31.64 2.76
CA HIS A 198 17.62 30.71 1.73
C HIS A 198 17.63 31.45 0.37
N PRO A 199 18.69 31.25 -0.43
CA PRO A 199 18.83 32.10 -1.61
C PRO A 199 17.72 31.89 -2.63
N GLN A 200 17.16 30.68 -2.70
CA GLN A 200 16.03 30.44 -3.62
C GLN A 200 14.79 31.19 -3.18
N THR A 201 14.65 31.37 -1.87
CA THR A 201 13.52 32.16 -1.35
C THR A 201 13.65 33.59 -1.83
N ILE A 202 14.86 34.14 -1.72
CA ILE A 202 15.11 35.49 -2.18
C ILE A 202 14.77 35.63 -3.66
N GLU A 203 15.15 34.64 -4.46
CA GLU A 203 14.87 34.73 -5.90
C GLU A 203 13.36 34.65 -6.20
N VAL A 204 12.66 33.77 -5.52
CA VAL A 204 11.21 33.67 -5.68
C VAL A 204 10.51 35.00 -5.34
N ILE A 205 10.95 35.63 -4.25
N ILE A 205 10.96 35.61 -4.24
CA ILE A 205 10.36 36.91 -3.86
CA ILE A 205 10.43 36.91 -3.81
C ILE A 205 10.66 38.02 -4.87
C ILE A 205 10.66 37.99 -4.88
N LYS A 206 11.89 38.09 -5.35
CA LYS A 206 12.24 39.11 -6.36
C LYS A 206 11.41 38.92 -7.64
N THR A 207 11.28 37.67 -8.06
CA THR A 207 10.46 37.34 -9.23
C THR A 207 8.99 37.75 -9.02
N ARG A 208 8.47 37.57 -7.82
CA ARG A 208 7.09 38.01 -7.54
C ARG A 208 6.96 39.52 -7.39
N ALA A 209 7.98 40.19 -6.88
CA ALA A 209 7.93 41.65 -6.70
C ALA A 209 8.06 42.41 -8.02
N ASN A 210 8.82 41.85 -8.95
CA ASN A 210 9.14 42.53 -10.21
CA ASN A 210 9.14 42.55 -10.20
C ASN A 210 7.92 43.10 -10.95
N PRO A 211 6.91 42.27 -11.23
CA PRO A 211 5.81 42.82 -12.03
C PRO A 211 4.94 43.80 -11.26
N LEU A 212 5.06 43.80 -9.94
CA LEU A 212 4.24 44.67 -9.10
C LEU A 212 4.94 45.99 -8.78
N GLY A 213 6.19 46.11 -9.23
CA GLY A 213 6.94 47.33 -9.00
C GLY A 213 7.39 47.48 -7.56
N ILE A 214 7.33 46.38 -6.80
CA ILE A 214 7.75 46.40 -5.40
C ILE A 214 9.27 46.38 -5.33
N GLU A 215 9.85 47.26 -4.51
CA GLU A 215 11.31 47.27 -4.33
C GLU A 215 11.71 46.22 -3.28
N VAL A 216 12.58 45.29 -3.65
CA VAL A 216 13.05 44.31 -2.68
C VAL A 216 14.43 44.74 -2.21
N ILE A 217 14.58 45.00 -0.91
CA ILE A 217 15.88 45.35 -0.36
C ILE A 217 16.47 44.10 0.31
N VAL A 218 17.65 43.66 -0.14
CA VAL A 218 18.28 42.48 0.43
C VAL A 218 19.52 42.86 1.20
N GLY A 219 19.56 42.56 2.49
CA GLY A 219 20.72 42.95 3.28
C GLY A 219 20.75 42.37 4.68
N ASP A 220 21.77 42.76 5.44
CA ASP A 220 21.96 42.28 6.80
C ASP A 220 20.87 42.85 7.70
N HIS A 221 20.14 41.99 8.40
CA HIS A 221 19.07 42.48 9.26
C HIS A 221 19.62 43.29 10.43
N HIS A 222 20.86 43.02 10.83
CA HIS A 222 21.47 43.74 11.96
C HIS A 222 21.67 45.21 11.63
N THR A 223 21.88 45.50 10.35
CA THR A 223 22.31 46.83 9.92
C THR A 223 21.30 47.56 9.05
N PHE A 224 20.09 47.02 8.93
CA PHE A 224 19.05 47.70 8.16
C PHE A 224 18.66 48.99 8.86
N SER A 225 18.67 50.09 8.11
CA SER A 225 18.54 51.42 8.69
C SER A 225 17.12 51.88 8.95
N PHE A 226 16.16 51.23 8.27
CA PHE A 226 14.76 51.63 8.28
C PHE A 226 14.59 53.05 7.71
N SER A 227 15.59 53.47 6.94
CA SER A 227 15.62 54.81 6.34
C SER A 227 14.80 54.87 5.04
N THR A 228 14.72 53.75 4.33
CA THR A 228 13.77 53.60 3.23
C THR A 228 12.53 52.94 3.81
N SER A 229 11.36 53.51 3.57
CA SER A 229 10.13 52.97 4.13
C SER A 229 9.83 51.57 3.60
N ILE A 230 9.49 50.65 4.50
CA ILE A 230 9.11 49.30 4.09
C ILE A 230 7.71 48.97 4.59
N PHE A 231 6.99 48.10 3.87
CA PHE A 231 5.68 47.65 4.33
C PHE A 231 5.78 46.29 5.01
N GLY A 232 6.93 45.65 4.88
CA GLY A 232 7.12 44.35 5.50
C GLY A 232 8.58 43.90 5.45
N ALA A 233 8.91 42.90 6.25
CA ALA A 233 10.25 42.34 6.29
C ALA A 233 10.18 40.83 6.47
N LEU A 234 11.11 40.13 5.85
CA LEU A 234 11.19 38.68 5.97
C LEU A 234 12.52 38.29 6.61
N LEU A 235 12.46 37.50 7.67
CA LEU A 235 13.65 37.05 8.39
C LEU A 235 13.66 35.53 8.44
N GLN A 236 14.84 34.92 8.42
CA GLN A 236 14.96 33.46 8.37
C GLN A 236 15.37 32.92 9.76
N TYR A 237 14.70 31.87 10.23
CA TYR A 237 14.85 31.42 11.63
C TYR A 237 14.80 29.91 11.75
N PRO A 238 15.96 29.27 11.97
CA PRO A 238 17.32 29.82 11.98
C PRO A 238 17.71 30.26 10.56
N ALA A 239 18.80 31.01 10.44
CA ALA A 239 19.22 31.57 9.16
C ALA A 239 19.71 30.49 8.21
N THR A 240 19.90 30.86 6.94
CA THR A 240 20.34 29.86 5.96
C THR A 240 21.71 29.28 6.31
N ASP A 241 22.57 30.07 6.95
CA ASP A 241 23.89 29.58 7.33
C ASP A 241 23.89 28.91 8.70
N GLY A 242 22.69 28.80 9.29
CA GLY A 242 22.50 28.11 10.54
C GLY A 242 22.34 28.98 11.78
N ALA A 243 22.71 30.25 11.70
CA ALA A 243 22.74 31.09 12.87
C ALA A 243 21.36 31.36 13.45
N VAL A 244 21.23 31.22 14.77
CA VAL A 244 20.00 31.59 15.47
C VAL A 244 20.12 32.99 16.07
N TYR A 245 19.26 33.90 15.62
CA TYR A 245 19.27 35.27 16.14
C TYR A 245 18.03 35.56 16.98
N ASP A 246 18.16 36.52 17.88
CA ASP A 246 17.04 37.07 18.64
C ASP A 246 16.49 38.21 17.81
N TYR A 247 15.33 38.02 17.19
CA TYR A 247 14.77 39.00 16.27
C TYR A 247 13.86 40.05 16.92
N ARG A 248 13.76 40.05 18.24
CA ARG A 248 12.79 40.93 18.91
C ARG A 248 12.96 42.41 18.63
N SER A 249 14.20 42.91 18.72
CA SER A 249 14.42 44.34 18.51
C SER A 249 14.18 44.74 17.06
N PHE A 250 14.52 43.87 16.11
CA PHE A 250 14.23 44.16 14.71
C PHE A 250 12.72 44.25 14.55
N ILE A 251 12.01 43.27 15.12
CA ILE A 251 10.57 43.23 15.00
C ILE A 251 9.93 44.49 15.61
N ASP A 252 10.42 44.90 16.77
CA ASP A 252 9.94 46.11 17.43
C ASP A 252 10.08 47.33 16.55
N LYS A 253 11.23 47.47 15.90
CA LYS A 253 11.50 48.63 15.06
C LYS A 253 10.67 48.58 13.79
N ALA A 254 10.49 47.39 13.25
CA ALA A 254 9.65 47.25 12.07
C ALA A 254 8.24 47.69 12.39
N HIS A 255 7.75 47.30 13.56
CA HIS A 255 6.41 47.72 13.97
C HIS A 255 6.33 49.24 14.17
N GLN A 256 7.38 49.83 14.71
CA GLN A 256 7.43 51.28 14.87
C GLN A 256 7.35 51.97 13.50
N HIS A 257 7.79 51.26 12.47
CA HIS A 257 7.77 51.79 11.12
C HIS A 257 6.62 51.24 10.28
N GLN A 258 5.55 50.80 10.96
CA GLN A 258 4.33 50.36 10.29
C GLN A 258 4.54 49.21 9.31
N ALA A 259 5.48 48.32 9.60
CA ALA A 259 5.72 47.17 8.74
C ALA A 259 5.34 45.86 9.44
N LEU A 260 4.86 44.88 8.68
CA LEU A 260 4.65 43.53 9.22
C LEU A 260 5.93 42.70 9.11
N VAL A 261 6.17 41.83 10.06
CA VAL A 261 7.33 40.96 9.97
C VAL A 261 6.94 39.50 9.80
N THR A 262 7.50 38.86 8.78
CA THR A 262 7.31 37.45 8.52
C THR A 262 8.59 36.73 8.91
N LEU A 263 8.47 35.62 9.63
CA LEU A 263 9.60 34.75 9.91
C LEU A 263 9.40 33.48 9.09
N ALA A 264 10.43 33.12 8.32
CA ALA A 264 10.44 31.82 7.66
C ALA A 264 11.11 30.90 8.67
N ALA A 265 10.31 30.11 9.36
CA ALA A 265 10.80 29.41 10.54
C ALA A 265 10.73 27.90 10.38
N ASP A 266 11.85 27.24 10.66
CA ASP A 266 11.90 25.80 10.58
C ASP A 266 11.03 25.23 11.70
N PRO A 267 9.97 24.48 11.31
CA PRO A 267 8.98 24.06 12.31
C PRO A 267 9.51 23.00 13.27
N LEU A 268 10.51 22.23 12.86
CA LEU A 268 11.13 21.29 13.79
C LEU A 268 11.94 22.07 14.83
N SER A 269 12.63 23.11 14.39
CA SER A 269 13.43 23.92 15.30
C SER A 269 12.55 24.55 16.38
N LEU A 270 11.29 24.79 16.06
CA LEU A 270 10.37 25.45 16.97
C LEU A 270 9.98 24.59 18.16
N THR A 271 10.38 23.31 18.17
CA THR A 271 10.17 22.49 19.36
C THR A 271 11.12 22.95 20.45
N LEU A 272 12.19 23.63 20.06
CA LEU A 272 13.20 24.08 21.01
C LEU A 272 13.28 25.60 21.13
N LEU A 273 13.09 26.31 20.02
CA LEU A 273 13.31 27.75 19.98
C LEU A 273 12.04 28.56 20.20
N THR A 274 12.18 29.72 20.86
CA THR A 274 11.06 30.64 21.06
C THR A 274 10.40 30.93 19.72
N PRO A 275 9.08 30.69 19.64
CA PRO A 275 8.39 30.72 18.34
C PRO A 275 8.01 32.13 17.87
N PRO A 276 7.77 32.29 16.56
CA PRO A 276 7.44 33.59 15.97
C PRO A 276 6.39 34.37 16.74
N GLY A 277 5.29 33.72 17.13
CA GLY A 277 4.22 34.40 17.85
C GLY A 277 4.70 35.10 19.10
N GLU A 278 5.60 34.45 19.83
CA GLU A 278 6.09 34.98 21.09
C GLU A 278 7.14 36.07 20.87
N LEU A 279 7.77 36.04 19.70
CA LEU A 279 8.77 37.03 19.32
C LEU A 279 8.15 38.33 18.84
N GLY A 280 6.84 38.29 18.54
CA GLY A 280 6.14 39.47 18.06
C GLY A 280 5.91 39.47 16.55
N ALA A 281 6.32 38.38 15.90
CA ALA A 281 6.15 38.26 14.45
C ALA A 281 4.67 38.24 14.05
N ASP A 282 4.38 38.76 12.85
CA ASP A 282 2.99 38.86 12.38
C ASP A 282 2.57 37.68 11.52
N ILE A 283 3.54 37.11 10.82
CA ILE A 283 3.29 35.98 9.94
C ILE A 283 4.45 35.00 10.11
N ALA A 284 4.17 33.69 10.03
CA ALA A 284 5.23 32.69 9.95
C ALA A 284 4.98 31.82 8.73
N VAL A 285 6.04 31.52 7.98
CA VAL A 285 5.94 30.58 6.87
C VAL A 285 7.09 29.59 6.96
N GLY A 286 7.02 28.52 6.18
CA GLY A 286 8.09 27.55 6.16
C GLY A 286 7.66 26.29 5.46
N SER A 287 8.54 25.31 5.45
CA SER A 287 8.20 24.01 4.89
C SER A 287 7.95 23.00 5.99
N THR A 288 6.99 22.10 5.79
CA THR A 288 6.85 20.98 6.72
C THR A 288 7.50 19.74 6.15
N GLN A 289 8.39 19.91 5.18
CA GLN A 289 9.10 18.79 4.57
C GLN A 289 9.76 17.85 5.57
N ARG A 290 10.43 18.40 6.58
CA ARG A 290 11.16 17.52 7.50
C ARG A 290 10.26 16.87 8.55
N PHE A 291 8.94 17.02 8.38
CA PHE A 291 7.99 16.20 9.13
C PHE A 291 7.68 14.95 8.31
N GLY A 292 8.73 14.23 7.95
CA GLY A 292 8.61 12.92 7.33
C GLY A 292 8.24 12.88 5.86
N ILE A 293 8.52 13.95 5.12
CA ILE A 293 8.21 14.00 3.69
C ILE A 293 9.52 13.82 2.92
N PRO A 294 9.54 12.92 1.92
CA PRO A 294 10.79 12.69 1.19
C PRO A 294 11.34 13.97 0.56
N LEU A 295 12.66 14.07 0.49
CA LEU A 295 13.33 15.18 -0.18
C LEU A 295 12.73 15.42 -1.57
N GLY A 296 12.54 14.34 -2.33
CA GLY A 296 11.78 14.38 -3.56
C GLY A 296 12.43 15.18 -4.68
N TYR A 297 13.73 15.41 -4.55
CA TYR A 297 14.47 16.30 -5.44
C TYR A 297 13.74 17.63 -5.62
N GLY A 298 13.12 18.10 -4.54
CA GLY A 298 12.46 19.40 -4.56
C GLY A 298 11.03 19.40 -4.07
N GLY A 299 10.35 18.27 -4.16
CA GLY A 299 8.97 18.19 -3.68
C GLY A 299 8.29 16.94 -4.15
N PRO A 300 6.99 16.79 -3.83
CA PRO A 300 6.15 17.81 -3.19
C PRO A 300 6.26 17.85 -1.66
N HIS A 301 6.20 19.06 -1.10
CA HIS A 301 6.14 19.24 0.35
C HIS A 301 5.12 20.33 0.66
N ALA A 302 4.34 20.16 1.72
CA ALA A 302 3.41 21.22 2.10
C ALA A 302 4.12 22.34 2.84
N ALA A 303 4.00 23.56 2.32
CA ALA A 303 4.48 24.73 3.05
C ALA A 303 3.36 25.18 3.98
N TYR A 304 3.73 25.84 5.09
CA TYR A 304 2.73 26.38 6.00
C TYR A 304 2.69 27.90 5.95
N PHE A 305 1.58 28.45 6.45
CA PHE A 305 1.37 29.89 6.51
C PHE A 305 0.48 30.14 7.71
N ALA A 306 1.01 30.88 8.69
CA ALA A 306 0.29 31.17 9.93
C ALA A 306 0.31 32.66 10.18
N THR A 307 -0.77 33.21 10.73
CA THR A 307 -0.77 34.62 11.03
C THR A 307 -1.79 34.95 12.11
N LYS A 308 -2.07 36.24 12.26
CA LYS A 308 -3.02 36.71 13.26
C LYS A 308 -4.46 36.55 12.77
N ALA A 309 -5.39 36.32 13.69
CA ALA A 309 -6.79 36.13 13.33
C ALA A 309 -7.36 37.34 12.57
N GLU A 310 -6.90 38.53 12.91
CA GLU A 310 -7.40 39.74 12.28
C GLU A 310 -7.11 39.78 10.77
N TYR A 311 -6.20 38.92 10.31
CA TYR A 311 -5.86 38.88 8.89
C TYR A 311 -6.52 37.71 8.17
N GLN A 312 -7.48 37.05 8.81
CA GLN A 312 -8.05 35.83 8.25
C GLN A 312 -8.67 36.02 6.87
N ARG A 313 -9.27 37.18 6.62
CA ARG A 313 -9.91 37.41 5.33
C ARG A 313 -8.90 37.57 4.20
N LYS A 314 -7.65 37.85 4.58
CA LYS A 314 -6.56 38.00 3.62
C LYS A 314 -5.69 36.76 3.49
N MET A 315 -6.01 35.73 4.26
CA MET A 315 -5.21 34.50 4.23
C MET A 315 -5.25 33.87 2.85
N PRO A 316 -4.07 33.50 2.31
CA PRO A 316 -4.10 32.79 1.03
C PRO A 316 -4.52 31.34 1.21
N GLY A 317 -5.07 30.75 0.15
CA GLY A 317 -5.35 29.33 0.15
C GLY A 317 -6.57 28.92 0.93
N ARG A 318 -6.63 27.63 1.27
CA ARG A 318 -7.82 27.07 1.89
C ARG A 318 -7.62 26.91 3.38
N ILE A 319 -8.72 26.91 4.11
N ILE A 319 -8.72 26.93 4.12
CA ILE A 319 -8.66 26.72 5.55
CA ILE A 319 -8.67 26.77 5.56
C ILE A 319 -9.82 25.86 6.02
C ILE A 319 -9.83 25.85 5.99
N VAL A 320 -9.54 24.88 6.84
CA VAL A 320 -10.57 23.99 7.37
C VAL A 320 -11.14 24.61 8.63
N GLY A 321 -12.47 24.70 8.70
CA GLY A 321 -13.14 25.23 9.86
C GLY A 321 -14.10 24.22 10.46
N VAL A 322 -14.28 24.31 11.78
CA VAL A 322 -15.18 23.42 12.47
C VAL A 322 -16.58 24.01 12.43
N SER A 323 -17.53 23.22 11.97
CA SER A 323 -18.91 23.68 11.96
C SER A 323 -19.75 22.60 12.62
N LYS A 324 -21.04 22.56 12.29
CA LYS A 324 -21.89 21.49 12.79
C LYS A 324 -22.82 21.04 11.68
N ASP A 325 -23.34 19.82 11.80
CA ASP A 325 -24.23 19.30 10.76
C ASP A 325 -25.70 19.53 11.12
N ALA A 326 -26.58 18.98 10.29
CA ALA A 326 -28.02 19.16 10.48
C ALA A 326 -28.49 18.59 11.82
N HIS A 327 -27.77 17.59 12.33
CA HIS A 327 -28.13 16.96 13.61
C HIS A 327 -27.46 17.66 14.80
N GLY A 328 -26.73 18.74 14.53
CA GLY A 328 -26.03 19.47 15.57
C GLY A 328 -24.69 18.86 15.99
N ASN A 329 -24.22 17.89 15.22
CA ASN A 329 -22.95 17.22 15.53
C ASN A 329 -21.77 17.94 14.88
N PRO A 330 -20.58 17.85 15.50
CA PRO A 330 -19.40 18.53 14.97
C PRO A 330 -19.05 18.02 13.57
N ALA A 331 -18.72 18.94 12.67
CA ALA A 331 -18.39 18.57 11.29
C ALA A 331 -17.48 19.61 10.67
N LEU A 332 -16.60 19.17 9.79
CA LEU A 332 -15.58 20.05 9.22
C LEU A 332 -15.91 20.42 7.79
N ARG A 333 -15.41 21.58 7.35
CA ARG A 333 -15.65 22.04 5.98
C ARG A 333 -14.59 23.07 5.63
N LEU A 334 -14.39 23.31 4.33
CA LEU A 334 -13.54 24.43 3.92
C LEU A 334 -14.28 25.70 4.27
N ALA A 335 -13.59 26.64 4.91
CA ALA A 335 -14.22 27.85 5.41
C ALA A 335 -13.78 29.09 4.65
N LEU A 336 -14.59 30.15 4.72
CA LEU A 336 -14.26 31.46 4.17
C LEU A 336 -13.88 31.41 2.69
N GLN A 337 -14.73 30.82 1.86
CA GLN A 337 -14.35 30.51 0.48
C GLN A 337 -14.37 31.74 -0.45
N THR A 338 -14.89 32.86 0.04
CA THR A 338 -14.92 34.10 -0.74
C THR A 338 -13.52 34.71 -0.93
N ARG A 339 -12.56 34.26 -0.13
CA ARG A 339 -11.19 34.78 -0.22
C ARG A 339 -10.54 34.50 -1.57
N SER A 350 -4.49 35.97 -3.83
CA SER A 350 -3.62 34.95 -4.41
C SER A 350 -4.31 34.18 -5.52
N ASN A 351 -3.51 33.58 -6.40
CA ASN A 351 -4.06 32.79 -7.49
C ASN A 351 -4.05 31.29 -7.16
N ILE A 352 -3.65 30.94 -5.94
CA ILE A 352 -3.48 29.53 -5.62
C ILE A 352 -4.80 28.76 -5.63
N CYS A 353 -4.76 27.54 -6.18
CA CYS A 353 -5.92 26.66 -6.25
C CYS A 353 -5.52 25.32 -5.68
N THR A 354 -5.08 24.40 -6.54
CA THR A 354 -4.47 23.14 -6.06
C THR A 354 -3.28 23.49 -5.18
N ALA A 355 -3.20 22.83 -4.02
CA ALA A 355 -2.11 23.10 -3.08
C ALA A 355 -1.28 21.84 -2.83
N GLN A 356 -1.09 21.45 -1.57
CA GLN A 356 -0.28 20.27 -1.24
C GLN A 356 -0.94 19.35 -0.21
N VAL A 357 -2.24 19.11 -0.37
CA VAL A 357 -3.02 18.43 0.68
C VAL A 357 -2.44 17.08 1.12
N LEU A 358 -2.08 16.23 0.17
CA LEU A 358 -1.61 14.89 0.54
C LEU A 358 -0.38 14.98 1.44
N LEU A 359 0.47 15.97 1.19
CA LEU A 359 1.72 16.07 1.97
C LEU A 359 1.44 16.71 3.31
N ALA A 360 0.41 17.56 3.36
CA ALA A 360 0.00 18.14 4.64
C ALA A 360 -0.59 17.06 5.53
N VAL A 361 -1.30 16.11 4.91
CA VAL A 361 -1.82 14.95 5.64
C VAL A 361 -0.65 14.14 6.21
N MET A 362 0.36 13.89 5.37
CA MET A 362 1.52 13.15 5.84
C MET A 362 2.24 13.85 6.98
N ALA A 363 2.42 15.16 6.86
CA ALA A 363 3.13 15.93 7.89
C ALA A 363 2.36 15.94 9.21
N SER A 364 1.05 16.09 9.13
CA SER A 364 0.25 16.11 10.36
C SER A 364 0.25 14.73 11.01
N MET A 365 0.26 13.68 10.20
CA MET A 365 0.33 12.32 10.75
C MET A 365 1.69 12.04 11.41
N TYR A 366 2.75 12.65 10.89
CA TYR A 366 4.07 12.58 11.51
C TYR A 366 4.00 13.19 12.92
N GLY A 367 3.28 14.30 13.02
CA GLY A 367 3.09 14.95 14.31
C GLY A 367 2.21 14.10 15.24
N VAL A 368 1.16 13.50 14.68
CA VAL A 368 0.29 12.61 15.46
C VAL A 368 1.07 11.41 16.01
N TYR A 369 1.92 10.82 15.16
CA TYR A 369 2.64 9.60 15.54
C TYR A 369 3.74 9.89 16.55
N HIS A 370 4.46 10.99 16.35
CA HIS A 370 5.58 11.30 17.23
C HIS A 370 5.15 12.03 18.51
N GLY A 371 4.08 12.81 18.43
CA GLY A 371 3.65 13.58 19.59
C GLY A 371 4.61 14.72 19.92
N SER A 372 4.25 15.54 20.90
CA SER A 372 5.12 16.64 21.30
C SER A 372 6.46 16.14 21.82
N THR A 373 6.42 15.08 22.61
CA THR A 373 7.64 14.54 23.20
C THR A 373 8.56 13.93 22.14
N GLY A 374 7.98 13.18 21.22
CA GLY A 374 8.75 12.56 20.17
C GLY A 374 9.36 13.56 19.21
N LEU A 375 8.60 14.60 18.87
CA LEU A 375 9.11 15.64 17.98
C LEU A 375 10.25 16.37 18.66
N LYS A 376 10.07 16.69 19.93
CA LYS A 376 11.11 17.40 20.66
C LYS A 376 12.38 16.55 20.75
N ASN A 377 12.23 15.25 20.99
CA ASN A 377 13.40 14.37 21.06
C ASN A 377 14.15 14.26 19.74
N ILE A 378 13.41 14.29 18.63
CA ILE A 378 14.04 14.31 17.30
C ILE A 378 14.91 15.56 17.15
N ALA A 379 14.35 16.73 17.48
CA ALA A 379 15.10 17.99 17.40
C ALA A 379 16.26 18.07 18.40
N LEU A 380 16.03 17.61 19.62
CA LEU A 380 17.08 17.60 20.64
C LEU A 380 18.26 16.76 20.17
N ARG A 381 17.97 15.61 19.59
CA ARG A 381 19.04 14.71 19.16
C ARG A 381 19.83 15.33 18.01
N ILE A 382 19.11 15.93 17.07
CA ILE A 382 19.77 16.62 15.97
C ILE A 382 20.67 17.73 16.51
N HIS A 383 20.12 18.54 17.41
CA HIS A 383 20.90 19.62 18.01
C HIS A 383 22.12 19.10 18.78
N GLN A 384 21.97 18.01 19.51
CA GLN A 384 23.09 17.45 20.27
C GLN A 384 24.20 16.97 19.34
N LEU A 385 23.80 16.30 18.26
CA LEU A 385 24.76 15.83 17.26
C LEU A 385 25.48 17.00 16.59
N THR A 386 24.77 18.10 16.38
CA THR A 386 25.39 19.28 15.76
C THR A 386 26.38 19.95 16.72
N VAL A 387 26.04 20.01 18.01
CA VAL A 387 26.94 20.59 19.00
C VAL A 387 28.19 19.72 19.10
N LEU A 388 28.00 18.41 19.09
CA LEU A 388 29.13 17.48 19.14
C LEU A 388 30.03 17.65 17.94
N LEU A 389 29.43 17.68 16.77
CA LEU A 389 30.15 17.95 15.52
C LEU A 389 30.98 19.22 15.64
N ALA A 390 30.37 20.30 16.13
CA ALA A 390 31.06 21.58 16.29
C ALA A 390 32.26 21.49 17.22
N ILE A 391 32.08 20.80 18.35
CA ILE A 391 33.16 20.66 19.31
C ILE A 391 34.35 19.94 18.67
N GLY A 392 34.08 18.86 17.95
CA GLY A 392 35.12 18.12 17.28
C GLY A 392 35.83 18.96 16.22
N LEU A 393 35.08 19.72 15.45
CA LEU A 393 35.68 20.57 14.44
C LEU A 393 36.55 21.66 15.06
N LYS A 394 36.15 22.14 16.23
CA LYS A 394 36.96 23.13 16.95
C LYS A 394 38.31 22.57 17.37
N ARG A 395 38.30 21.32 17.82
CA ARG A 395 39.52 20.62 18.22
C ARG A 395 40.44 20.43 17.01
N LEU A 396 39.85 20.40 15.82
CA LEU A 396 40.61 20.27 14.59
C LEU A 396 41.08 21.64 14.11
N ASN A 397 40.86 22.65 14.95
CA ASN A 397 41.26 24.03 14.68
C ASN A 397 40.53 24.73 13.54
N TYR A 398 39.28 24.35 13.32
CA TYR A 398 38.43 25.08 12.39
C TYR A 398 37.70 26.21 13.12
N SER A 399 37.35 27.24 12.39
CA SER A 399 36.64 28.38 12.95
C SER A 399 35.14 28.14 12.84
N LEU A 400 34.42 28.32 13.95
CA LEU A 400 32.97 28.12 13.92
C LEU A 400 32.21 29.41 14.22
N ASN A 401 31.48 29.87 13.21
CA ASN A 401 30.99 31.24 13.20
C ASN A 401 29.60 31.49 13.79
N ASN A 402 28.76 30.46 13.83
CA ASN A 402 27.44 30.61 14.45
C ASN A 402 27.53 30.60 15.96
N ASP A 403 27.07 31.69 16.59
CA ASP A 403 27.04 31.76 18.04
C ASP A 403 26.09 30.68 18.55
N TYR A 404 24.88 30.67 18.01
CA TYR A 404 23.89 29.64 18.33
C TYR A 404 23.31 29.07 17.06
N PHE A 405 22.92 27.80 17.10
CA PHE A 405 22.44 27.11 15.92
C PHE A 405 21.49 26.01 16.33
N PHE A 406 20.65 25.55 15.41
CA PHE A 406 19.84 24.37 15.63
C PHE A 406 20.60 23.16 15.08
N ASP A 407 20.61 23.01 13.76
CA ASP A 407 21.16 21.83 13.10
C ASP A 407 22.26 22.16 12.10
N THR A 408 22.62 23.44 11.99
CA THR A 408 23.46 23.86 10.87
C THR A 408 24.68 24.65 11.31
N LEU A 409 25.86 24.23 10.86
CA LEU A 409 27.10 24.90 11.21
C LEU A 409 27.66 25.66 10.03
N ARG A 410 28.27 26.80 10.31
CA ARG A 410 29.03 27.55 9.33
C ARG A 410 30.49 27.38 9.73
N VAL A 411 31.28 26.75 8.87
CA VAL A 411 32.64 26.37 9.24
C VAL A 411 33.67 27.10 8.38
N GLY A 412 34.53 27.88 9.04
CA GLY A 412 35.59 28.59 8.35
C GLY A 412 36.75 27.65 8.14
N VAL A 413 37.07 27.34 6.89
CA VAL A 413 38.14 26.40 6.60
C VAL A 413 39.29 27.03 5.80
N GLY A 414 39.03 28.17 5.16
CA GLY A 414 40.03 28.82 4.31
C GLY A 414 39.87 28.43 2.85
N GLU A 415 40.16 29.37 1.94
CA GLU A 415 39.97 29.14 0.49
C GLU A 415 40.72 27.92 0.00
N GLN A 416 41.90 27.70 0.57
CA GLN A 416 42.80 26.65 0.11
C GLN A 416 42.32 25.23 0.46
N SER A 417 41.61 25.11 1.58
CA SER A 417 41.15 23.80 2.04
C SER A 417 39.73 23.43 1.61
N ALA A 418 38.89 24.45 1.40
CA ALA A 418 37.47 24.21 1.12
C ALA A 418 37.17 23.22 -0.02
N PRO A 419 37.80 23.40 -1.19
CA PRO A 419 37.50 22.44 -2.27
C PRO A 419 37.94 21.03 -1.89
N ALA A 420 39.10 20.88 -1.26
CA ALA A 420 39.60 19.57 -0.85
C ALA A 420 38.69 18.89 0.17
N ILE A 421 38.10 19.68 1.06
CA ILE A 421 37.17 19.13 2.05
C ILE A 421 35.89 18.67 1.37
N LEU A 422 35.39 19.50 0.46
CA LEU A 422 34.17 19.15 -0.28
C LEU A 422 34.38 17.87 -1.09
N LYS A 423 35.55 17.74 -1.68
CA LYS A 423 35.88 16.58 -2.50
C LYS A 423 36.04 15.33 -1.64
N ALA A 424 36.63 15.46 -0.47
CA ALA A 424 36.80 14.32 0.43
C ALA A 424 35.45 13.83 0.92
N ALA A 425 34.57 14.77 1.25
CA ALA A 425 33.22 14.44 1.64
C ALA A 425 32.54 13.62 0.53
N GLU A 426 32.64 14.11 -0.70
CA GLU A 426 32.01 13.44 -1.84
C GLU A 426 32.56 12.04 -2.03
N GLY A 427 33.84 11.87 -1.73
CA GLY A 427 34.48 10.57 -1.77
C GLY A 427 33.82 9.57 -0.83
N ARG A 428 33.16 10.07 0.21
CA ARG A 428 32.44 9.21 1.14
C ARG A 428 30.93 9.25 0.94
N GLY A 429 30.49 9.86 -0.16
CA GLY A 429 29.07 9.92 -0.47
C GLY A 429 28.34 10.95 0.36
N ILE A 430 29.03 12.03 0.68
CA ILE A 430 28.47 13.13 1.49
C ILE A 430 28.56 14.45 0.73
N ASN A 431 27.47 15.22 0.72
CA ASN A 431 27.50 16.58 0.18
C ASN A 431 27.44 17.62 1.30
N LEU A 432 28.30 18.62 1.23
CA LEU A 432 28.23 19.75 2.16
C LEU A 432 27.80 20.96 1.36
N ARG A 433 27.54 22.06 2.04
CA ARG A 433 27.13 23.27 1.34
C ARG A 433 28.28 24.25 1.15
N PRO A 434 28.64 24.53 -0.12
CA PRO A 434 29.58 25.63 -0.34
C PRO A 434 28.89 26.96 -0.02
N LEU A 435 29.46 27.73 0.88
CA LEU A 435 28.86 29.01 1.26
C LEU A 435 29.49 30.17 0.51
N VAL A 436 30.66 30.59 1.01
CA VAL A 436 31.51 31.54 0.32
C VAL A 436 32.84 30.82 0.24
N PRO A 437 33.77 31.33 -0.58
CA PRO A 437 35.09 30.69 -0.62
C PRO A 437 35.67 30.65 0.78
N GLY A 438 36.22 29.52 1.18
CA GLY A 438 36.78 29.41 2.52
C GLY A 438 35.79 29.04 3.61
N GLU A 439 34.50 28.98 3.28
CA GLU A 439 33.49 28.59 4.26
C GLU A 439 32.56 27.50 3.73
N VAL A 440 32.25 26.55 4.62
CA VAL A 440 31.46 25.38 4.28
C VAL A 440 30.31 25.21 5.27
N GLY A 441 29.10 24.92 4.79
CA GLY A 441 27.96 24.71 5.65
C GLY A 441 27.65 23.23 5.85
N ILE A 442 27.22 22.87 7.06
CA ILE A 442 26.78 21.50 7.32
C ILE A 442 25.46 21.52 8.07
N SER A 443 24.43 20.90 7.49
CA SER A 443 23.13 20.76 8.15
C SER A 443 22.85 19.31 8.50
N LEU A 444 22.73 19.00 9.79
CA LEU A 444 22.39 17.64 10.20
C LEU A 444 20.87 17.44 10.23
N ASP A 445 20.44 16.18 10.32
CA ASP A 445 19.01 15.90 10.21
C ASP A 445 18.65 14.61 10.96
N GLU A 446 17.38 14.21 10.86
CA GLU A 446 16.88 13.06 11.61
C GLU A 446 17.60 11.74 11.29
N THR A 447 18.22 11.66 10.12
CA THR A 447 18.89 10.42 9.72
C THR A 447 20.29 10.28 10.31
N VAL A 448 20.83 11.37 10.86
CA VAL A 448 22.25 11.40 11.22
C VAL A 448 22.55 10.52 12.43
N THR A 449 23.60 9.70 12.33
CA THR A 449 24.05 8.87 13.44
C THR A 449 25.45 9.30 13.89
N VAL A 450 25.91 8.76 15.01
CA VAL A 450 27.26 9.07 15.48
C VAL A 450 28.32 8.57 14.50
N GLN A 451 27.97 7.55 13.71
CA GLN A 451 28.87 7.07 12.67
C GLN A 451 29.03 8.11 11.55
N ASP A 452 27.94 8.83 11.26
CA ASP A 452 28.01 9.90 10.27
C ASP A 452 28.91 11.02 10.79
N LEU A 453 28.80 11.31 12.09
CA LEU A 453 29.66 12.30 12.74
C LEU A 453 31.12 11.97 12.57
N LEU A 454 31.45 10.69 12.77
CA LEU A 454 32.82 10.24 12.64
C LEU A 454 33.31 10.48 11.22
N ASP A 455 32.48 10.14 10.24
CA ASP A 455 32.82 10.40 8.84
C ASP A 455 33.15 11.87 8.61
N LEU A 456 32.31 12.75 9.11
CA LEU A 456 32.52 14.19 8.95
C LEU A 456 33.83 14.67 9.58
N TRP A 457 34.09 14.25 10.80
CA TRP A 457 35.32 14.61 11.48
C TRP A 457 36.54 14.11 10.73
N GLN A 458 36.45 12.91 10.17
CA GLN A 458 37.61 12.35 9.47
C GLN A 458 37.83 13.10 8.17
N VAL A 459 36.74 13.51 7.52
CA VAL A 459 36.84 14.31 6.32
C VAL A 459 37.52 15.65 6.60
N PHE A 460 37.10 16.32 7.66
CA PHE A 460 37.71 17.60 8.03
C PHE A 460 39.13 17.44 8.59
N ALA A 461 39.39 16.29 9.20
CA ALA A 461 40.71 16.03 9.77
C ALA A 461 41.72 15.76 8.67
N GLY A 462 41.26 15.12 7.60
CA GLY A 462 42.14 14.67 6.54
C GLY A 462 42.80 13.37 6.91
N LYS A 463 42.35 12.77 8.01
CA LYS A 463 42.87 11.48 8.48
C LYS A 463 41.85 10.77 9.34
N ASP A 464 41.98 9.46 9.50
CA ASP A 464 40.99 8.67 10.22
C ASP A 464 41.21 8.63 11.73
N ASN A 465 42.45 8.79 12.16
CA ASN A 465 42.74 8.85 13.59
C ASN A 465 42.58 10.27 14.12
N LEU A 466 41.66 10.46 15.06
CA LEU A 466 41.34 11.78 15.57
C LEU A 466 42.03 12.07 16.90
N PRO A 467 42.31 13.35 17.19
CA PRO A 467 43.01 13.78 18.41
C PRO A 467 42.12 13.76 19.66
N PHE A 468 40.92 13.21 19.51
CA PHE A 468 39.97 13.07 20.59
C PHE A 468 39.18 11.78 20.42
N THR A 469 38.54 11.30 21.47
CA THR A 469 37.54 10.24 21.32
C THR A 469 36.16 10.88 21.33
N PRO A 470 35.28 10.40 20.44
CA PRO A 470 33.90 10.89 20.32
C PRO A 470 33.20 11.03 21.68
N GLU A 471 33.28 10.00 22.51
CA GLU A 471 32.57 10.01 23.78
C GLU A 471 33.11 11.06 24.75
N GLU A 472 34.40 11.35 24.69
CA GLU A 472 35.02 12.31 25.62
C GLU A 472 34.51 13.73 25.39
N LEU A 473 33.97 14.00 24.20
CA LEU A 473 33.44 15.32 23.86
C LEU A 473 32.13 15.62 24.60
N TRP A 474 31.40 14.57 24.97
CA TRP A 474 30.06 14.73 25.51
C TRP A 474 30.01 15.60 26.75
N SER A 475 31.02 15.48 27.61
CA SER A 475 31.05 16.24 28.86
C SER A 475 31.19 17.75 28.64
N GLU A 476 31.54 18.15 27.42
CA GLU A 476 31.71 19.56 27.10
C GLU A 476 30.51 20.11 26.36
N VAL A 477 29.52 19.25 26.15
CA VAL A 477 28.35 19.63 25.36
C VAL A 477 27.40 20.49 26.16
N LYS A 478 27.20 21.73 25.71
CA LYS A 478 26.06 22.52 26.16
C LYS A 478 25.08 22.65 25.01
N THR A 479 23.91 22.03 25.18
CA THR A 479 22.88 22.04 24.15
C THR A 479 21.82 23.10 24.42
N SER A 480 21.99 23.85 25.51
CA SER A 480 21.01 24.86 25.88
C SER A 480 21.17 26.10 25.02
N PHE A 481 20.08 26.86 24.90
CA PHE A 481 20.12 28.18 24.27
C PHE A 481 19.93 29.22 25.37
N PRO A 482 20.29 30.48 25.09
CA PRO A 482 20.01 31.52 26.08
C PRO A 482 18.51 31.62 26.37
N ALA A 483 18.15 32.17 27.53
CA ALA A 483 16.75 32.25 27.95
C ALA A 483 15.83 32.89 26.90
N ASP A 484 16.34 33.92 26.23
CA ASP A 484 15.56 34.68 25.26
C ASP A 484 15.31 33.93 23.94
N LEU A 485 15.86 32.73 23.82
CA LEU A 485 15.65 31.90 22.64
C LEU A 485 15.13 30.51 23.03
N THR A 486 14.98 30.31 24.34
CA THR A 486 14.55 29.03 24.89
C THR A 486 13.04 28.97 25.03
N ARG A 487 12.42 28.09 24.27
CA ARG A 487 10.96 27.97 24.31
C ARG A 487 10.46 27.37 25.62
N GLN A 488 9.41 27.96 26.18
CA GLN A 488 8.77 27.41 27.38
C GLN A 488 7.33 26.94 27.13
N SER A 489 6.68 27.49 26.11
CA SER A 489 5.29 27.15 25.83
C SER A 489 5.14 25.74 25.25
N LEU A 490 4.00 25.11 25.52
CA LEU A 490 3.75 23.75 25.09
C LEU A 490 3.11 23.72 23.71
N TYR A 491 3.14 22.55 23.08
CA TYR A 491 2.58 22.39 21.74
C TYR A 491 2.09 20.95 21.57
N LEU A 492 1.16 20.75 20.64
CA LEU A 492 0.57 19.44 20.35
C LEU A 492 -0.01 18.76 21.59
N GLN A 493 -0.69 19.55 22.44
CA GLN A 493 -1.25 19.05 23.69
C GLN A 493 -2.64 18.42 23.53
N ASP A 494 -3.28 18.66 22.39
CA ASP A 494 -4.57 18.04 22.12
C ASP A 494 -4.49 16.51 22.07
N ALA A 495 -5.56 15.85 22.45
CA ALA A 495 -5.57 14.39 22.57
C ALA A 495 -5.15 13.68 21.29
N VAL A 496 -5.51 14.23 20.14
CA VAL A 496 -5.17 13.58 18.88
C VAL A 496 -3.66 13.34 18.72
N PHE A 497 -2.84 14.20 19.32
CA PHE A 497 -1.37 14.05 19.21
C PHE A 497 -0.78 13.13 20.27
N ASN A 498 -1.63 12.63 21.17
CA ASN A 498 -1.17 11.77 22.26
C ASN A 498 -1.70 10.32 22.18
N GLN A 499 -2.82 10.13 21.47
CA GLN A 499 -3.59 8.89 21.53
C GLN A 499 -3.18 7.77 20.58
N TYR A 500 -2.36 8.06 19.58
CA TYR A 500 -2.13 7.11 18.51
C TYR A 500 -0.65 6.85 18.31
N HIS A 501 0.02 6.42 19.36
CA HIS A 501 1.46 6.23 19.28
C HIS A 501 1.91 4.79 18.97
N SER A 502 1.05 3.80 19.18
CA SER A 502 1.42 2.46 18.73
C SER A 502 1.15 2.36 17.24
N GLU A 503 1.85 1.47 16.55
CA GLU A 503 1.62 1.37 15.12
C GLU A 503 0.19 0.91 14.87
N THR A 504 -0.31 0.02 15.73
CA THR A 504 -1.65 -0.51 15.55
C THR A 504 -2.68 0.60 15.72
N GLU A 505 -2.45 1.48 16.70
CA GLU A 505 -3.33 2.64 16.91
C GLU A 505 -3.37 3.58 15.72
N LEU A 506 -2.20 3.93 15.19
CA LEU A 506 -2.17 4.82 14.05
C LEU A 506 -2.78 4.16 12.81
N LEU A 507 -2.48 2.87 12.60
CA LEU A 507 -3.09 2.12 11.50
C LEU A 507 -4.62 2.26 11.52
N ARG A 508 -5.19 2.08 12.70
CA ARG A 508 -6.64 2.16 12.86
C ARG A 508 -7.20 3.57 12.73
N TYR A 509 -6.44 4.56 13.22
CA TYR A 509 -6.88 5.95 13.05
C TYR A 509 -6.92 6.30 11.57
N LEU A 510 -5.85 5.95 10.86
CA LEU A 510 -5.76 6.20 9.42
C LEU A 510 -6.91 5.53 8.70
N HIS A 511 -7.17 4.29 9.08
CA HIS A 511 -8.23 3.51 8.42
C HIS A 511 -9.61 4.13 8.65
N GLN A 512 -9.86 4.59 9.87
N GLN A 512 -9.87 4.60 9.86
CA GLN A 512 -11.15 5.19 10.19
CA GLN A 512 -11.19 5.18 10.16
C GLN A 512 -11.36 6.48 9.40
C GLN A 512 -11.38 6.51 9.44
N LEU A 513 -10.32 7.31 9.34
CA LEU A 513 -10.41 8.56 8.58
C LEU A 513 -10.62 8.28 7.11
N GLU A 514 -9.83 7.35 6.58
CA GLU A 514 -9.91 6.95 5.18
C GLU A 514 -11.32 6.46 4.81
N SER A 515 -11.92 5.70 5.71
N SER A 515 -11.94 5.71 5.71
CA SER A 515 -13.24 5.11 5.49
CA SER A 515 -13.26 5.11 5.43
C SER A 515 -14.35 6.16 5.28
C SER A 515 -14.38 6.15 5.31
N LYS A 516 -14.13 7.36 5.81
CA LYS A 516 -15.10 8.44 5.72
C LYS A 516 -15.10 9.11 4.35
N ASP A 517 -14.05 8.89 3.57
CA ASP A 517 -13.84 9.67 2.36
C ASP A 517 -14.13 8.84 1.13
N LEU A 518 -14.88 9.41 0.21
CA LEU A 518 -15.21 8.75 -1.04
C LEU A 518 -14.13 9.12 -2.03
N ALA A 519 -13.34 8.12 -2.43
CA ALA A 519 -12.24 8.34 -3.37
C ALA A 519 -12.42 7.42 -4.59
N LEU A 520 -11.44 7.38 -5.48
CA LEU A 520 -11.66 6.67 -6.74
C LEU A 520 -11.63 5.15 -6.61
N ASN A 521 -11.31 4.66 -5.41
CA ASN A 521 -11.42 3.23 -5.16
C ASN A 521 -12.83 2.82 -4.77
N THR A 522 -13.75 3.78 -4.80
CA THR A 522 -15.15 3.50 -4.56
C THR A 522 -16.01 3.71 -5.81
N SER A 523 -16.03 4.92 -6.35
CA SER A 523 -16.83 5.19 -7.54
C SER A 523 -16.31 6.39 -8.32
N MET A 524 -16.86 6.58 -9.53
CA MET A 524 -16.44 7.69 -10.39
C MET A 524 -16.77 9.03 -9.76
N ILE A 525 -15.82 9.96 -9.86
CA ILE A 525 -15.99 11.30 -9.32
C ILE A 525 -15.89 12.22 -10.54
N PRO A 526 -17.03 12.50 -11.19
CA PRO A 526 -17.02 13.11 -12.53
C PRO A 526 -16.88 14.62 -12.50
N LEU A 527 -15.84 15.11 -11.84
CA LEU A 527 -15.66 16.54 -11.65
C LEU A 527 -15.22 17.26 -12.91
N GLY A 528 -16.09 18.09 -13.47
CA GLY A 528 -15.74 18.90 -14.61
C GLY A 528 -14.52 19.74 -14.31
N SER A 529 -13.65 19.91 -15.31
CA SER A 529 -12.45 20.73 -15.17
C SER A 529 -11.39 20.09 -14.28
N CYS A 530 -11.57 18.84 -13.88
CA CYS A 530 -10.60 18.17 -12.98
C CYS A 530 -9.96 16.89 -13.54
N THR A 531 -10.61 16.27 -14.51
CA THR A 531 -10.08 15.05 -15.15
C THR A 531 -9.69 13.97 -14.13
N MET A 532 -10.69 13.41 -13.46
CA MET A 532 -10.43 12.40 -12.44
C MET A 532 -10.23 11.02 -13.07
N LYS A 533 -9.13 10.87 -13.78
CA LYS A 533 -8.84 9.65 -14.52
C LYS A 533 -7.98 8.69 -13.67
N LEU A 534 -7.66 7.52 -14.22
CA LEU A 534 -6.87 6.54 -13.47
C LEU A 534 -5.49 7.02 -13.06
N ASN A 535 -5.19 6.87 -11.78
CA ASN A 535 -3.84 7.07 -11.30
C ASN A 535 -3.28 5.67 -11.13
N ALA A 536 -2.58 5.19 -12.15
CA ALA A 536 -2.23 3.77 -12.21
C ALA A 536 -1.13 3.44 -11.22
N THR A 537 -1.23 2.24 -10.63
CA THR A 537 -0.24 1.79 -9.67
C THR A 537 1.18 1.85 -10.23
N ALA A 538 1.37 1.41 -11.48
CA ALA A 538 2.70 1.44 -12.08
C ALA A 538 3.24 2.86 -12.23
N GLU A 539 2.34 3.83 -12.42
CA GLU A 539 2.75 5.23 -12.50
C GLU A 539 3.19 5.74 -11.14
N MET A 540 2.51 5.29 -10.09
CA MET A 540 2.76 5.76 -8.72
C MET A 540 4.01 5.13 -8.11
N MET A 541 4.25 3.87 -8.46
CA MET A 541 5.31 3.08 -7.84
C MET A 541 6.67 3.79 -7.74
N PRO A 542 7.17 4.39 -8.85
CA PRO A 542 8.54 4.93 -8.79
C PRO A 542 8.71 6.17 -7.91
N VAL A 543 7.61 6.82 -7.54
CA VAL A 543 7.68 8.02 -6.72
C VAL A 543 8.43 7.74 -5.42
N THR A 544 8.22 6.55 -4.86
CA THR A 544 8.91 6.20 -3.62
C THR A 544 10.21 5.39 -3.76
N TRP A 545 10.72 5.22 -4.98
CA TRP A 545 12.06 4.66 -5.11
C TRP A 545 13.03 5.68 -4.53
N PRO A 546 13.96 5.22 -3.69
CA PRO A 546 14.95 6.13 -3.09
C PRO A 546 15.73 6.93 -4.14
N GLU A 547 16.00 6.33 -5.28
CA GLU A 547 16.75 7.02 -6.34
C GLU A 547 16.02 8.26 -6.88
N PHE A 548 14.71 8.35 -6.62
CA PHE A 548 13.94 9.57 -6.94
C PHE A 548 13.57 10.33 -5.67
N GLY A 549 13.20 9.59 -4.62
CA GLY A 549 12.64 10.22 -3.44
C GLY A 549 13.65 10.81 -2.47
N LYS A 550 14.87 10.28 -2.48
CA LYS A 550 15.87 10.65 -1.47
C LYS A 550 16.95 11.63 -1.94
N ILE A 551 16.72 12.33 -3.05
CA ILE A 551 17.74 13.23 -3.57
C ILE A 551 17.45 14.68 -3.16
N HIS A 552 18.46 15.38 -2.63
CA HIS A 552 18.33 16.80 -2.28
C HIS A 552 18.27 17.63 -3.57
N PRO A 553 17.38 18.64 -3.65
CA PRO A 553 17.19 19.39 -4.91
C PRO A 553 18.43 20.15 -5.36
N PHE A 554 19.37 20.38 -4.44
CA PHE A 554 20.58 21.11 -4.79
C PHE A 554 21.83 20.24 -4.72
N ALA A 555 21.63 18.92 -4.84
CA ALA A 555 22.76 17.99 -4.98
C ALA A 555 23.49 18.33 -6.26
N PRO A 556 24.80 18.09 -6.30
CA PRO A 556 25.59 18.33 -7.52
C PRO A 556 25.04 17.55 -8.72
N ALA A 557 25.12 18.16 -9.90
CA ALA A 557 24.58 17.59 -11.13
C ALA A 557 25.11 16.20 -11.46
N GLY A 558 26.33 15.90 -11.03
CA GLY A 558 26.95 14.62 -11.32
C GLY A 558 26.22 13.46 -10.63
N GLN A 559 25.37 13.80 -9.67
CA GLN A 559 24.66 12.78 -8.90
C GLN A 559 23.21 12.62 -9.33
N THR A 560 22.79 13.45 -10.28
CA THR A 560 21.38 13.48 -10.65
C THR A 560 21.16 13.21 -12.13
N GLU A 561 22.05 12.43 -12.74
CA GLU A 561 21.95 12.19 -14.18
C GLU A 561 20.67 11.45 -14.58
N GLY A 562 20.12 10.67 -13.67
CA GLY A 562 18.84 9.99 -13.93
C GLY A 562 17.70 10.98 -14.05
N TYR A 563 17.64 11.94 -13.12
CA TYR A 563 16.65 13.01 -13.23
C TYR A 563 16.83 13.82 -14.51
N GLN A 564 18.08 14.06 -14.91
N GLN A 564 18.08 14.06 -14.92
CA GLN A 564 18.35 14.79 -16.15
CA GLN A 564 18.37 14.78 -16.16
C GLN A 564 17.71 14.09 -17.35
C GLN A 564 17.73 14.10 -17.36
N ILE A 565 17.85 12.77 -17.40
CA ILE A 565 17.28 12.00 -18.48
C ILE A 565 15.77 12.04 -18.42
N LEU A 566 15.22 11.90 -17.21
CA LEU A 566 13.77 11.99 -17.01
C LEU A 566 13.23 13.32 -17.53
N PHE A 567 13.86 14.42 -17.13
CA PHE A 567 13.44 15.75 -17.57
C PHE A 567 13.55 15.93 -19.08
N ALA A 568 14.65 15.48 -19.67
CA ALA A 568 14.87 15.64 -21.10
C ALA A 568 13.79 14.91 -21.90
N GLN A 569 13.43 13.71 -21.46
CA GLN A 569 12.42 12.93 -22.16
C GLN A 569 11.05 13.58 -21.99
N LEU A 570 10.74 13.98 -20.76
CA LEU A 570 9.45 14.63 -20.52
C LEU A 570 9.32 15.93 -21.30
N GLU A 571 10.40 16.71 -21.35
CA GLU A 571 10.40 17.96 -22.10
C GLU A 571 10.14 17.71 -23.57
N ALA A 572 10.81 16.70 -24.11
CA ALA A 572 10.61 16.32 -25.51
C ALA A 572 9.19 15.85 -25.77
N TRP A 573 8.68 14.98 -24.91
CA TRP A 573 7.35 14.41 -25.14
C TRP A 573 6.24 15.45 -24.98
N LEU A 574 6.31 16.24 -23.91
CA LEU A 574 5.32 17.29 -23.72
C LEU A 574 5.42 18.37 -24.81
N GLY A 575 6.62 18.62 -25.30
CA GLY A 575 6.79 19.52 -26.44
C GLY A 575 6.13 19.00 -27.70
N GLU A 576 6.22 17.69 -27.92
CA GLU A 576 5.58 17.07 -29.07
C GLU A 576 4.06 17.08 -28.95
N ILE A 577 3.57 16.84 -27.74
CA ILE A 577 2.13 16.85 -27.49
C ILE A 577 1.53 18.25 -27.67
N THR A 578 2.24 19.28 -27.20
CA THR A 578 1.71 20.65 -27.26
C THR A 578 2.13 21.40 -28.51
N GLY A 579 3.16 20.91 -29.19
CA GLY A 579 3.70 21.60 -30.36
C GLY A 579 4.68 22.71 -30.02
N PHE A 580 4.91 22.95 -28.73
CA PHE A 580 5.82 24.01 -28.31
C PHE A 580 7.29 23.63 -28.44
N ASP A 581 8.14 24.64 -28.61
CA ASP A 581 9.56 24.46 -28.86
C ASP A 581 10.38 24.24 -27.59
N ALA A 582 9.85 24.69 -26.45
CA ALA A 582 10.56 24.60 -25.19
C ALA A 582 9.59 24.38 -24.05
N ILE A 583 10.00 23.56 -23.09
CA ILE A 583 9.16 23.23 -21.94
C ILE A 583 9.88 23.57 -20.65
N SER A 584 9.19 24.20 -19.71
CA SER A 584 9.73 24.39 -18.36
C SER A 584 8.97 23.49 -17.39
N LEU A 585 9.67 22.61 -16.72
CA LEU A 585 9.03 21.70 -15.75
C LEU A 585 8.94 22.30 -14.34
N GLN A 586 9.32 23.56 -14.18
CA GLN A 586 9.40 24.15 -12.83
C GLN A 586 8.08 24.44 -12.09
N PRO A 587 7.09 25.07 -12.75
CA PRO A 587 5.93 25.51 -11.98
C PRO A 587 5.16 24.36 -11.32
N ASN A 588 4.86 24.52 -10.03
CA ASN A 588 4.35 23.40 -9.24
C ASN A 588 2.85 23.45 -8.93
N ALA A 589 2.09 24.06 -9.83
CA ALA A 589 0.63 24.01 -9.84
C ALA A 589 0.19 24.67 -11.14
N GLY A 590 -1.05 24.47 -11.53
CA GLY A 590 -1.57 25.19 -12.69
C GLY A 590 -1.48 26.70 -12.50
N SER A 591 -1.81 27.17 -11.29
CA SER A 591 -1.78 28.60 -11.01
C SER A 591 -0.39 29.18 -11.28
N GLN A 592 0.62 28.41 -10.88
CA GLN A 592 2.02 28.80 -11.08
C GLN A 592 2.41 28.77 -12.56
N GLY A 593 1.84 27.83 -13.30
CA GLY A 593 2.08 27.79 -14.73
C GLY A 593 1.52 29.02 -15.42
N GLU A 594 0.28 29.40 -15.07
CA GLU A 594 -0.35 30.60 -15.63
C GLU A 594 0.51 31.80 -15.31
N TYR A 595 0.90 31.89 -14.04
CA TYR A 595 1.71 33.02 -13.57
C TYR A 595 3.06 33.07 -14.30
N ALA A 596 3.70 31.93 -14.44
CA ALA A 596 4.97 31.84 -15.16
C ALA A 596 4.77 32.23 -16.62
N GLY A 597 3.68 31.74 -17.22
CA GLY A 597 3.39 32.08 -18.60
C GLY A 597 3.21 33.58 -18.82
N LEU A 598 2.46 34.22 -17.93
CA LEU A 598 2.24 35.65 -18.07
C LEU A 598 3.53 36.42 -17.78
N GLN A 599 4.33 35.93 -16.84
CA GLN A 599 5.63 36.55 -16.57
C GLN A 599 6.53 36.55 -17.81
N VAL A 600 6.54 35.43 -18.54
CA VAL A 600 7.36 35.35 -19.74
C VAL A 600 6.82 36.25 -20.88
N ILE A 601 5.49 36.36 -20.99
CA ILE A 601 4.90 37.27 -21.96
C ILE A 601 5.26 38.71 -21.61
N ARG A 602 5.16 39.05 -20.33
CA ARG A 602 5.56 40.37 -19.86
C ARG A 602 7.02 40.65 -20.20
N GLN A 603 7.90 39.69 -19.94
CA GLN A 603 9.32 39.88 -20.22
C GLN A 603 9.54 40.06 -21.73
N TYR A 604 8.79 39.32 -22.53
CA TYR A 604 8.87 39.46 -23.98
C TYR A 604 8.54 40.88 -24.45
N HIS A 605 7.44 41.45 -23.96
CA HIS A 605 7.08 42.80 -24.37
C HIS A 605 8.16 43.81 -23.96
N LEU A 606 8.71 43.65 -22.76
CA LEU A 606 9.79 44.52 -22.30
C LEU A 606 11.00 44.41 -23.25
N SER A 607 11.31 43.18 -23.67
CA SER A 607 12.46 42.92 -24.53
C SER A 607 12.29 43.55 -25.92
N ARG A 608 11.05 43.87 -26.28
CA ARG A 608 10.76 44.53 -27.55
C ARG A 608 10.75 46.05 -27.40
N GLY A 609 10.93 46.53 -26.18
CA GLY A 609 10.80 47.94 -25.90
C GLY A 609 9.36 48.39 -25.82
N GLU A 610 8.46 47.45 -25.49
CA GLU A 610 7.02 47.71 -25.42
C GLU A 610 6.50 47.60 -23.99
N GLU A 611 7.04 48.44 -23.10
CA GLU A 611 6.74 48.36 -21.67
C GLU A 611 5.31 48.73 -21.30
N GLN A 612 4.62 49.45 -22.20
CA GLN A 612 3.25 49.90 -21.94
C GLN A 612 2.18 48.82 -22.11
N ARG A 613 2.58 47.64 -22.58
CA ARG A 613 1.60 46.57 -22.80
C ARG A 613 1.32 45.82 -21.51
N ASN A 614 0.18 46.15 -20.89
CA ASN A 614 -0.20 45.52 -19.63
C ASN A 614 -1.68 45.10 -19.58
N ILE A 615 -2.37 45.21 -20.71
CA ILE A 615 -3.77 44.79 -20.76
C ILE A 615 -3.90 43.29 -21.04
N CYS A 616 -4.62 42.58 -20.17
CA CYS A 616 -4.86 41.15 -20.36
C CYS A 616 -6.33 40.91 -20.64
N LEU A 617 -6.65 40.49 -21.86
CA LEU A 617 -8.02 40.09 -22.19
C LEU A 617 -8.34 38.72 -21.59
N ILE A 618 -9.48 38.63 -20.91
CA ILE A 618 -9.92 37.37 -20.32
C ILE A 618 -11.42 37.18 -20.55
N PRO A 619 -11.80 36.06 -21.20
CA PRO A 619 -13.23 35.78 -21.38
C PRO A 619 -13.92 35.55 -20.03
N GLU A 620 -15.20 35.90 -19.96
CA GLU A 620 -15.96 35.83 -18.71
C GLU A 620 -16.04 34.43 -18.10
N SER A 621 -15.90 33.41 -18.94
CA SER A 621 -16.01 32.03 -18.50
C SER A 621 -14.72 31.45 -17.90
N ALA A 622 -13.67 32.26 -17.80
CA ALA A 622 -12.37 31.74 -17.38
C ALA A 622 -12.32 31.27 -15.92
N HIS A 623 -11.45 30.30 -15.66
CA HIS A 623 -11.15 29.87 -14.30
C HIS A 623 -10.66 31.08 -13.51
N GLY A 624 -11.03 31.16 -12.23
CA GLY A 624 -10.67 32.29 -11.40
C GLY A 624 -9.17 32.48 -11.23
N THR A 625 -8.39 31.43 -11.42
CA THR A 625 -6.93 31.56 -11.34
C THR A 625 -6.43 32.52 -12.41
N ASN A 626 -7.12 32.55 -13.56
CA ASN A 626 -6.67 33.38 -14.68
C ASN A 626 -6.51 34.89 -14.35
N PRO A 627 -7.62 35.57 -13.95
CA PRO A 627 -7.42 36.99 -13.67
C PRO A 627 -6.55 37.24 -12.43
N ALA A 628 -6.59 36.33 -11.45
CA ALA A 628 -5.73 36.46 -10.29
C ALA A 628 -4.27 36.46 -10.72
N SER A 629 -3.90 35.53 -11.59
CA SER A 629 -2.53 35.45 -12.10
C SER A 629 -2.15 36.71 -12.87
N ALA A 630 -3.08 37.21 -13.68
CA ALA A 630 -2.80 38.40 -14.49
C ALA A 630 -2.50 39.62 -13.61
N VAL A 631 -3.30 39.80 -12.56
CA VAL A 631 -3.09 40.93 -11.65
C VAL A 631 -1.76 40.80 -10.89
N MET A 632 -1.41 39.57 -10.49
CA MET A 632 -0.10 39.34 -9.84
C MET A 632 1.02 39.69 -10.79
N CYS A 633 0.73 39.59 -12.08
N CYS A 633 0.76 39.59 -12.09
CA CYS A 633 1.73 39.91 -13.10
CA CYS A 633 1.75 39.94 -13.10
C CYS A 633 1.66 41.38 -13.53
C CYS A 633 1.67 41.40 -13.53
N GLY A 634 1.00 42.21 -12.71
CA GLY A 634 0.94 43.63 -12.97
C GLY A 634 0.06 43.98 -14.17
N MET A 635 -0.79 43.06 -14.59
CA MET A 635 -1.64 43.32 -15.74
C MET A 635 -3.02 43.85 -15.33
N GLN A 636 -3.63 44.63 -16.21
CA GLN A 636 -5.00 45.11 -16.01
C GLN A 636 -5.97 44.22 -16.77
N VAL A 637 -6.90 43.59 -16.05
CA VAL A 637 -7.80 42.63 -16.67
C VAL A 637 -8.95 43.34 -17.38
N VAL A 638 -9.16 42.99 -18.64
CA VAL A 638 -10.30 43.46 -19.42
C VAL A 638 -11.11 42.25 -19.84
N PRO A 639 -12.36 42.16 -19.37
CA PRO A 639 -13.16 40.97 -19.72
C PRO A 639 -13.61 40.98 -21.19
N VAL A 640 -13.80 39.79 -21.74
CA VAL A 640 -14.34 39.65 -23.10
C VAL A 640 -15.67 38.89 -22.99
N LYS A 641 -16.69 39.40 -23.64
CA LYS A 641 -18.04 38.82 -23.54
C LYS A 641 -18.13 37.43 -24.19
N CYS A 642 -19.00 36.58 -23.64
CA CYS A 642 -19.39 35.36 -24.33
C CYS A 642 -20.69 35.61 -25.08
N ASP A 643 -20.85 35.02 -26.26
CA ASP A 643 -22.03 35.30 -27.09
C ASP A 643 -23.28 34.54 -26.66
N GLY A 644 -24.30 34.56 -27.50
CA GLY A 644 -25.56 33.88 -27.20
C GLY A 644 -25.39 32.41 -26.91
N GLU A 645 -24.45 31.76 -27.58
CA GLU A 645 -24.25 30.32 -27.43
C GLU A 645 -23.11 30.00 -26.48
N GLY A 646 -22.70 30.98 -25.68
CA GLY A 646 -21.69 30.77 -24.66
C GLY A 646 -20.24 30.85 -25.14
N ASN A 647 -20.06 31.05 -26.45
CA ASN A 647 -18.72 31.12 -27.02
C ASN A 647 -18.09 32.51 -26.90
N ILE A 648 -16.77 32.61 -27.03
CA ILE A 648 -16.12 33.91 -27.11
C ILE A 648 -16.74 34.78 -28.21
N ASP A 649 -17.18 35.98 -27.84
CA ASP A 649 -17.77 36.92 -28.79
C ASP A 649 -16.63 37.53 -29.60
N VAL A 650 -16.49 37.10 -30.85
CA VAL A 650 -15.40 37.54 -31.69
C VAL A 650 -15.45 39.04 -31.96
N GLU A 651 -16.65 39.57 -32.17
CA GLU A 651 -16.83 41.02 -32.39
C GLU A 651 -16.34 41.81 -31.18
N ASP A 652 -16.70 41.33 -30.00
CA ASP A 652 -16.30 42.00 -28.76
C ASP A 652 -14.80 41.88 -28.55
N LEU A 653 -14.25 40.69 -28.80
CA LEU A 653 -12.80 40.50 -28.73
C LEU A 653 -12.08 41.50 -29.62
N THR A 654 -12.54 41.60 -30.88
CA THR A 654 -11.95 42.52 -31.85
C THR A 654 -12.05 43.98 -31.41
N SER A 655 -13.22 44.36 -30.91
CA SER A 655 -13.43 45.72 -30.44
C SER A 655 -12.48 46.09 -29.31
N LYS A 656 -12.31 45.18 -28.35
CA LYS A 656 -11.46 45.44 -27.20
C LYS A 656 -9.98 45.41 -27.59
N ALA A 657 -9.62 44.48 -28.47
CA ALA A 657 -8.25 44.42 -28.99
C ALA A 657 -7.87 45.71 -29.71
N GLU A 658 -8.77 46.20 -30.55
CA GLU A 658 -8.55 47.46 -31.26
C GLU A 658 -8.41 48.63 -30.28
N LYS A 659 -9.30 48.67 -29.29
CA LYS A 659 -9.31 49.75 -28.30
C LYS A 659 -8.03 49.79 -27.49
N TYR A 660 -7.55 48.61 -27.10
CA TYR A 660 -6.35 48.51 -26.28
C TYR A 660 -5.14 48.10 -27.12
N GLY A 661 -5.21 48.40 -28.41
CA GLY A 661 -4.16 48.06 -29.36
C GLY A 661 -2.74 48.34 -28.92
N ASP A 662 -2.50 49.54 -28.41
CA ASP A 662 -1.14 49.94 -28.04
C ASP A 662 -0.71 49.35 -26.70
N ARG A 663 -1.67 48.79 -25.96
CA ARG A 663 -1.44 48.36 -24.59
C ARG A 663 -1.73 46.87 -24.38
N LEU A 664 -2.08 46.18 -25.45
CA LEU A 664 -2.50 44.78 -25.33
C LEU A 664 -1.32 43.86 -25.03
N ALA A 665 -1.36 43.23 -23.87
CA ALA A 665 -0.31 42.30 -23.47
C ALA A 665 -0.64 40.87 -23.88
N ALA A 666 -1.86 40.45 -23.60
CA ALA A 666 -2.20 39.03 -23.70
C ALA A 666 -3.68 38.79 -23.77
N LEU A 667 -4.04 37.63 -24.33
CA LEU A 667 -5.37 37.03 -24.15
C LEU A 667 -5.11 35.75 -23.42
N MET A 668 -5.90 35.45 -22.38
CA MET A 668 -5.83 34.15 -21.75
C MET A 668 -7.06 33.38 -22.19
N VAL A 669 -6.85 32.25 -22.87
CA VAL A 669 -7.96 31.48 -23.42
C VAL A 669 -7.86 30.03 -22.94
N THR A 670 -9.00 29.38 -22.72
CA THR A 670 -9.00 27.97 -22.39
C THR A 670 -9.57 27.23 -23.59
N TYR A 671 -8.91 26.15 -24.02
CA TYR A 671 -9.40 25.39 -25.17
C TYR A 671 -9.34 23.88 -24.93
N PRO A 672 -10.46 23.18 -25.17
CA PRO A 672 -11.80 23.70 -25.44
C PRO A 672 -12.25 24.56 -24.25
N SER A 673 -13.38 25.26 -24.40
CA SER A 673 -13.76 26.27 -23.42
C SER A 673 -14.11 25.63 -22.08
N THR A 674 -14.28 26.46 -21.05
CA THR A 674 -14.68 25.97 -19.75
C THR A 674 -16.13 25.51 -19.77
N HIS A 675 -16.80 25.73 -20.90
CA HIS A 675 -18.14 25.24 -21.13
C HIS A 675 -18.13 23.84 -21.74
N GLY A 676 -16.92 23.31 -22.00
CA GLY A 676 -16.78 22.01 -22.64
C GLY A 676 -17.06 22.02 -24.13
N VAL A 677 -16.78 23.14 -24.79
CA VAL A 677 -17.07 23.28 -26.21
C VAL A 677 -15.81 23.53 -27.06
N PHE A 678 -15.70 22.83 -28.20
CA PHE A 678 -14.63 23.10 -29.16
C PHE A 678 -14.98 24.27 -30.08
N GLU A 679 -14.61 25.49 -29.71
CA GLU A 679 -14.95 26.63 -30.56
C GLU A 679 -14.13 26.60 -31.86
N ALA A 680 -14.79 26.74 -33.00
CA ALA A 680 -14.08 26.64 -34.28
C ALA A 680 -13.38 27.96 -34.64
N THR A 681 -13.60 28.99 -33.82
CA THR A 681 -13.03 30.31 -34.08
C THR A 681 -11.67 30.52 -33.41
N ILE A 682 -11.12 29.47 -32.78
CA ILE A 682 -9.91 29.64 -31.96
C ILE A 682 -8.70 30.20 -32.73
N GLY A 683 -8.54 29.76 -33.98
CA GLY A 683 -7.46 30.27 -34.82
C GLY A 683 -7.63 31.72 -35.20
N THR A 684 -8.85 32.10 -35.56
CA THR A 684 -9.17 33.47 -35.92
C THR A 684 -8.91 34.37 -34.73
N ILE A 685 -9.29 33.87 -33.55
CA ILE A 685 -9.14 34.59 -32.30
C ILE A 685 -7.66 34.88 -32.00
N CYS A 686 -6.81 33.88 -32.15
CA CYS A 686 -5.38 34.08 -31.96
C CYS A 686 -4.80 35.08 -32.98
N ASP A 687 -5.26 35.02 -34.22
CA ASP A 687 -4.80 35.95 -35.24
C ASP A 687 -5.11 37.39 -34.89
N ILE A 688 -6.30 37.63 -34.32
CA ILE A 688 -6.73 38.97 -33.94
C ILE A 688 -5.83 39.52 -32.84
N VAL A 689 -5.56 38.69 -31.85
CA VAL A 689 -4.70 39.09 -30.73
C VAL A 689 -3.30 39.44 -31.22
N HIS A 690 -2.73 38.60 -32.08
CA HIS A 690 -1.41 38.86 -32.64
C HIS A 690 -1.41 40.11 -33.52
N ARG A 691 -2.50 40.30 -34.24
CA ARG A 691 -2.65 41.47 -35.12
C ARG A 691 -2.47 42.77 -34.32
N PHE A 692 -2.96 42.77 -33.09
CA PHE A 692 -2.87 43.97 -32.25
C PHE A 692 -1.77 43.91 -31.20
N GLY A 693 -0.81 43.00 -31.42
CA GLY A 693 0.45 43.04 -30.70
C GLY A 693 0.48 42.25 -29.41
N GLY A 694 -0.57 41.47 -29.15
CA GLY A 694 -0.64 40.70 -27.93
C GLY A 694 -0.09 39.30 -28.10
N GLU A 695 0.18 38.64 -26.98
CA GLU A 695 0.57 37.24 -27.00
C GLU A 695 -0.66 36.43 -26.59
N VAL A 696 -0.69 35.15 -26.97
CA VAL A 696 -1.79 34.29 -26.56
C VAL A 696 -1.34 33.27 -25.54
N TYR A 697 -1.94 33.32 -24.36
CA TYR A 697 -1.73 32.32 -23.32
C TYR A 697 -2.90 31.33 -23.32
N MET A 698 -2.62 30.04 -23.41
CA MET A 698 -3.69 29.06 -23.23
C MET A 698 -3.67 28.30 -21.92
N ASP A 699 -4.79 28.38 -21.21
CA ASP A 699 -5.02 27.59 -20.01
C ASP A 699 -5.21 26.16 -20.50
N GLY A 700 -4.35 25.25 -20.07
CA GLY A 700 -4.37 23.89 -20.59
C GLY A 700 -5.06 22.86 -19.72
N ALA A 701 -5.95 23.30 -18.85
CA ALA A 701 -6.62 22.36 -17.96
C ALA A 701 -7.54 21.40 -18.70
N ASN A 702 -7.96 21.78 -19.90
CA ASN A 702 -8.84 20.93 -20.70
C ASN A 702 -8.06 20.15 -21.76
N MET A 703 -6.76 19.97 -21.53
CA MET A 703 -5.94 19.24 -22.50
C MET A 703 -6.37 17.78 -22.67
N ASN A 704 -7.18 17.25 -21.76
CA ASN A 704 -7.63 15.88 -21.96
C ASN A 704 -8.57 15.73 -23.16
N ALA A 705 -9.03 16.85 -23.69
CA ALA A 705 -9.81 16.84 -24.92
C ALA A 705 -8.94 17.06 -26.16
N GLN A 706 -7.65 17.29 -25.94
CA GLN A 706 -6.75 17.69 -27.05
C GLN A 706 -5.68 16.67 -27.46
N VAL A 707 -5.15 15.91 -26.50
CA VAL A 707 -3.92 15.14 -26.76
C VAL A 707 -4.02 14.24 -28.01
N GLY A 708 -3.13 14.46 -28.97
CA GLY A 708 -3.13 13.70 -30.21
C GLY A 708 -4.13 14.18 -31.26
N LEU A 709 -5.07 15.02 -30.84
CA LEU A 709 -6.09 15.55 -31.75
C LEU A 709 -5.79 16.97 -32.22
N CYS A 710 -5.23 17.78 -31.34
CA CYS A 710 -4.80 19.12 -31.73
C CYS A 710 -3.72 19.62 -30.78
N ARG A 711 -2.92 20.57 -31.25
CA ARG A 711 -1.82 21.09 -30.45
C ARG A 711 -1.93 22.59 -30.36
N PRO A 712 -1.91 23.13 -29.13
CA PRO A 712 -2.09 24.56 -28.85
C PRO A 712 -1.16 25.43 -29.69
N ALA A 713 0.11 25.04 -29.77
CA ALA A 713 1.07 25.83 -30.53
C ALA A 713 0.70 25.94 -32.02
N ASP A 714 0.04 24.91 -32.53
CA ASP A 714 -0.29 24.86 -33.95
C ASP A 714 -1.42 25.81 -34.30
N PHE A 715 -2.34 26.07 -33.38
CA PHE A 715 -3.44 26.94 -33.76
C PHE A 715 -3.32 28.38 -33.28
N GLY A 716 -2.19 28.71 -32.66
CA GLY A 716 -1.86 30.10 -32.39
C GLY A 716 -1.52 30.50 -30.96
N ALA A 717 -1.47 29.54 -30.05
CA ALA A 717 -1.04 29.85 -28.68
C ALA A 717 0.46 30.12 -28.68
N ASP A 718 0.92 31.08 -27.89
CA ASP A 718 2.36 31.34 -27.77
C ASP A 718 2.91 30.59 -26.58
N VAL A 719 2.03 30.29 -25.63
CA VAL A 719 2.42 29.62 -24.40
C VAL A 719 1.18 28.94 -23.82
N CYS A 720 1.38 27.82 -23.12
CA CYS A 720 0.28 27.18 -22.38
C CYS A 720 0.86 26.55 -21.14
N HIS A 721 0.02 26.27 -20.15
CA HIS A 721 0.45 25.38 -19.08
C HIS A 721 -0.29 24.05 -19.23
N LEU A 722 0.25 23.00 -18.65
CA LEU A 722 -0.46 21.73 -18.56
C LEU A 722 -0.67 21.44 -17.07
N ASN A 723 -1.79 20.84 -16.71
CA ASN A 723 -1.97 20.33 -15.35
C ASN A 723 -1.66 18.85 -15.37
N LEU A 724 -0.48 18.46 -14.89
CA LEU A 724 -0.11 17.04 -14.94
C LEU A 724 -1.03 16.22 -14.04
N HIS A 725 -1.60 16.88 -13.02
CA HIS A 725 -2.51 16.25 -12.07
C HIS A 725 -3.95 16.20 -12.56
N1 LLP A 726 -7.86 26.41 -15.07
C2 LLP A 726 -8.81 25.40 -15.12
C2' LLP A 726 -9.87 25.41 -16.18
C3 LLP A 726 -8.75 24.37 -14.19
O3 LLP A 726 -9.60 23.47 -14.24
C4 LLP A 726 -7.76 24.36 -13.19
C4' LLP A 726 -7.72 23.22 -12.22
C5 LLP A 726 -6.82 25.39 -13.15
C6 LLP A 726 -6.88 26.41 -14.09
C5' LLP A 726 -5.74 25.48 -12.10
OP4 LLP A 726 -4.78 24.45 -11.79
P LLP A 726 -4.22 24.30 -10.29
OP1 LLP A 726 -3.65 25.61 -9.89
OP2 LLP A 726 -3.19 23.25 -10.44
OP3 LLP A 726 -5.40 23.90 -9.47
N LLP A 726 -4.18 16.68 -13.77
CA LLP A 726 -5.47 16.47 -14.43
CB LLP A 726 -6.12 17.81 -14.82
CG LLP A 726 -6.28 18.76 -13.60
CD LLP A 726 -7.09 20.04 -13.90
CE LLP A 726 -7.28 20.91 -12.62
NZ LLP A 726 -8.15 22.11 -12.86
C LLP A 726 -5.25 15.52 -15.61
O LLP A 726 -5.52 14.32 -15.52
N THR A 727 -4.70 16.05 -16.70
CA THR A 727 -4.53 15.30 -17.95
C THR A 727 -3.51 14.15 -17.88
N PHE A 728 -2.47 14.28 -17.05
CA PHE A 728 -1.36 13.33 -17.11
C PHE A 728 -1.14 12.48 -15.84
N CYS A 729 -2.21 12.24 -15.09
CA CYS A 729 -2.28 11.16 -14.09
C CYS A 729 -1.65 11.38 -12.72
N ILE A 730 -1.00 12.52 -12.50
CA ILE A 730 -0.58 12.82 -11.13
C ILE A 730 -1.85 12.83 -10.27
N PRO A 731 -1.84 12.12 -9.12
CA PRO A 731 -3.10 11.95 -8.37
C PRO A 731 -3.57 13.25 -7.74
N HIS A 732 -4.86 13.33 -7.50
CA HIS A 732 -5.45 14.58 -7.08
C HIS A 732 -5.15 14.86 -5.60
N GLY A 733 -4.76 13.81 -4.87
CA GLY A 733 -4.17 13.92 -3.54
C GLY A 733 -5.04 14.51 -2.44
N GLY A 734 -6.34 14.60 -2.71
CA GLY A 734 -7.25 15.26 -1.79
C GLY A 734 -7.18 16.79 -1.87
N GLY A 735 -6.50 17.29 -2.90
CA GLY A 735 -6.33 18.73 -3.10
C GLY A 735 -4.89 19.18 -3.30
N GLY A 736 -4.09 18.34 -3.96
CA GLY A 736 -2.66 18.57 -4.11
C GLY A 736 -1.92 17.28 -3.76
N PRO A 737 -0.76 17.02 -4.39
CA PRO A 737 0.08 17.96 -5.16
C PRO A 737 -0.24 17.98 -6.65
N GLY A 738 0.14 19.07 -7.31
CA GLY A 738 0.10 19.11 -8.76
C GLY A 738 1.42 19.60 -9.34
N MET A 739 1.50 19.58 -10.67
CA MET A 739 2.59 20.22 -11.41
C MET A 739 1.98 20.94 -12.61
N GLY A 740 2.54 22.10 -12.93
CA GLY A 740 1.97 22.92 -13.99
C GLY A 740 3.03 23.37 -15.00
N PRO A 741 3.65 22.41 -15.70
CA PRO A 741 4.72 22.80 -16.62
C PRO A 741 4.19 23.69 -17.74
N ILE A 742 5.03 24.55 -18.30
CA ILE A 742 4.60 25.39 -19.40
C ILE A 742 5.38 25.09 -20.66
N GLY A 743 4.72 25.24 -21.80
CA GLY A 743 5.36 25.15 -23.10
C GLY A 743 5.32 26.53 -23.74
N VAL A 744 6.38 26.90 -24.44
CA VAL A 744 6.43 28.22 -25.08
C VAL A 744 7.02 28.10 -26.47
N LYS A 745 6.70 29.07 -27.33
CA LYS A 745 7.36 29.15 -28.62
C LYS A 745 8.77 29.71 -28.45
N SER A 746 9.60 29.55 -29.48
CA SER A 746 11.01 29.92 -29.40
C SER A 746 11.24 31.36 -28.97
N HIS A 747 10.40 32.27 -29.44
CA HIS A 747 10.58 33.69 -29.12
C HIS A 747 10.41 34.02 -27.65
N LEU A 748 9.94 33.05 -26.86
CA LEU A 748 9.74 33.25 -25.42
C LEU A 748 10.70 32.42 -24.58
N GLN A 749 11.46 31.55 -25.24
CA GLN A 749 12.27 30.57 -24.52
C GLN A 749 13.34 31.18 -23.63
N ALA A 750 13.89 32.30 -24.07
CA ALA A 750 14.99 32.97 -23.35
C ALA A 750 14.58 33.40 -21.94
N PHE A 751 13.27 33.49 -21.71
CA PHE A 751 12.78 34.09 -20.47
C PHE A 751 12.37 33.07 -19.42
N LEU A 752 12.43 31.78 -19.77
CA LEU A 752 11.95 30.72 -18.86
C LEU A 752 12.70 30.74 -17.52
N PRO A 753 12.03 30.30 -16.44
CA PRO A 753 12.66 30.29 -15.11
C PRO A 753 13.95 29.47 -15.06
N ARG A 754 14.84 29.91 -14.18
CA ARG A 754 16.14 29.28 -14.04
C ARG A 754 16.07 27.86 -13.51
N THR A 755 16.93 27.02 -14.05
CA THR A 755 17.00 25.60 -13.73
C THR A 755 18.11 25.24 -12.75
N ASP A 767 20.85 37.12 -17.49
CA ASP A 767 20.66 38.21 -18.44
C ASP A 767 19.20 38.35 -18.84
N GLN A 768 18.48 37.22 -18.86
CA GLN A 768 17.14 37.20 -19.47
C GLN A 768 16.03 36.42 -18.74
N SER A 769 16.40 35.46 -17.90
CA SER A 769 15.39 34.66 -17.19
C SER A 769 14.52 35.55 -16.30
N ILE A 770 13.24 35.20 -16.15
CA ILE A 770 12.37 35.88 -15.21
C ILE A 770 12.78 35.60 -13.76
N GLY A 771 13.63 34.60 -13.55
CA GLY A 771 14.09 34.26 -12.22
C GLY A 771 13.56 32.89 -11.81
N MET A 772 12.97 32.79 -10.62
CA MET A 772 12.39 31.52 -10.15
C MET A 772 10.93 31.64 -9.76
N ILE A 773 10.14 30.71 -10.28
CA ILE A 773 8.69 30.63 -10.02
C ILE A 773 8.40 29.69 -8.82
N SER A 774 9.12 28.56 -8.78
CA SER A 774 9.01 27.63 -7.66
C SER A 774 10.30 27.70 -6.89
N ALA A 775 10.28 27.22 -5.65
CA ALA A 775 11.49 27.26 -4.81
C ALA A 775 12.58 26.30 -5.30
N ALA A 776 12.16 25.15 -5.81
CA ALA A 776 13.11 24.17 -6.36
C ALA A 776 13.16 24.29 -7.88
N PRO A 777 14.35 24.07 -8.48
CA PRO A 777 14.51 24.30 -9.91
C PRO A 777 13.56 23.49 -10.76
N TYR A 778 13.22 22.28 -10.33
CA TYR A 778 12.22 21.50 -11.07
C TYR A 778 10.96 21.22 -10.26
N GLY A 779 10.60 22.16 -9.39
CA GLY A 779 9.41 22.03 -8.56
C GLY A 779 9.37 20.70 -7.84
N SER A 780 8.20 20.05 -7.82
CA SER A 780 8.07 18.75 -7.17
C SER A 780 8.55 17.67 -8.11
N ALA A 781 9.87 17.57 -8.25
CA ALA A 781 10.44 16.72 -9.29
C ALA A 781 10.03 15.25 -9.17
N SER A 782 9.97 14.74 -7.95
CA SER A 782 9.75 13.31 -7.76
C SER A 782 8.44 12.82 -8.37
N ILE A 783 7.42 13.67 -8.41
CA ILE A 783 6.15 13.19 -8.96
C ILE A 783 6.07 13.28 -10.47
N LEU A 784 7.09 13.86 -11.10
CA LEU A 784 7.12 13.91 -12.56
C LEU A 784 7.23 12.51 -13.16
N VAL A 785 7.69 11.54 -12.38
CA VAL A 785 7.81 10.17 -12.90
C VAL A 785 6.43 9.58 -13.24
N ILE A 786 5.38 10.08 -12.60
CA ILE A 786 4.04 9.57 -12.85
C ILE A 786 3.61 9.83 -14.30
N SER A 787 3.83 11.07 -14.76
CA SER A 787 3.45 11.45 -16.12
C SER A 787 4.38 10.83 -17.15
N TRP A 788 5.64 10.65 -16.79
CA TRP A 788 6.59 9.93 -17.62
C TRP A 788 6.06 8.50 -17.84
N MET A 789 5.68 7.85 -16.75
CA MET A 789 5.17 6.48 -16.84
C MET A 789 3.91 6.40 -17.71
N TYR A 790 3.01 7.35 -17.54
CA TYR A 790 1.77 7.35 -18.33
C TYR A 790 2.08 7.42 -19.82
N ILE A 791 2.93 8.35 -20.21
CA ILE A 791 3.28 8.50 -21.62
C ILE A 791 4.00 7.26 -22.17
N ALA A 792 4.92 6.71 -21.39
CA ALA A 792 5.71 5.55 -21.84
C ALA A 792 4.83 4.32 -22.04
N MET A 793 3.83 4.15 -21.18
CA MET A 793 2.97 2.96 -21.26
C MET A 793 1.85 3.10 -22.28
N MET A 794 1.46 4.33 -22.59
CA MET A 794 0.35 4.58 -23.51
C MET A 794 0.82 4.65 -24.95
N GLY A 795 1.98 5.27 -25.16
CA GLY A 795 2.44 5.47 -26.53
C GLY A 795 1.57 6.45 -27.31
N PRO A 796 1.97 6.78 -28.55
CA PRO A 796 1.27 7.83 -29.30
C PRO A 796 -0.19 7.49 -29.65
N GLN A 797 -0.44 6.26 -30.09
CA GLN A 797 -1.81 5.86 -30.42
C GLN A 797 -2.65 5.72 -29.16
N GLY A 798 -2.04 5.21 -28.10
CA GLY A 798 -2.74 5.05 -26.82
C GLY A 798 -3.18 6.38 -26.23
N LEU A 799 -2.28 7.35 -26.19
CA LEU A 799 -2.61 8.67 -25.66
C LEU A 799 -3.77 9.30 -26.45
N THR A 800 -3.74 9.17 -27.77
CA THR A 800 -4.78 9.74 -28.61
C THR A 800 -6.12 9.03 -28.42
N LYS A 801 -6.08 7.71 -28.28
CA LYS A 801 -7.29 6.94 -28.03
C LYS A 801 -7.94 7.35 -26.71
N ALA A 802 -7.13 7.59 -25.68
CA ALA A 802 -7.63 8.06 -24.38
C ALA A 802 -8.44 9.35 -24.56
N THR A 803 -7.87 10.32 -25.29
CA THR A 803 -8.59 11.56 -25.58
C THR A 803 -9.92 11.28 -26.28
N GLU A 804 -9.90 10.42 -27.29
CA GLU A 804 -11.11 10.16 -28.06
C GLU A 804 -12.18 9.50 -27.21
N VAL A 805 -11.76 8.58 -26.34
CA VAL A 805 -12.73 7.93 -25.45
C VAL A 805 -13.28 8.88 -24.38
N ALA A 806 -12.43 9.78 -23.88
CA ALA A 806 -12.89 10.81 -22.95
C ALA A 806 -14.00 11.65 -23.59
N ILE A 807 -13.84 11.95 -24.88
CA ILE A 807 -14.86 12.71 -25.59
C ILE A 807 -16.11 11.87 -25.86
N LEU A 808 -15.91 10.60 -26.21
CA LEU A 808 -17.05 9.72 -26.44
C LEU A 808 -17.92 9.61 -25.17
N SER A 809 -17.26 9.42 -24.03
CA SER A 809 -17.96 9.17 -22.78
C SER A 809 -18.72 10.41 -22.31
N ALA A 810 -18.11 11.57 -22.48
CA ALA A 810 -18.79 12.82 -22.14
C ALA A 810 -20.04 13.01 -22.99
N ASN A 811 -19.90 12.81 -24.30
CA ASN A 811 -21.07 12.91 -25.17
C ASN A 811 -22.13 11.88 -24.86
N TYR A 812 -21.69 10.67 -24.52
CA TYR A 812 -22.64 9.62 -24.15
C TYR A 812 -23.50 10.01 -22.95
N MET A 813 -22.87 10.51 -21.89
CA MET A 813 -23.63 10.93 -20.69
C MET A 813 -24.58 12.09 -21.03
N ALA A 814 -24.09 13.03 -21.83
CA ALA A 814 -24.94 14.15 -22.25
C ALA A 814 -26.17 13.67 -22.99
N LYS A 815 -25.98 12.74 -23.92
CA LYS A 815 -27.09 12.14 -24.65
C LYS A 815 -28.07 11.44 -23.71
N ARG A 816 -27.54 10.69 -22.75
CA ARG A 816 -28.42 9.99 -21.81
C ARG A 816 -29.21 10.95 -20.91
N LEU A 817 -28.62 12.08 -20.59
CA LEU A 817 -29.26 13.00 -19.62
C LEU A 817 -30.00 14.19 -20.24
N GLU A 818 -29.81 14.44 -21.53
CA GLU A 818 -30.30 15.67 -22.16
C GLU A 818 -31.82 15.93 -22.02
N ASN A 819 -32.62 14.87 -21.96
CA ASN A 819 -34.07 15.03 -21.79
C ASN A 819 -34.50 15.31 -20.34
N TYR A 820 -33.56 15.20 -19.41
CA TYR A 820 -33.85 15.40 -17.99
C TYR A 820 -33.23 16.71 -17.51
N TYR A 821 -32.00 16.96 -17.94
CA TYR A 821 -31.29 18.19 -17.62
C TYR A 821 -30.74 18.76 -18.91
N PRO A 822 -31.22 19.96 -19.32
CA PRO A 822 -30.73 20.56 -20.56
C PRO A 822 -29.21 20.65 -20.62
N ILE A 823 -28.62 20.26 -21.75
CA ILE A 823 -27.18 20.44 -21.96
C ILE A 823 -26.97 21.90 -22.35
N LEU A 824 -26.24 22.65 -21.52
CA LEU A 824 -26.30 24.12 -21.60
C LEU A 824 -25.58 24.67 -22.82
N PHE A 825 -24.41 24.10 -23.11
CA PHE A 825 -23.62 24.53 -24.24
C PHE A 825 -23.22 23.33 -25.10
N ARG A 826 -23.30 23.50 -26.41
CA ARG A 826 -22.87 22.47 -27.35
C ARG A 826 -22.09 23.13 -28.48
N GLY A 827 -21.17 22.37 -29.07
CA GLY A 827 -20.38 22.88 -30.17
C GLY A 827 -21.01 22.54 -31.51
N ASN A 828 -20.22 22.64 -32.57
CA ASN A 828 -20.72 22.28 -33.89
C ASN A 828 -21.10 20.81 -33.93
N ASN A 829 -22.11 20.50 -34.73
CA ASN A 829 -22.67 19.15 -34.84
C ASN A 829 -23.36 18.71 -33.54
N GLU A 830 -23.69 19.69 -32.68
CA GLU A 830 -24.36 19.46 -31.41
C GLU A 830 -23.56 18.58 -30.46
N LEU A 831 -22.23 18.62 -30.56
CA LEU A 831 -21.40 17.77 -29.73
C LEU A 831 -20.71 18.56 -28.62
N VAL A 832 -20.42 17.87 -27.52
CA VAL A 832 -19.57 18.47 -26.50
C VAL A 832 -18.16 17.92 -26.66
N ALA A 833 -17.25 18.41 -25.83
CA ALA A 833 -15.90 17.89 -25.81
C ALA A 833 -15.75 16.78 -24.77
N HIS A 834 -14.91 17.01 -23.77
CA HIS A 834 -14.64 16.01 -22.74
C HIS A 834 -15.52 16.20 -21.51
N GLU A 835 -16.39 17.20 -21.56
CA GLU A 835 -17.25 17.47 -20.41
C GLU A 835 -18.51 18.17 -20.89
N CYS A 836 -19.57 18.10 -20.09
CA CYS A 836 -20.80 18.79 -20.45
C CYS A 836 -21.37 19.49 -19.23
N ILE A 837 -22.10 20.56 -19.47
CA ILE A 837 -22.77 21.27 -18.39
C ILE A 837 -24.26 20.93 -18.38
N LEU A 838 -24.74 20.42 -17.26
CA LEU A 838 -26.16 20.14 -17.08
C LEU A 838 -26.83 21.32 -16.40
N ASP A 839 -27.89 21.84 -17.00
CA ASP A 839 -28.63 22.93 -16.40
C ASP A 839 -29.61 22.40 -15.36
N LEU A 840 -29.37 22.71 -14.09
CA LEU A 840 -30.27 22.30 -13.02
C LEU A 840 -31.20 23.46 -12.61
N ARG A 841 -31.04 24.60 -13.27
CA ARG A 841 -31.88 25.75 -12.95
C ARG A 841 -33.40 25.51 -13.10
N PRO A 842 -33.82 24.74 -14.11
CA PRO A 842 -35.25 24.36 -14.13
C PRO A 842 -35.73 23.62 -12.87
N LEU A 843 -34.91 22.73 -12.30
CA LEU A 843 -35.31 22.06 -11.05
C LEU A 843 -35.54 23.07 -9.93
N LYS A 844 -34.70 24.10 -9.88
CA LYS A 844 -34.90 25.14 -8.87
C LYS A 844 -36.21 25.86 -9.09
N LYS A 845 -36.50 26.18 -10.35
CA LYS A 845 -37.73 26.90 -10.67
C LYS A 845 -38.96 26.07 -10.38
N GLN A 846 -38.91 24.79 -10.75
CA GLN A 846 -40.09 23.94 -10.67
C GLN A 846 -40.32 23.38 -9.27
N ALA A 847 -39.25 23.03 -8.57
CA ALA A 847 -39.38 22.29 -7.31
C ALA A 847 -38.65 22.92 -6.14
N ALA A 848 -38.07 24.09 -6.36
CA ALA A 848 -37.25 24.76 -5.36
C ALA A 848 -36.09 23.88 -4.88
N ILE A 849 -35.63 23.02 -5.77
CA ILE A 849 -34.47 22.17 -5.52
C ILE A 849 -33.20 22.89 -5.96
N GLU A 850 -32.25 23.00 -5.03
CA GLU A 850 -30.97 23.68 -5.29
C GLU A 850 -29.95 22.71 -5.85
N VAL A 851 -28.93 23.22 -6.53
CA VAL A 851 -27.89 22.34 -7.01
C VAL A 851 -27.24 21.58 -5.86
N GLU A 852 -27.14 22.25 -4.71
N GLU A 852 -27.06 22.21 -4.70
CA GLU A 852 -26.56 21.65 -3.52
CA GLU A 852 -26.45 21.45 -3.61
C GLU A 852 -27.35 20.44 -3.04
C GLU A 852 -27.36 20.38 -3.01
N ASP A 853 -28.68 20.50 -3.21
CA ASP A 853 -29.57 19.40 -2.82
C ASP A 853 -29.24 18.17 -3.66
N VAL A 854 -29.09 18.35 -4.96
CA VAL A 854 -28.77 17.25 -5.85
C VAL A 854 -27.40 16.68 -5.50
N ALA A 855 -26.44 17.56 -5.21
CA ALA A 855 -25.08 17.13 -4.87
C ALA A 855 -25.05 16.24 -3.63
N LYS A 856 -25.80 16.63 -2.61
CA LYS A 856 -25.86 15.83 -1.39
C LYS A 856 -26.64 14.53 -1.60
N ARG A 857 -27.71 14.60 -2.38
CA ARG A 857 -28.53 13.41 -2.64
C ARG A 857 -27.75 12.35 -3.39
N LEU A 858 -26.87 12.78 -4.29
CA LEU A 858 -25.97 11.82 -4.97
C LEU A 858 -25.15 11.01 -3.98
N MET A 859 -24.86 11.57 -2.81
CA MET A 859 -24.08 10.84 -1.81
C MET A 859 -24.81 9.58 -1.39
N ASP A 860 -26.14 9.68 -1.29
CA ASP A 860 -26.99 8.56 -0.90
C ASP A 860 -27.01 7.48 -1.99
N PHE A 861 -26.65 7.88 -3.21
CA PHE A 861 -26.52 6.93 -4.32
C PHE A 861 -25.11 6.37 -4.43
N GLY A 862 -24.22 6.83 -3.57
CA GLY A 862 -22.85 6.35 -3.58
C GLY A 862 -21.93 7.11 -4.50
N PHE A 863 -22.31 8.35 -4.83
CA PHE A 863 -21.52 9.21 -5.74
C PHE A 863 -21.12 10.57 -5.17
N HIS A 864 -19.88 10.96 -5.47
CA HIS A 864 -19.39 12.33 -5.27
C HIS A 864 -19.95 13.18 -6.39
N ALA A 865 -20.45 14.37 -6.06
CA ALA A 865 -21.07 15.23 -7.04
C ALA A 865 -20.06 15.66 -8.10
N PRO A 866 -20.54 15.98 -9.32
CA PRO A 866 -19.63 16.62 -10.27
C PRO A 866 -19.33 18.05 -9.85
N THR A 867 -18.68 18.82 -10.71
CA THR A 867 -18.38 20.21 -10.39
C THR A 867 -19.66 21.05 -10.28
N VAL A 868 -19.81 21.74 -9.16
CA VAL A 868 -21.05 22.46 -8.85
C VAL A 868 -20.92 23.96 -9.06
N SER A 869 -21.85 24.54 -9.84
CA SER A 869 -21.98 25.98 -10.00
C SER A 869 -20.77 26.72 -10.58
N TRP A 870 -19.92 26.00 -11.31
CA TRP A 870 -18.86 26.65 -12.08
C TRP A 870 -18.70 25.92 -13.42
N PRO A 871 -18.55 26.69 -14.52
CA PRO A 871 -18.51 28.15 -14.58
C PRO A 871 -19.87 28.81 -14.51
N VAL A 872 -20.94 28.02 -14.55
CA VAL A 872 -22.28 28.63 -14.53
C VAL A 872 -23.02 28.30 -13.22
N LEU A 873 -23.40 29.34 -12.50
CA LEU A 873 -24.17 29.17 -11.27
C LEU A 873 -25.43 28.38 -11.53
N GLY A 874 -25.72 27.40 -10.67
CA GLY A 874 -26.97 26.69 -10.76
C GLY A 874 -26.91 25.52 -11.71
N THR A 875 -25.70 25.08 -12.04
CA THR A 875 -25.52 23.98 -12.99
C THR A 875 -24.50 23.00 -12.46
N MET A 876 -24.34 21.88 -13.15
CA MET A 876 -23.29 20.92 -12.82
C MET A 876 -22.44 20.61 -14.05
N MET A 877 -21.11 20.62 -13.90
CA MET A 877 -20.28 20.25 -15.03
C MET A 877 -19.70 18.86 -14.82
N VAL A 878 -19.98 17.96 -15.76
CA VAL A 878 -19.73 16.55 -15.60
C VAL A 878 -18.60 16.11 -16.53
N GLU A 879 -17.55 15.51 -15.99
CA GLU A 879 -16.45 15.00 -16.80
C GLU A 879 -16.09 13.58 -16.37
N PRO A 880 -16.50 12.58 -17.17
CA PRO A 880 -16.28 11.18 -16.75
C PRO A 880 -14.82 10.73 -16.91
N THR A 881 -14.10 11.32 -17.84
CA THR A 881 -12.81 10.80 -18.35
C THR A 881 -12.93 9.47 -19.07
N GLU A 882 -11.82 9.05 -19.66
CA GLU A 882 -11.78 7.81 -20.45
C GLU A 882 -11.62 6.56 -19.59
N SER A 883 -11.38 6.75 -18.29
CA SER A 883 -11.02 5.61 -17.42
C SER A 883 -12.17 4.89 -16.76
N GLU A 884 -13.38 5.42 -16.93
CA GLU A 884 -14.56 4.88 -16.26
C GLU A 884 -15.40 4.03 -17.20
N SER A 885 -15.85 2.89 -16.70
CA SER A 885 -16.54 1.90 -17.52
C SER A 885 -17.96 2.35 -17.86
N LEU A 886 -18.50 1.75 -18.92
CA LEU A 886 -19.88 2.03 -19.31
C LEU A 886 -20.86 1.77 -18.16
N GLY A 887 -20.65 0.66 -17.44
CA GLY A 887 -21.51 0.32 -16.31
C GLY A 887 -21.54 1.44 -15.28
N GLU A 888 -20.38 2.05 -15.05
CA GLU A 888 -20.26 3.13 -14.09
C GLU A 888 -20.89 4.42 -14.62
N LEU A 889 -20.66 4.73 -15.89
CA LEU A 889 -21.32 5.90 -16.50
C LEU A 889 -22.83 5.72 -16.41
N ASP A 890 -23.32 4.51 -16.64
CA ASP A 890 -24.77 4.27 -16.62
C ASP A 890 -25.33 4.40 -15.21
N ARG A 891 -24.59 3.91 -14.22
CA ARG A 891 -25.02 4.07 -12.83
C ARG A 891 -25.14 5.55 -12.48
N PHE A 892 -24.16 6.36 -12.88
CA PHE A 892 -24.24 7.78 -12.58
C PHE A 892 -25.42 8.42 -13.30
N CYS A 893 -25.63 8.08 -14.56
CA CYS A 893 -26.78 8.63 -15.27
C CYS A 893 -28.07 8.17 -14.64
N ASP A 894 -28.13 6.90 -14.26
CA ASP A 894 -29.33 6.38 -13.60
C ASP A 894 -29.63 7.09 -12.28
N ALA A 895 -28.58 7.46 -11.55
CA ALA A 895 -28.74 8.19 -10.30
C ALA A 895 -29.33 9.57 -10.56
N MET A 896 -28.78 10.29 -11.54
CA MET A 896 -29.29 11.61 -11.90
C MET A 896 -30.74 11.53 -12.37
N ILE A 897 -31.08 10.44 -13.06
CA ILE A 897 -32.45 10.29 -13.55
C ILE A 897 -33.40 10.00 -12.39
N ALA A 898 -32.95 9.22 -11.42
CA ALA A 898 -33.78 8.94 -10.26
C ALA A 898 -34.01 10.22 -9.47
N ILE A 899 -32.97 11.03 -9.35
CA ILE A 899 -33.08 12.31 -8.63
C ILE A 899 -34.04 13.25 -9.35
N TYR A 900 -33.98 13.24 -10.68
CA TYR A 900 -34.95 13.97 -11.49
C TYR A 900 -36.38 13.53 -11.14
N GLN A 901 -36.59 12.23 -11.01
CA GLN A 901 -37.93 11.75 -10.69
C GLN A 901 -38.34 12.12 -9.25
N GLU A 902 -37.36 12.18 -8.35
CA GLU A 902 -37.64 12.65 -6.99
C GLU A 902 -38.04 14.13 -7.01
N ALA A 903 -37.38 14.91 -7.85
CA ALA A 903 -37.70 16.33 -7.97
C ALA A 903 -39.08 16.51 -8.58
N GLN A 904 -39.42 15.67 -9.55
CA GLN A 904 -40.75 15.72 -10.14
C GLN A 904 -41.86 15.43 -9.13
N ALA A 905 -41.58 14.52 -8.20
CA ALA A 905 -42.54 14.25 -7.13
C ALA A 905 -42.83 15.50 -6.30
N ILE A 906 -41.80 16.28 -6.01
CA ILE A 906 -42.01 17.55 -5.33
C ILE A 906 -42.81 18.51 -6.22
N THR A 907 -42.39 18.63 -7.48
CA THR A 907 -43.07 19.50 -8.44
C THR A 907 -44.55 19.17 -8.54
N HIS A 908 -44.87 17.89 -8.56
CA HIS A 908 -46.27 17.47 -8.70
C HIS A 908 -47.00 17.43 -7.37
N GLY A 909 -46.33 17.90 -6.32
CA GLY A 909 -46.95 17.99 -5.00
C GLY A 909 -47.26 16.65 -4.39
N GLU A 910 -46.43 15.66 -4.71
CA GLU A 910 -46.65 14.30 -4.25
C GLU A 910 -45.87 14.02 -2.97
N ILE A 911 -45.12 15.01 -2.49
CA ILE A 911 -44.38 14.91 -1.23
C ILE A 911 -44.02 16.30 -0.70
N ASP A 912 -43.89 16.43 0.62
CA ASP A 912 -43.59 17.70 1.29
C ASP A 912 -42.34 18.33 0.67
N PRO A 913 -42.48 19.56 0.13
CA PRO A 913 -41.35 20.21 -0.52
C PRO A 913 -40.19 20.52 0.42
N ALA A 914 -40.43 20.56 1.73
CA ALA A 914 -39.38 20.85 2.70
C ALA A 914 -38.83 19.61 3.39
N ASP A 915 -39.58 18.51 3.35
CA ASP A 915 -39.19 17.27 4.01
C ASP A 915 -39.21 16.10 3.03
N ASN A 916 -38.07 15.87 2.39
CA ASN A 916 -37.99 14.83 1.37
C ASN A 916 -36.52 14.42 1.26
N PRO A 917 -36.22 13.34 0.52
CA PRO A 917 -34.83 12.89 0.49
C PRO A 917 -33.82 13.93 -0.01
N LEU A 918 -34.21 14.73 -1.00
CA LEU A 918 -33.33 15.75 -1.56
C LEU A 918 -32.93 16.81 -0.54
N LYS A 919 -33.91 17.27 0.24
CA LYS A 919 -33.67 18.32 1.23
C LYS A 919 -32.89 17.80 2.43
N ASN A 920 -33.06 16.52 2.75
CA ASN A 920 -32.48 15.93 3.96
C ASN A 920 -31.19 15.16 3.74
N ALA A 921 -30.76 15.05 2.48
CA ALA A 921 -29.54 14.35 2.14
C ALA A 921 -28.31 15.12 2.64
N PRO A 922 -27.20 14.42 2.92
CA PRO A 922 -27.04 12.97 2.86
C PRO A 922 -27.56 12.33 4.13
N HIS A 923 -27.95 11.05 4.04
CA HIS A 923 -28.55 10.35 5.18
C HIS A 923 -27.53 9.43 5.85
N THR A 924 -27.11 9.77 7.07
CA THR A 924 -26.22 8.90 7.82
C THR A 924 -26.96 7.67 8.32
N ALA A 925 -26.22 6.59 8.54
CA ALA A 925 -26.81 5.39 9.13
C ALA A 925 -27.46 5.71 10.47
N GLN A 926 -26.77 6.48 11.31
CA GLN A 926 -27.33 6.80 12.62
C GLN A 926 -28.65 7.57 12.54
N SER A 927 -28.79 8.46 11.56
CA SER A 927 -30.03 9.23 11.42
C SER A 927 -31.20 8.34 11.05
N LEU A 928 -30.92 7.21 10.42
CA LEU A 928 -31.97 6.30 9.99
C LEU A 928 -32.31 5.29 11.07
N ILE A 929 -31.33 4.94 11.89
CA ILE A 929 -31.46 3.82 12.83
C ILE A 929 -31.83 4.30 14.23
N CYS A 930 -31.31 5.46 14.63
CA CYS A 930 -31.52 5.96 15.99
C CYS A 930 -32.66 6.97 16.07
N GLY A 931 -33.44 6.90 17.14
CA GLY A 931 -34.49 7.87 17.40
C GLY A 931 -35.75 7.57 16.60
N GLU A 932 -36.71 8.49 16.67
CA GLU A 932 -37.98 8.31 15.98
C GLU A 932 -37.85 8.76 14.54
N TRP A 933 -38.49 8.03 13.62
CA TRP A 933 -38.47 8.38 12.19
C TRP A 933 -39.75 9.14 11.80
N ASN A 934 -39.60 10.45 11.58
CA ASN A 934 -40.73 11.31 11.25
C ASN A 934 -40.53 11.98 9.89
N HIS A 935 -40.64 11.19 8.82
CA HIS A 935 -40.48 11.70 7.47
C HIS A 935 -41.56 11.05 6.62
N PRO A 936 -41.97 11.71 5.53
CA PRO A 936 -42.96 11.15 4.60
C PRO A 936 -42.31 10.25 3.55
N TYR A 937 -41.14 9.72 3.87
CA TYR A 937 -40.49 8.73 3.02
C TYR A 937 -39.81 7.70 3.90
N SER A 938 -39.50 6.54 3.32
CA SER A 938 -38.96 5.43 4.12
C SER A 938 -37.44 5.53 4.26
N GLN A 939 -36.92 4.89 5.31
CA GLN A 939 -35.49 4.78 5.48
C GLN A 939 -34.85 4.04 4.30
N GLU A 940 -35.58 3.09 3.73
CA GLU A 940 -35.08 2.36 2.57
C GLU A 940 -34.95 3.27 1.36
N GLU A 941 -35.96 4.12 1.14
CA GLU A 941 -35.88 5.12 0.06
C GLU A 941 -34.69 6.05 0.29
N ALA A 942 -34.40 6.36 1.55
CA ALA A 942 -33.30 7.25 1.87
C ALA A 942 -31.92 6.65 1.57
N ALA A 943 -31.68 5.45 2.08
CA ALA A 943 -30.34 4.82 2.03
C ALA A 943 -30.09 3.91 0.83
N TYR A 944 -31.16 3.30 0.32
CA TYR A 944 -30.99 2.37 -0.81
C TYR A 944 -31.85 2.75 -2.02
N PRO A 945 -31.62 3.96 -2.57
CA PRO A 945 -32.50 4.42 -3.65
C PRO A 945 -32.17 3.80 -5.01
N ALA A 946 -31.09 3.02 -5.07
CA ALA A 946 -30.73 2.32 -6.32
C ALA A 946 -30.21 0.93 -5.98
N PRO A 947 -30.37 -0.03 -6.90
CA PRO A 947 -30.05 -1.43 -6.53
C PRO A 947 -28.57 -1.69 -6.21
N TRP A 948 -27.66 -0.94 -6.81
CA TRP A 948 -26.23 -1.17 -6.52
C TRP A 948 -25.86 -0.83 -5.07
N THR A 949 -26.67 0.01 -4.42
CA THR A 949 -26.38 0.38 -3.03
C THR A 949 -26.64 -0.80 -2.08
N LYS A 950 -27.43 -1.77 -2.55
CA LYS A 950 -27.67 -2.98 -1.76
C LYS A 950 -26.60 -4.04 -1.97
N GLN A 951 -25.70 -3.79 -2.92
CA GLN A 951 -24.54 -4.65 -3.14
C GLN A 951 -23.35 -4.08 -2.40
N PHE A 952 -23.18 -2.77 -2.50
CA PHE A 952 -22.15 -2.08 -1.72
C PHE A 952 -22.67 -0.71 -1.35
N LYS A 953 -22.68 -0.43 -0.04
CA LYS A 953 -23.18 0.84 0.46
C LYS A 953 -22.05 1.70 1.00
N PHE A 954 -21.86 2.88 0.40
CA PHE A 954 -20.98 3.87 0.99
C PHE A 954 -21.77 4.77 1.95
N TRP A 955 -21.36 4.82 3.21
CA TRP A 955 -22.09 5.62 4.19
C TRP A 955 -21.52 7.03 4.34
N PRO A 956 -22.37 8.05 4.14
CA PRO A 956 -21.97 9.42 4.47
C PRO A 956 -21.69 9.49 5.96
N ALA A 957 -20.57 10.08 6.37
CA ALA A 957 -20.18 10.09 7.78
C ALA A 957 -20.94 11.09 8.64
N VAL A 958 -21.41 12.17 8.02
CA VAL A 958 -22.13 13.21 8.74
C VAL A 958 -23.30 13.69 7.89
N GLY A 959 -24.27 14.33 8.53
CA GLY A 959 -25.39 14.95 7.85
C GLY A 959 -24.95 16.23 7.16
N ARG A 960 -25.90 16.93 6.54
CA ARG A 960 -25.57 18.12 5.77
C ARG A 960 -24.95 19.18 6.67
N ILE A 961 -23.83 19.72 6.22
CA ILE A 961 -23.07 20.65 7.03
C ILE A 961 -23.57 22.08 6.87
N ASN A 962 -23.73 22.76 8.00
CA ASN A 962 -24.19 24.14 8.03
C ASN A 962 -23.01 25.04 7.62
N ASN A 963 -23.11 25.61 6.43
CA ASN A 963 -22.01 26.43 5.91
C ASN A 963 -21.91 27.81 6.56
N THR A 964 -23.03 28.53 6.64
CA THR A 964 -23.02 29.89 7.19
C THR A 964 -22.55 29.92 8.65
N TYR A 965 -22.93 28.90 9.41
CA TYR A 965 -22.55 28.82 10.82
C TYR A 965 -21.03 28.76 10.98
N GLY A 966 -20.36 28.00 10.13
CA GLY A 966 -18.93 27.83 10.23
C GLY A 966 -18.13 29.07 9.88
N ASP A 967 -18.63 29.86 8.92
CA ASP A 967 -17.96 31.10 8.53
C ASP A 967 -18.18 32.20 9.58
N ARG A 968 -19.35 32.19 10.19
CA ARG A 968 -19.69 33.14 11.25
C ARG A 968 -18.78 32.95 12.45
N HIS A 969 -18.44 31.69 12.73
CA HIS A 969 -17.65 31.32 13.89
C HIS A 969 -16.43 30.51 13.46
N LEU A 970 -15.41 31.18 12.94
CA LEU A 970 -14.24 30.47 12.44
C LEU A 970 -13.45 29.79 13.56
N VAL A 971 -13.45 28.45 13.54
CA VAL A 971 -12.67 27.64 14.46
C VAL A 971 -11.78 26.74 13.63
N CYS A 972 -10.46 26.94 13.68
N CYS A 972 -10.46 26.93 13.73
CA CYS A 972 -9.57 26.25 12.77
CA CYS A 972 -9.50 26.31 12.81
C CYS A 972 -8.52 25.36 13.44
C CYS A 972 -8.51 25.35 13.44
N SER A 973 -8.79 24.91 14.67
CA SER A 973 -7.89 23.96 15.33
C SER A 973 -8.68 22.91 16.10
N CYS A 974 -7.99 21.83 16.45
CA CYS A 974 -8.58 20.68 17.17
C CYS A 974 -9.30 21.02 18.45
N GLU A 975 -8.96 22.15 19.07
CA GLU A 975 -9.67 22.57 20.28
C GLU A 975 -11.18 22.69 20.02
N GLY A 976 -11.52 22.96 18.76
CA GLY A 976 -12.91 23.12 18.36
C GLY A 976 -13.70 21.83 18.28
N MET A 977 -13.04 20.74 17.92
CA MET A 977 -13.69 19.42 17.93
C MET A 977 -13.58 18.76 19.30
N GLU B 14 38.15 -0.74 16.76
CA GLU B 14 36.77 -0.90 17.21
C GLU B 14 36.63 -1.88 18.40
N ALA B 15 36.81 -1.45 19.65
CA ALA B 15 37.30 -0.13 20.12
C ALA B 15 36.46 1.13 19.83
N ILE B 16 36.77 1.79 18.71
CA ILE B 16 36.05 2.98 18.25
C ILE B 16 34.55 2.75 18.12
N ALA B 17 34.17 1.54 17.69
CA ALA B 17 32.77 1.17 17.55
C ALA B 17 32.04 1.21 18.89
N VAL B 18 32.62 0.54 19.88
CA VAL B 18 32.03 0.52 21.22
C VAL B 18 32.02 1.91 21.82
N ASP B 19 32.97 2.76 21.41
CA ASP B 19 33.04 4.13 21.91
C ASP B 19 31.91 4.98 21.32
N LEU B 20 31.56 4.71 20.07
CA LEU B 20 30.42 5.38 19.44
C LEU B 20 29.13 4.97 20.14
N THR B 21 29.11 3.76 20.66
CA THR B 21 27.93 3.23 21.36
C THR B 21 27.67 3.98 22.67
N LYS B 22 28.72 4.22 23.44
CA LYS B 22 28.60 4.96 24.69
C LYS B 22 28.10 6.38 24.42
N LEU B 23 28.59 6.98 23.35
CA LEU B 23 28.21 8.34 22.98
C LEU B 23 26.73 8.40 22.59
N GLU B 24 26.31 7.48 21.73
CA GLU B 24 24.93 7.44 21.27
C GLU B 24 23.95 7.34 22.44
N GLU B 25 24.34 6.58 23.47
CA GLU B 25 23.47 6.37 24.62
C GLU B 25 23.26 7.63 25.44
N LYS B 26 24.10 8.64 25.21
CA LYS B 26 23.99 9.92 25.92
C LYS B 26 22.97 10.85 25.29
N LEU B 27 22.64 10.60 24.01
CA LEU B 27 21.73 11.43 23.24
C LEU B 27 20.29 11.32 23.73
N ALA B 28 19.47 12.33 23.41
CA ALA B 28 18.03 12.22 23.66
C ALA B 28 17.49 10.95 23.03
N PRO B 29 16.53 10.29 23.70
CA PRO B 29 16.00 9.01 23.23
C PRO B 29 15.44 9.06 21.81
N ALA B 30 15.83 8.09 20.97
CA ALA B 30 15.33 8.03 19.61
C ALA B 30 14.08 7.16 19.53
N ASP B 31 13.37 7.24 18.41
CA ASP B 31 12.18 6.45 18.16
C ASP B 31 12.54 4.97 18.32
N SER B 32 11.92 4.32 19.30
CA SER B 32 12.19 2.91 19.57
C SER B 32 11.07 2.06 19.03
N PHE B 33 11.40 1.03 18.26
CA PHE B 33 10.35 0.22 17.64
C PHE B 33 9.50 -0.47 18.70
N LEU B 34 10.10 -0.80 19.83
CA LEU B 34 9.35 -1.45 20.91
C LEU B 34 8.10 -0.64 21.30
N ASP B 35 8.24 0.68 21.33
CA ASP B 35 7.12 1.54 21.73
C ASP B 35 6.03 1.62 20.67
N ARG B 36 6.36 1.20 19.45
CA ARG B 36 5.37 1.12 18.38
C ARG B 36 4.71 -0.26 18.36
N HIS B 37 5.49 -1.27 18.72
CA HIS B 37 5.00 -2.66 18.73
C HIS B 37 4.04 -2.92 19.89
N LEU B 38 4.42 -2.47 21.08
CA LEU B 38 3.54 -2.63 22.24
C LEU B 38 2.32 -1.76 22.11
N GLY B 39 1.19 -2.27 22.59
CA GLY B 39 -0.01 -1.46 22.73
C GLY B 39 0.02 -0.57 23.96
N PRO B 40 0.06 -1.18 25.16
CA PRO B 40 0.07 -0.37 26.38
C PRO B 40 1.45 0.24 26.65
N GLY B 41 1.50 1.54 26.88
CA GLY B 41 2.72 2.18 27.33
C GLY B 41 2.88 2.06 28.83
N GLU B 42 3.91 2.71 29.40
CA GLU B 42 4.22 2.52 30.81
C GLU B 42 3.07 2.91 31.74
N THR B 43 2.37 3.99 31.41
CA THR B 43 1.26 4.45 32.22
C THR B 43 0.12 3.45 32.22
N GLU B 44 -0.24 3.00 31.02
CA GLU B 44 -1.29 2.00 30.83
C GLU B 44 -0.91 0.69 31.53
N GLN B 45 0.34 0.26 31.41
CA GLN B 45 0.82 -0.94 32.12
C GLN B 45 0.66 -0.83 33.62
N ARG B 46 1.06 0.31 34.19
CA ARG B 46 0.88 0.54 35.62
C ARG B 46 -0.58 0.46 36.04
N GLN B 47 -1.47 0.98 35.21
CA GLN B 47 -2.91 0.93 35.50
C GLN B 47 -3.38 -0.52 35.53
N MET B 48 -2.94 -1.30 34.54
CA MET B 48 -3.34 -2.69 34.47
C MET B 48 -2.79 -3.48 35.65
N LEU B 49 -1.52 -3.25 35.96
CA LEU B 49 -0.89 -3.90 37.11
C LEU B 49 -1.64 -3.62 38.41
N GLN B 50 -2.09 -2.39 38.59
CA GLN B 50 -2.80 -2.06 39.82
C GLN B 50 -4.11 -2.84 39.96
N THR B 51 -4.82 -3.05 38.85
CA THR B 51 -6.06 -3.85 38.92
C THR B 51 -5.74 -5.29 39.31
N LEU B 52 -4.51 -5.72 39.00
CA LEU B 52 -4.09 -7.08 39.28
C LEU B 52 -3.45 -7.23 40.66
N GLY B 53 -3.19 -6.10 41.32
CA GLY B 53 -2.63 -6.12 42.65
C GLY B 53 -1.12 -6.29 42.68
N PHE B 54 -0.47 -5.89 41.59
CA PHE B 54 1.00 -5.86 41.54
C PHE B 54 1.48 -4.45 41.23
N ASP B 55 2.66 -4.10 41.76
CA ASP B 55 3.24 -2.79 41.51
C ASP B 55 4.06 -2.76 40.22
N THR B 56 4.72 -3.85 39.90
CA THR B 56 5.57 -3.87 38.71
C THR B 56 5.35 -5.11 37.87
N LEU B 57 5.63 -4.99 36.58
CA LEU B 57 5.49 -6.11 35.67
C LEU B 57 6.50 -7.21 36.01
N GLY B 58 7.71 -6.80 36.40
CA GLY B 58 8.73 -7.76 36.76
C GLY B 58 8.27 -8.65 37.91
N ASP B 59 7.62 -8.03 38.88
CA ASP B 59 7.17 -8.78 40.05
C ASP B 59 6.03 -9.73 39.70
N LEU B 60 5.17 -9.31 38.78
CA LEU B 60 4.06 -10.17 38.34
C LEU B 60 4.63 -11.37 37.58
N ILE B 61 5.61 -11.11 36.74
CA ILE B 61 6.18 -12.18 35.91
C ILE B 61 6.87 -13.23 36.78
N ASP B 62 7.50 -12.77 37.87
CA ASP B 62 8.10 -13.71 38.82
C ASP B 62 7.08 -14.69 39.42
N GLN B 63 5.82 -14.25 39.52
CA GLN B 63 4.78 -15.12 40.05
C GLN B 63 4.14 -15.97 38.94
N ALA B 64 4.17 -15.47 37.72
CA ALA B 64 3.56 -16.18 36.59
C ALA B 64 4.38 -17.37 36.09
N VAL B 65 5.69 -17.19 36.01
CA VAL B 65 6.57 -18.21 35.46
C VAL B 65 7.22 -19.03 36.58
N PRO B 66 7.10 -20.37 36.53
CA PRO B 66 7.74 -21.20 37.56
C PRO B 66 9.23 -20.92 37.64
N PRO B 67 9.73 -20.57 38.84
CA PRO B 67 11.14 -20.22 39.06
C PRO B 67 12.11 -21.26 38.51
N ALA B 68 11.74 -22.54 38.59
CA ALA B 68 12.64 -23.61 38.16
C ALA B 68 12.98 -23.56 36.67
N ILE B 69 12.07 -23.05 35.86
CA ILE B 69 12.29 -22.99 34.41
C ILE B 69 12.57 -21.58 33.90
N ARG B 70 12.71 -20.62 34.82
CA ARG B 70 12.94 -19.24 34.43
C ARG B 70 14.36 -19.05 33.87
N PHE B 71 14.45 -18.56 32.64
CA PHE B 71 15.73 -18.27 31.99
C PHE B 71 16.47 -17.23 32.83
N PRO B 72 17.67 -17.58 33.34
CA PRO B 72 18.32 -16.77 34.37
C PRO B 72 19.18 -15.62 33.86
N ARG B 73 19.06 -15.24 32.59
CA ARG B 73 19.87 -14.16 32.05
C ARG B 73 19.19 -13.50 30.87
N SER B 74 19.83 -12.48 30.30
CA SER B 74 19.32 -11.82 29.11
C SER B 74 19.62 -12.66 27.89
N LEU B 75 18.76 -12.57 26.89
CA LEU B 75 19.02 -13.20 25.59
C LEU B 75 20.26 -12.59 24.96
N GLN B 76 21.11 -13.44 24.38
CA GLN B 76 22.31 -12.95 23.69
C GLN B 76 21.97 -12.70 22.22
N LEU B 77 21.47 -11.49 21.95
CA LEU B 77 21.02 -11.06 20.63
C LEU B 77 21.55 -9.63 20.40
N PRO B 78 21.66 -9.22 19.13
CA PRO B 78 22.13 -7.86 18.80
C PRO B 78 21.24 -6.77 19.42
N ALA B 79 21.84 -5.67 19.86
CA ALA B 79 21.08 -4.54 20.40
C ALA B 79 20.05 -4.08 19.37
N SER B 80 18.90 -3.63 19.85
CA SER B 80 17.82 -3.18 18.97
C SER B 80 18.28 -2.10 18.01
N GLN B 81 17.71 -2.10 16.81
CA GLN B 81 17.92 -1.03 15.85
C GLN B 81 16.60 -0.33 15.59
N SER B 82 16.66 0.94 15.21
CA SER B 82 15.46 1.66 14.80
C SER B 82 14.88 1.02 13.54
N GLU B 83 13.65 1.39 13.18
CA GLU B 83 13.07 0.90 11.93
C GLU B 83 13.97 1.29 10.76
N TYR B 84 14.40 2.55 10.74
CA TYR B 84 15.26 3.07 9.67
C TYR B 84 16.60 2.32 9.60
N GLY B 85 17.20 2.08 10.76
CA GLY B 85 18.49 1.39 10.81
C GLY B 85 18.42 -0.08 10.43
N ALA B 86 17.36 -0.77 10.86
CA ALA B 86 17.20 -2.18 10.54
C ALA B 86 16.92 -2.38 9.04
N ILE B 87 16.13 -1.49 8.46
N ILE B 87 16.15 -1.48 8.45
CA ILE B 87 15.87 -1.53 7.02
CA ILE B 87 15.88 -1.54 7.02
C ILE B 87 17.18 -1.34 6.25
C ILE B 87 17.18 -1.34 6.25
N ALA B 88 17.99 -0.39 6.69
CA ALA B 88 19.27 -0.12 6.05
C ALA B 88 20.20 -1.33 6.17
N GLN B 89 20.23 -1.97 7.34
CA GLN B 89 21.06 -3.16 7.51
C GLN B 89 20.58 -4.29 6.59
N LEU B 90 19.28 -4.52 6.53
CA LEU B 90 18.76 -5.60 5.70
C LEU B 90 18.96 -5.29 4.22
N LYS B 91 18.87 -4.01 3.86
CA LYS B 91 19.10 -3.61 2.48
C LYS B 91 20.53 -3.93 2.05
N SER B 92 21.49 -3.75 2.95
CA SER B 92 22.87 -4.03 2.60
C SER B 92 23.06 -5.53 2.44
N ILE B 93 22.32 -6.32 3.22
CA ILE B 93 22.35 -7.77 3.07
C ILE B 93 21.72 -8.20 1.74
N ALA B 94 20.57 -7.60 1.44
CA ALA B 94 19.80 -7.96 0.26
C ALA B 94 20.60 -7.67 -1.00
N SER B 95 21.39 -6.60 -0.95
CA SER B 95 22.18 -6.18 -2.10
C SER B 95 23.22 -7.23 -2.49
N LYS B 96 23.46 -8.20 -1.62
CA LYS B 96 24.42 -9.26 -1.93
C LYS B 96 23.80 -10.36 -2.79
N ASN B 97 22.47 -10.40 -2.82
CA ASN B 97 21.77 -11.29 -3.75
C ASN B 97 21.88 -10.73 -5.16
N GLN B 98 21.81 -11.60 -6.17
CA GLN B 98 21.84 -11.15 -7.56
C GLN B 98 20.55 -11.58 -8.23
N VAL B 99 19.85 -10.65 -8.87
CA VAL B 99 18.61 -10.98 -9.56
C VAL B 99 18.94 -11.34 -11.01
N PHE B 100 18.96 -12.63 -11.32
CA PHE B 100 19.24 -13.11 -12.68
C PHE B 100 17.93 -13.32 -13.41
N ARG B 101 18.01 -13.53 -14.72
CA ARG B 101 16.87 -14.06 -15.46
C ARG B 101 17.00 -15.57 -15.36
N SER B 102 16.25 -16.19 -14.46
CA SER B 102 16.35 -17.64 -14.31
C SER B 102 15.36 -18.35 -15.22
N TYR B 103 15.88 -19.22 -16.09
CA TYR B 103 15.06 -20.08 -16.93
C TYR B 103 15.21 -21.53 -16.45
N ILE B 104 15.43 -21.67 -15.14
CA ILE B 104 15.69 -22.96 -14.52
C ILE B 104 14.47 -23.87 -14.53
N GLY B 105 13.30 -23.29 -14.34
CA GLY B 105 12.07 -24.07 -14.35
C GLY B 105 11.97 -24.88 -13.09
N MET B 106 11.75 -26.19 -13.24
CA MET B 106 11.61 -27.09 -12.10
C MET B 106 10.55 -26.64 -11.12
N GLY B 107 9.46 -26.07 -11.62
CA GLY B 107 8.32 -25.78 -10.77
C GLY B 107 8.19 -24.33 -10.32
N TYR B 108 9.13 -23.48 -10.73
CA TYR B 108 9.12 -22.06 -10.40
C TYR B 108 9.49 -21.28 -11.66
N TYR B 109 8.66 -20.30 -12.01
CA TYR B 109 8.78 -19.57 -13.28
C TYR B 109 8.46 -18.13 -13.00
N ASP B 110 9.35 -17.21 -13.41
CA ASP B 110 9.11 -15.79 -13.12
C ASP B 110 7.78 -15.39 -13.71
N THR B 111 7.14 -14.41 -13.09
CA THR B 111 5.78 -14.05 -13.48
C THR B 111 5.61 -12.58 -13.16
N ILE B 112 4.65 -11.94 -13.81
CA ILE B 112 4.42 -10.52 -13.57
C ILE B 112 3.25 -10.37 -12.63
N THR B 113 3.52 -9.88 -11.42
CA THR B 113 2.47 -9.56 -10.47
C THR B 113 1.91 -8.23 -10.92
N PRO B 114 0.62 -8.17 -11.28
CA PRO B 114 0.04 -6.89 -11.69
C PRO B 114 0.20 -5.90 -10.56
N PRO B 115 0.81 -4.73 -10.84
CA PRO B 115 1.06 -3.73 -9.81
C PRO B 115 -0.16 -3.45 -8.94
N VAL B 116 -1.35 -3.38 -9.53
CA VAL B 116 -2.55 -3.07 -8.75
C VAL B 116 -2.79 -4.12 -7.66
N ILE B 117 -2.46 -5.38 -7.95
CA ILE B 117 -2.59 -6.46 -6.98
C ILE B 117 -1.46 -6.39 -5.95
N GLN B 118 -0.24 -6.10 -6.40
CA GLN B 118 0.87 -5.95 -5.47
C GLN B 118 0.58 -4.87 -4.41
N ARG B 119 0.13 -3.71 -4.86
CA ARG B 119 -0.11 -2.58 -3.95
C ARG B 119 -1.31 -2.79 -3.05
N ASN B 120 -2.40 -3.28 -3.62
CA ASN B 120 -3.69 -3.27 -2.92
C ASN B 120 -4.10 -4.60 -2.30
N ILE B 121 -3.27 -5.61 -2.48
CA ILE B 121 -3.44 -6.85 -1.73
C ILE B 121 -2.17 -7.20 -0.97
N LEU B 122 -1.06 -7.46 -1.68
CA LEU B 122 0.14 -7.96 -1.00
C LEU B 122 0.72 -6.92 -0.04
N GLU B 123 0.51 -5.64 -0.35
CA GLU B 123 1.01 -4.56 0.51
C GLU B 123 -0.11 -3.80 1.23
N ASN B 124 -1.22 -4.49 1.46
CA ASN B 124 -2.39 -3.88 2.11
C ASN B 124 -2.75 -4.68 3.36
N PRO B 125 -2.55 -4.11 4.56
CA PRO B 125 -2.85 -4.86 5.79
C PRO B 125 -4.31 -5.25 5.93
N GLY B 126 -5.19 -4.56 5.19
CA GLY B 126 -6.58 -4.97 5.12
C GLY B 126 -6.75 -6.37 4.57
N TRP B 127 -5.80 -6.82 3.75
CA TRP B 127 -5.85 -8.17 3.18
C TRP B 127 -4.97 -9.19 3.89
N TYR B 128 -3.92 -8.75 4.55
CA TYR B 128 -2.99 -9.76 5.11
C TYR B 128 -3.02 -9.94 6.64
N THR B 129 -3.81 -9.16 7.36
CA THR B 129 -3.75 -9.25 8.82
C THR B 129 -4.78 -10.14 9.49
N ALA B 130 -5.92 -10.40 8.86
CA ALA B 130 -6.87 -11.33 9.49
C ALA B 130 -6.37 -12.76 9.36
N TYR B 131 -7.06 -13.71 10.00
CA TYR B 131 -6.63 -15.11 9.96
C TYR B 131 -7.69 -15.96 9.26
N THR B 132 -7.69 -17.25 9.57
CA THR B 132 -8.63 -18.20 8.98
C THR B 132 -10.06 -17.70 9.18
N PRO B 133 -10.90 -17.80 8.15
CA PRO B 133 -12.25 -17.24 8.24
C PRO B 133 -13.21 -18.06 9.12
N TYR B 134 -12.86 -18.21 10.40
CA TYR B 134 -13.68 -18.94 11.37
C TYR B 134 -15.04 -18.26 11.58
N GLN B 135 -15.05 -16.94 11.49
CA GLN B 135 -16.29 -16.16 11.63
C GLN B 135 -16.70 -15.66 10.27
N ALA B 136 -17.47 -16.46 9.54
CA ALA B 136 -17.69 -16.25 8.12
C ALA B 136 -18.37 -14.93 7.79
N GLU B 137 -19.26 -14.49 8.67
CA GLU B 137 -20.07 -13.29 8.40
C GLU B 137 -19.21 -12.03 8.26
N ILE B 138 -18.01 -12.04 8.84
CA ILE B 138 -17.09 -10.92 8.72
C ILE B 138 -15.83 -11.29 7.93
N ALA B 139 -15.97 -12.27 7.03
CA ALA B 139 -14.86 -12.67 6.18
C ALA B 139 -15.34 -12.99 4.75
N GLN B 140 -16.48 -12.44 4.36
CA GLN B 140 -17.04 -12.75 3.04
C GLN B 140 -16.14 -12.33 1.90
N GLY B 141 -15.27 -11.35 2.15
CA GLY B 141 -14.39 -10.83 1.12
C GLY B 141 -13.35 -11.85 0.72
N ARG B 142 -12.55 -12.30 1.67
CA ARG B 142 -11.56 -13.32 1.32
C ARG B 142 -12.20 -14.66 1.00
N LEU B 143 -13.35 -14.95 1.61
CA LEU B 143 -14.07 -16.16 1.25
C LEU B 143 -14.47 -16.14 -0.24
N GLU B 144 -14.89 -14.99 -0.75
CA GLU B 144 -15.22 -14.88 -2.18
C GLU B 144 -13.99 -15.05 -3.08
N ALA B 145 -12.88 -14.45 -2.69
CA ALA B 145 -11.64 -14.61 -3.44
C ALA B 145 -11.23 -16.08 -3.49
N LEU B 146 -11.41 -16.77 -2.36
CA LEU B 146 -11.11 -18.21 -2.31
C LEU B 146 -12.08 -19.03 -3.16
N LEU B 147 -13.35 -18.62 -3.19
CA LEU B 147 -14.30 -19.27 -4.08
C LEU B 147 -13.86 -19.10 -5.52
N ASN B 148 -13.38 -17.90 -5.86
CA ASN B 148 -12.86 -17.65 -7.21
C ASN B 148 -11.67 -18.55 -7.50
N PHE B 149 -10.81 -18.75 -6.49
CA PHE B 149 -9.64 -19.60 -6.64
C PHE B 149 -10.07 -21.04 -6.91
N GLN B 150 -10.99 -21.54 -6.09
CA GLN B 150 -11.51 -22.89 -6.32
C GLN B 150 -12.10 -23.03 -7.72
N THR B 151 -12.85 -22.03 -8.14
CA THR B 151 -13.49 -22.07 -9.45
C THR B 151 -12.44 -22.09 -10.56
N MET B 152 -11.41 -21.27 -10.40
CA MET B 152 -10.35 -21.20 -11.39
C MET B 152 -9.67 -22.57 -11.52
N VAL B 153 -9.37 -23.19 -10.39
CA VAL B 153 -8.71 -24.49 -10.37
C VAL B 153 -9.61 -25.58 -10.98
N MET B 154 -10.89 -25.58 -10.61
CA MET B 154 -11.82 -26.55 -11.17
C MET B 154 -11.95 -26.43 -12.69
N ASP B 155 -12.11 -25.19 -13.17
CA ASP B 155 -12.24 -24.92 -14.61
C ASP B 155 -11.01 -25.38 -15.39
N LEU B 156 -9.84 -25.05 -14.88
CA LEU B 156 -8.61 -25.38 -15.58
C LEU B 156 -8.28 -26.88 -15.52
N THR B 157 -8.49 -27.51 -14.36
CA THR B 157 -8.16 -28.93 -14.24
C THR B 157 -9.23 -29.84 -14.85
N GLY B 158 -10.45 -29.33 -14.97
CA GLY B 158 -11.56 -30.14 -15.47
C GLY B 158 -12.09 -31.11 -14.44
N LEU B 159 -11.76 -30.87 -13.17
CA LEU B 159 -12.21 -31.75 -12.09
C LEU B 159 -13.31 -31.08 -11.27
N GLU B 160 -13.99 -31.88 -10.44
CA GLU B 160 -15.28 -31.48 -9.89
C GLU B 160 -15.21 -30.63 -8.62
N ILE B 161 -14.15 -30.81 -7.83
CA ILE B 161 -14.00 -30.03 -6.61
C ILE B 161 -12.53 -29.64 -6.39
N ALA B 162 -12.30 -28.51 -5.74
CA ALA B 162 -10.94 -28.07 -5.44
C ALA B 162 -10.95 -27.43 -4.07
N ASN B 163 -9.82 -27.44 -3.38
CA ASN B 163 -9.80 -26.80 -2.07
C ASN B 163 -9.29 -25.36 -2.06
N ALA B 164 -9.14 -24.80 -0.86
CA ALA B 164 -8.76 -23.40 -0.70
C ALA B 164 -7.25 -23.21 -0.51
N SER B 165 -6.48 -24.14 -1.06
CA SER B 165 -5.00 -24.15 -1.16
C SER B 165 -4.26 -25.16 -0.28
N LEU B 166 -3.12 -25.64 -0.77
CA LEU B 166 -2.19 -26.45 0.01
C LEU B 166 -0.84 -25.72 0.01
N LEU B 167 0.16 -26.29 0.67
CA LEU B 167 1.38 -25.56 1.02
C LEU B 167 2.35 -25.33 -0.13
N ASP B 168 2.58 -26.38 -0.93
CA ASP B 168 3.43 -26.26 -2.11
C ASP B 168 3.15 -27.46 -2.99
N GLU B 169 3.79 -27.54 -4.16
CA GLU B 169 3.44 -28.59 -5.12
C GLU B 169 3.75 -30.00 -4.60
N GLY B 170 4.93 -30.17 -4.02
CA GLY B 170 5.39 -31.48 -3.60
C GLY B 170 4.54 -32.03 -2.47
N THR B 171 4.23 -31.19 -1.48
CA THR B 171 3.38 -31.66 -0.41
C THR B 171 1.96 -31.92 -0.92
N ALA B 172 1.49 -31.14 -1.88
CA ALA B 172 0.17 -31.42 -2.46
C ALA B 172 0.15 -32.80 -3.11
N ALA B 173 1.26 -33.15 -3.77
CA ALA B 173 1.37 -34.46 -4.39
C ALA B 173 1.41 -35.55 -3.32
N ALA B 174 2.08 -35.27 -2.19
CA ALA B 174 2.08 -36.21 -1.07
C ALA B 174 0.68 -36.37 -0.46
N GLU B 175 -0.07 -35.28 -0.43
CA GLU B 175 -1.46 -35.36 0.01
C GLU B 175 -2.28 -36.22 -0.96
N ALA B 176 -1.98 -36.10 -2.25
CA ALA B 176 -2.65 -36.93 -3.25
C ALA B 176 -2.32 -38.40 -3.03
N MET B 177 -1.05 -38.68 -2.70
CA MET B 177 -0.63 -40.03 -2.41
C MET B 177 -1.41 -40.57 -1.22
N ALA B 178 -1.53 -39.76 -0.17
CA ALA B 178 -2.23 -40.17 1.05
C ALA B 178 -3.71 -40.44 0.77
N LEU B 179 -4.36 -39.55 0.02
CA LEU B 179 -5.75 -39.79 -0.38
C LEU B 179 -5.88 -41.11 -1.14
N SER B 180 -5.00 -41.31 -2.11
CA SER B 180 -5.04 -42.53 -2.91
C SER B 180 -4.87 -43.77 -2.05
N TYR B 181 -4.04 -43.66 -1.02
CA TYR B 181 -3.77 -44.78 -0.13
C TYR B 181 -5.02 -45.09 0.69
N GLY B 182 -5.70 -44.04 1.15
CA GLY B 182 -6.86 -44.20 1.99
C GLY B 182 -8.03 -44.86 1.29
N VAL B 183 -8.20 -44.57 0.00
CA VAL B 183 -9.34 -45.10 -0.73
C VAL B 183 -9.06 -46.46 -1.36
N SER B 184 -7.79 -46.87 -1.40
CA SER B 184 -7.45 -48.17 -1.95
C SER B 184 -7.99 -49.30 -1.08
N LYS B 185 -8.58 -50.32 -1.72
CA LYS B 185 -9.06 -51.47 -0.98
C LYS B 185 -8.13 -52.68 -1.13
N SER B 186 -7.19 -52.58 -2.05
CA SER B 186 -6.26 -53.67 -2.28
C SER B 186 -5.16 -53.67 -1.23
N LYS B 187 -4.32 -54.70 -1.27
CA LYS B 187 -3.16 -54.75 -0.38
C LYS B 187 -1.96 -54.04 -1.01
N ALA B 188 -2.19 -53.31 -2.10
CA ALA B 188 -1.11 -52.62 -2.80
C ALA B 188 -0.43 -51.63 -1.88
N ASN B 189 0.89 -51.65 -1.89
CA ASN B 189 1.68 -50.85 -0.97
C ASN B 189 2.61 -49.91 -1.74
N ALA B 190 2.57 -49.97 -3.07
CA ALA B 190 3.48 -49.18 -3.89
C ALA B 190 2.79 -48.00 -4.56
N PHE B 191 3.50 -46.88 -4.64
CA PHE B 191 3.02 -45.68 -5.31
C PHE B 191 4.04 -45.36 -6.40
N PHE B 192 3.58 -45.28 -7.64
CA PHE B 192 4.49 -45.00 -8.76
C PHE B 192 4.63 -43.50 -8.95
N VAL B 193 5.88 -43.05 -9.06
CA VAL B 193 6.16 -41.64 -9.31
C VAL B 193 7.00 -41.53 -10.58
N ALA B 194 6.48 -40.87 -11.60
CA ALA B 194 7.21 -40.74 -12.86
C ALA B 194 8.56 -40.05 -12.62
N GLN B 195 9.62 -40.57 -13.24
CA GLN B 195 10.95 -40.03 -13.02
C GLN B 195 11.11 -38.62 -13.58
N ASP B 196 10.16 -38.18 -14.40
CA ASP B 196 10.21 -36.81 -14.88
C ASP B 196 9.28 -35.87 -14.10
N CYS B 197 8.88 -36.27 -12.90
CA CYS B 197 8.36 -35.28 -11.95
C CYS B 197 9.51 -34.38 -11.53
N HIS B 198 9.20 -33.18 -11.04
CA HIS B 198 10.26 -32.31 -10.51
C HIS B 198 10.98 -33.05 -9.40
N PRO B 199 12.32 -32.95 -9.37
CA PRO B 199 13.05 -33.83 -8.45
C PRO B 199 12.76 -33.54 -6.98
N GLN B 200 12.50 -32.28 -6.64
CA GLN B 200 12.12 -31.96 -5.26
C GLN B 200 10.76 -32.59 -4.91
N THR B 201 9.89 -32.75 -5.91
CA THR B 201 8.60 -33.38 -5.66
C THR B 201 8.85 -34.84 -5.30
N ILE B 202 9.75 -35.48 -6.04
CA ILE B 202 10.06 -36.88 -5.77
C ILE B 202 10.58 -37.04 -4.33
N GLU B 203 11.48 -36.15 -3.91
CA GLU B 203 12.05 -36.31 -2.57
C GLU B 203 11.04 -36.05 -1.46
N VAL B 204 10.15 -35.07 -1.64
CA VAL B 204 9.07 -34.83 -0.67
C VAL B 204 8.19 -36.08 -0.54
N ILE B 205 7.91 -36.72 -1.67
N ILE B 205 7.90 -36.71 -1.68
CA ILE B 205 7.07 -37.91 -1.65
CA ILE B 205 7.09 -37.92 -1.71
C ILE B 205 7.76 -39.09 -0.98
C ILE B 205 7.77 -39.07 -0.99
N LYS B 206 9.03 -39.30 -1.30
CA LYS B 206 9.80 -40.36 -0.66
C LYS B 206 9.88 -40.12 0.85
N THR B 207 10.04 -38.86 1.24
CA THR B 207 10.14 -38.54 2.67
C THR B 207 8.83 -38.81 3.41
N ARG B 208 7.70 -38.54 2.75
CA ARG B 208 6.40 -38.82 3.34
C ARG B 208 6.10 -40.32 3.32
N ALA B 209 6.57 -41.00 2.28
CA ALA B 209 6.31 -42.45 2.19
C ALA B 209 7.10 -43.27 3.21
N ASN B 210 8.30 -42.83 3.54
N ASN B 210 8.28 -42.80 3.55
CA ASN B 210 9.19 -43.61 4.42
CA ASN B 210 9.20 -43.56 4.40
C ASN B 210 8.58 -44.10 5.73
C ASN B 210 8.64 -44.07 5.73
N PRO B 211 8.02 -43.18 6.54
CA PRO B 211 7.53 -43.65 7.85
C PRO B 211 6.29 -44.52 7.77
N LEU B 212 5.61 -44.52 6.63
CA LEU B 212 4.41 -45.31 6.43
C LEU B 212 4.70 -46.67 5.79
N GLY B 213 5.96 -46.90 5.43
CA GLY B 213 6.35 -48.16 4.80
C GLY B 213 5.82 -48.29 3.38
N ILE B 214 5.46 -47.17 2.78
CA ILE B 214 5.00 -47.16 1.40
C ILE B 214 6.19 -47.25 0.46
N GLU B 215 6.15 -48.20 -0.47
CA GLU B 215 7.22 -48.33 -1.48
C GLU B 215 7.02 -47.32 -2.61
N VAL B 216 8.00 -46.45 -2.83
CA VAL B 216 7.90 -45.50 -3.93
C VAL B 216 8.70 -46.02 -5.10
N ILE B 217 8.04 -46.22 -6.22
CA ILE B 217 8.71 -46.69 -7.43
C ILE B 217 8.88 -45.48 -8.36
N VAL B 218 10.12 -45.15 -8.68
CA VAL B 218 10.44 -43.99 -9.50
C VAL B 218 11.00 -44.47 -10.84
N GLY B 219 10.33 -44.14 -11.94
CA GLY B 219 10.77 -44.64 -13.24
C GLY B 219 10.07 -43.99 -14.42
N ASP B 220 10.47 -44.38 -15.62
CA ASP B 220 9.84 -43.88 -16.85
C ASP B 220 8.40 -44.38 -16.95
N HIS B 221 7.44 -43.46 -17.01
CA HIS B 221 6.04 -43.86 -17.15
C HIS B 221 5.79 -44.70 -18.40
N HIS B 222 6.57 -44.50 -19.46
CA HIS B 222 6.35 -45.27 -20.69
C HIS B 222 6.57 -46.77 -20.48
N THR B 223 7.50 -47.10 -19.59
CA THR B 223 7.94 -48.50 -19.46
C THR B 223 7.53 -49.14 -18.13
N PHE B 224 6.74 -48.44 -17.32
CA PHE B 224 6.24 -49.05 -16.10
C PHE B 224 5.38 -50.25 -16.46
N SER B 225 5.66 -51.40 -15.84
CA SER B 225 5.06 -52.67 -16.26
C SER B 225 3.73 -53.00 -15.60
N PHE B 226 3.44 -52.35 -14.47
CA PHE B 226 2.26 -52.62 -13.66
C PHE B 226 2.29 -54.04 -13.08
N SER B 227 3.49 -54.62 -13.01
CA SER B 227 3.68 -55.95 -12.43
C SER B 227 3.58 -55.91 -10.92
N THR B 228 4.19 -54.88 -10.34
CA THR B 228 4.09 -54.63 -8.91
C THR B 228 2.80 -53.85 -8.67
N SER B 229 1.98 -54.32 -7.73
CA SER B 229 0.70 -53.68 -7.45
C SER B 229 0.89 -52.28 -6.88
N ILE B 230 0.18 -51.32 -7.44
CA ILE B 230 0.24 -49.94 -6.95
C ILE B 230 -1.15 -49.47 -6.55
N PHE B 231 -1.21 -48.51 -5.64
CA PHE B 231 -2.50 -47.94 -5.26
C PHE B 231 -2.69 -46.58 -5.93
N GLY B 232 -1.60 -46.06 -6.49
CA GLY B 232 -1.64 -44.74 -7.10
C GLY B 232 -0.41 -44.47 -7.95
N ALA B 233 -0.52 -43.45 -8.79
CA ALA B 233 0.58 -43.05 -9.65
C ALA B 233 0.55 -41.55 -9.81
N LEU B 234 1.74 -40.96 -9.92
CA LEU B 234 1.88 -39.52 -10.09
C LEU B 234 2.63 -39.21 -11.37
N LEU B 235 2.05 -38.37 -12.23
CA LEU B 235 2.66 -38.02 -13.51
C LEU B 235 2.76 -36.50 -13.60
N GLN B 236 3.77 -35.99 -14.32
CA GLN B 236 4.04 -34.54 -14.35
C GLN B 236 3.65 -34.02 -15.73
N TYR B 237 2.92 -32.90 -15.79
CA TYR B 237 2.27 -32.45 -17.02
C TYR B 237 2.31 -30.92 -17.14
N PRO B 238 3.20 -30.38 -18.00
CA PRO B 238 4.25 -31.06 -18.76
C PRO B 238 5.34 -31.58 -17.82
N ALA B 239 6.21 -32.43 -18.33
CA ALA B 239 7.24 -33.07 -17.52
C ALA B 239 8.30 -32.07 -17.06
N THR B 240 9.19 -32.48 -16.17
CA THR B 240 10.16 -31.55 -15.61
C THR B 240 11.16 -31.12 -16.67
N ASP B 241 11.40 -31.96 -17.67
CA ASP B 241 12.30 -31.59 -18.76
C ASP B 241 11.53 -30.94 -19.92
N GLY B 242 10.24 -30.69 -19.71
CA GLY B 242 9.44 -29.93 -20.65
C GLY B 242 8.51 -30.73 -21.54
N ALA B 243 8.76 -32.02 -21.67
CA ALA B 243 8.02 -32.85 -22.63
C ALA B 243 6.54 -32.96 -22.27
N VAL B 244 5.68 -32.84 -23.29
CA VAL B 244 4.24 -33.02 -23.11
C VAL B 244 3.87 -34.38 -23.64
N TYR B 245 3.34 -35.23 -22.77
CA TYR B 245 2.95 -36.58 -23.15
C TYR B 245 1.44 -36.74 -23.13
N ASP B 246 0.93 -37.65 -23.95
CA ASP B 246 -0.45 -38.11 -23.88
C ASP B 246 -0.52 -39.22 -22.82
N TYR B 247 -1.13 -38.92 -21.68
CA TYR B 247 -1.15 -39.87 -20.58
C TYR B 247 -2.37 -40.80 -20.54
N ARG B 248 -3.22 -40.73 -21.57
CA ARG B 248 -4.48 -41.50 -21.53
C ARG B 248 -4.29 -43.01 -21.38
N SER B 249 -3.36 -43.59 -22.11
CA SER B 249 -3.17 -45.04 -22.05
C SER B 249 -2.60 -45.48 -20.69
N PHE B 250 -1.67 -44.70 -20.14
CA PHE B 250 -1.16 -44.99 -18.81
C PHE B 250 -2.28 -44.95 -17.78
N ILE B 251 -3.08 -43.88 -17.84
CA ILE B 251 -4.22 -43.72 -16.95
C ILE B 251 -5.21 -44.88 -17.05
N ASP B 252 -5.50 -45.32 -18.28
CA ASP B 252 -6.40 -46.45 -18.47
C ASP B 252 -5.84 -47.73 -17.84
N LYS B 253 -4.55 -47.98 -18.04
CA LYS B 253 -3.91 -49.17 -17.46
C LYS B 253 -3.90 -49.07 -15.94
N ALA B 254 -3.61 -47.89 -15.41
CA ALA B 254 -3.58 -47.73 -13.97
C ALA B 254 -4.95 -48.05 -13.35
N HIS B 255 -5.99 -47.57 -14.01
CA HIS B 255 -7.36 -47.84 -13.56
C HIS B 255 -7.69 -49.32 -13.64
N GLN B 256 -7.19 -50.00 -14.67
CA GLN B 256 -7.37 -51.45 -14.78
C GLN B 256 -6.66 -52.16 -13.63
N HIS B 257 -5.70 -51.49 -13.02
CA HIS B 257 -4.98 -52.03 -11.88
C HIS B 257 -5.41 -51.38 -10.55
N GLN B 258 -6.62 -50.81 -10.55
CA GLN B 258 -7.25 -50.22 -9.36
C GLN B 258 -6.43 -49.13 -8.68
N ALA B 259 -5.70 -48.34 -9.46
CA ALA B 259 -4.91 -47.26 -8.90
C ALA B 259 -5.49 -45.92 -9.29
N LEU B 260 -5.41 -44.94 -8.39
CA LEU B 260 -5.78 -43.57 -8.74
C LEU B 260 -4.57 -42.90 -9.38
N VAL B 261 -4.81 -42.07 -10.40
CA VAL B 261 -3.73 -41.30 -11.02
C VAL B 261 -3.85 -39.83 -10.68
N THR B 262 -2.74 -39.25 -10.22
CA THR B 262 -2.65 -37.82 -9.95
C THR B 262 -1.77 -37.22 -11.03
N LEU B 263 -2.21 -36.11 -11.61
CA LEU B 263 -1.33 -35.33 -12.48
C LEU B 263 -0.91 -34.08 -11.72
N ALA B 264 0.40 -33.86 -11.65
CA ALA B 264 0.92 -32.58 -11.17
C ALA B 264 0.96 -31.71 -12.42
N ALA B 265 -0.01 -30.81 -12.55
CA ALA B 265 -0.23 -30.14 -13.83
C ALA B 265 -0.05 -28.64 -13.72
N ASP B 266 0.80 -28.10 -14.59
CA ASP B 266 1.04 -26.65 -14.64
C ASP B 266 -0.25 -25.96 -15.06
N PRO B 267 -0.81 -25.09 -14.20
CA PRO B 267 -2.15 -24.56 -14.48
C PRO B 267 -2.18 -23.53 -15.61
N LEU B 268 -1.05 -22.88 -15.88
CA LEU B 268 -1.00 -21.99 -17.03
C LEU B 268 -1.01 -22.80 -18.33
N SER B 269 -0.30 -23.93 -18.33
CA SER B 269 -0.27 -24.78 -19.52
C SER B 269 -1.66 -25.33 -19.85
N LEU B 270 -2.52 -25.42 -18.85
CA LEU B 270 -3.87 -25.96 -19.04
C LEU B 270 -4.82 -25.01 -19.79
N THR B 271 -4.38 -23.78 -20.05
CA THR B 271 -5.14 -22.91 -20.95
C THR B 271 -5.03 -23.42 -22.38
N LEU B 272 -3.99 -24.19 -22.66
CA LEU B 272 -3.73 -24.74 -24.00
C LEU B 272 -3.90 -26.26 -24.09
N LEU B 273 -3.49 -26.96 -23.05
CA LEU B 273 -3.44 -28.43 -23.08
C LEU B 273 -4.69 -29.10 -22.52
N THR B 274 -5.03 -30.26 -23.09
CA THR B 274 -6.15 -31.07 -22.60
C THR B 274 -5.92 -31.32 -21.12
N PRO B 275 -6.92 -30.98 -20.29
CA PRO B 275 -6.75 -31.00 -18.83
C PRO B 275 -6.90 -32.37 -18.20
N PRO B 276 -6.39 -32.54 -16.96
CA PRO B 276 -6.43 -33.81 -16.23
C PRO B 276 -7.82 -34.47 -16.21
N GLY B 277 -8.88 -33.71 -15.99
CA GLY B 277 -10.22 -34.28 -15.91
C GLY B 277 -10.61 -35.00 -17.20
N GLU B 278 -10.30 -34.37 -18.34
CA GLU B 278 -10.63 -34.95 -19.65
C GLU B 278 -9.74 -36.13 -20.01
N LEU B 279 -8.55 -36.17 -19.43
CA LEU B 279 -7.62 -37.27 -19.64
C LEU B 279 -7.97 -38.50 -18.81
N GLY B 280 -8.84 -38.33 -17.81
CA GLY B 280 -9.27 -39.44 -16.99
C GLY B 280 -8.56 -39.48 -15.64
N ALA B 281 -7.76 -38.46 -15.37
CA ALA B 281 -7.06 -38.35 -14.08
C ALA B 281 -8.04 -38.25 -12.92
N ASP B 282 -7.62 -38.78 -11.76
CA ASP B 282 -8.49 -38.79 -10.58
C ASP B 282 -8.25 -37.60 -9.67
N ILE B 283 -7.02 -37.11 -9.68
CA ILE B 283 -6.61 -35.99 -8.86
C ILE B 283 -5.68 -35.12 -9.70
N ALA B 284 -5.74 -33.80 -9.49
CA ALA B 284 -4.74 -32.91 -10.06
C ALA B 284 -4.16 -32.01 -8.98
N VAL B 285 -2.84 -31.85 -8.97
CA VAL B 285 -2.17 -30.95 -8.04
C VAL B 285 -1.21 -30.07 -8.81
N GLY B 286 -0.74 -29.00 -8.18
CA GLY B 286 0.25 -28.15 -8.80
C GLY B 286 0.44 -26.86 -8.02
N SER B 287 1.31 -25.99 -8.53
CA SER B 287 1.48 -24.67 -7.93
C SER B 287 0.73 -23.62 -8.74
N THR B 288 0.16 -22.64 -8.06
CA THR B 288 -0.41 -21.49 -8.78
C THR B 288 0.57 -20.33 -8.74
N GLN B 289 1.84 -20.61 -8.47
CA GLN B 289 2.86 -19.57 -8.36
C GLN B 289 2.93 -18.67 -9.59
N ARG B 290 2.79 -19.25 -10.78
CA ARG B 290 2.96 -18.41 -11.96
C ARG B 290 1.69 -17.65 -12.35
N PHE B 291 0.68 -17.70 -11.48
CA PHE B 291 -0.41 -16.76 -11.58
C PHE B 291 -0.08 -15.50 -10.79
N GLY B 292 1.07 -14.90 -11.10
CA GLY B 292 1.44 -13.60 -10.55
C GLY B 292 1.97 -13.57 -9.13
N ILE B 293 2.52 -14.68 -8.66
CA ILE B 293 3.10 -14.72 -7.30
C ILE B 293 4.62 -14.69 -7.40
N PRO B 294 5.29 -13.80 -6.63
CA PRO B 294 6.75 -13.71 -6.73
C PRO B 294 7.43 -15.08 -6.51
N LEU B 295 8.55 -15.31 -7.20
CA LEU B 295 9.36 -16.51 -7.00
C LEU B 295 9.64 -16.73 -5.50
N GLY B 296 9.97 -15.64 -4.80
CA GLY B 296 10.06 -15.67 -3.35
C GLY B 296 11.17 -16.57 -2.80
N TYR B 297 12.12 -16.92 -3.65
CA TYR B 297 13.17 -17.87 -3.28
C TYR B 297 12.59 -19.14 -2.69
N GLY B 298 11.42 -19.53 -3.18
CA GLY B 298 10.78 -20.77 -2.75
C GLY B 298 9.33 -20.61 -2.36
N GLY B 299 8.97 -19.42 -1.90
CA GLY B 299 7.58 -19.19 -1.55
C GLY B 299 7.41 -17.89 -0.81
N PRO B 300 6.18 -17.63 -0.34
CA PRO B 300 5.02 -18.54 -0.35
C PRO B 300 4.24 -18.54 -1.66
N HIS B 301 3.71 -19.70 -2.04
CA HIS B 301 2.82 -19.83 -3.19
C HIS B 301 1.72 -20.80 -2.82
N ALA B 302 0.49 -20.56 -3.30
CA ALA B 302 -0.58 -21.51 -3.04
C ALA B 302 -0.55 -22.69 -4.02
N ALA B 303 -0.51 -23.90 -3.47
CA ALA B 303 -0.65 -25.08 -4.30
C ALA B 303 -2.13 -25.39 -4.44
N TYR B 304 -2.51 -26.05 -5.53
CA TYR B 304 -3.91 -26.46 -5.68
C TYR B 304 -4.07 -27.98 -5.55
N PHE B 305 -5.31 -28.40 -5.27
CA PHE B 305 -5.64 -29.82 -5.14
C PHE B 305 -7.06 -29.98 -5.62
N ALA B 306 -7.24 -30.73 -6.71
CA ALA B 306 -8.57 -30.92 -7.29
C ALA B 306 -8.84 -32.39 -7.49
N THR B 307 -10.09 -32.81 -7.34
CA THR B 307 -10.41 -34.21 -7.51
C THR B 307 -11.87 -34.43 -7.88
N LYS B 308 -12.28 -35.69 -7.94
CA LYS B 308 -13.66 -36.04 -8.26
C LYS B 308 -14.57 -35.89 -7.04
N ALA B 309 -15.85 -35.60 -7.26
CA ALA B 309 -16.77 -35.27 -6.17
C ALA B 309 -16.93 -36.41 -5.16
N GLU B 310 -16.73 -37.64 -5.60
CA GLU B 310 -16.89 -38.81 -4.72
C GLU B 310 -15.86 -38.83 -3.58
N TYR B 311 -14.71 -38.18 -3.79
CA TYR B 311 -13.63 -38.16 -2.81
C TYR B 311 -13.68 -36.92 -1.93
N GLN B 312 -14.84 -36.26 -1.88
CA GLN B 312 -14.94 -34.96 -1.23
C GLN B 312 -14.74 -34.98 0.28
N ARG B 313 -15.22 -36.02 0.95
CA ARG B 313 -15.02 -36.11 2.38
C ARG B 313 -13.57 -36.52 2.66
N LYS B 314 -12.86 -36.91 1.60
CA LYS B 314 -11.47 -37.33 1.70
C LYS B 314 -10.48 -36.19 1.40
N MET B 315 -10.99 -35.06 0.94
CA MET B 315 -10.15 -33.91 0.56
C MET B 315 -9.34 -33.34 1.74
N PRO B 316 -8.04 -33.10 1.53
CA PRO B 316 -7.27 -32.43 2.57
C PRO B 316 -7.56 -30.94 2.57
N GLY B 317 -7.36 -30.28 3.71
CA GLY B 317 -7.43 -28.83 3.76
C GLY B 317 -8.83 -28.27 3.86
N ARG B 318 -8.95 -26.98 3.62
CA ARG B 318 -10.21 -26.28 3.79
C ARG B 318 -10.90 -26.07 2.44
N ILE B 319 -12.21 -25.95 2.47
N ILE B 319 -12.22 -25.97 2.46
CA ILE B 319 -12.96 -25.71 1.25
CA ILE B 319 -12.99 -25.75 1.24
C ILE B 319 -14.06 -24.69 1.50
C ILE B 319 -14.08 -24.71 1.49
N VAL B 320 -14.22 -23.75 0.58
CA VAL B 320 -15.27 -22.73 0.69
C VAL B 320 -16.51 -23.25 0.00
N GLY B 321 -17.66 -23.18 0.68
CA GLY B 321 -18.91 -23.56 0.06
C GLY B 321 -19.92 -22.44 0.10
N VAL B 322 -20.85 -22.44 -0.85
CA VAL B 322 -21.91 -21.46 -0.87
C VAL B 322 -23.05 -21.94 0.01
N SER B 323 -23.51 -21.08 0.92
CA SER B 323 -24.68 -21.39 1.72
C SER B 323 -25.64 -20.22 1.63
N LYS B 324 -26.46 -20.03 2.65
CA LYS B 324 -27.37 -18.90 2.69
C LYS B 324 -27.41 -18.37 4.09
N ASP B 325 -27.77 -17.10 4.24
CA ASP B 325 -27.84 -16.51 5.57
C ASP B 325 -29.26 -16.54 6.10
N ALA B 326 -29.47 -15.91 7.26
CA ALA B 326 -30.77 -15.94 7.91
C ALA B 326 -31.88 -15.33 7.05
N HIS B 327 -31.52 -14.36 6.20
CA HIS B 327 -32.52 -13.68 5.37
C HIS B 327 -32.76 -14.39 4.03
N GLY B 328 -32.06 -15.50 3.81
CA GLY B 328 -32.21 -16.27 2.57
C GLY B 328 -31.24 -15.86 1.48
N ASN B 329 -30.35 -14.92 1.79
CA ASN B 329 -29.40 -14.43 0.80
C ASN B 329 -28.15 -15.30 0.73
N PRO B 330 -27.52 -15.36 -0.45
CA PRO B 330 -26.32 -16.21 -0.57
C PRO B 330 -25.18 -15.71 0.30
N ALA B 331 -24.40 -16.65 0.83
CA ALA B 331 -23.31 -16.33 1.72
C ALA B 331 -22.34 -17.49 1.74
N LEU B 332 -21.06 -17.19 1.94
CA LEU B 332 -20.00 -18.17 1.88
C LEU B 332 -19.55 -18.58 3.28
N ARG B 333 -19.00 -19.79 3.39
CA ARG B 333 -18.43 -20.27 4.65
C ARG B 333 -17.49 -21.43 4.38
N LEU B 334 -16.59 -21.71 5.31
CA LEU B 334 -15.77 -22.92 5.23
C LEU B 334 -16.70 -24.10 5.44
N ALA B 335 -16.59 -25.11 4.58
CA ALA B 335 -17.53 -26.23 4.60
C ALA B 335 -16.86 -27.53 5.04
N LEU B 336 -17.67 -28.49 5.47
CA LEU B 336 -17.22 -29.87 5.74
C LEU B 336 -16.07 -29.94 6.75
N GLN B 337 -16.25 -29.30 7.90
CA GLN B 337 -15.22 -29.28 8.94
C GLN B 337 -14.92 -30.67 9.48
N THR B 349 -7.20 -37.02 7.66
CA THR B 349 -5.96 -37.63 8.13
C THR B 349 -4.73 -36.74 7.88
N SER B 350 -4.90 -35.68 7.09
CA SER B 350 -3.80 -34.73 6.89
C SER B 350 -3.66 -33.87 8.14
N ASN B 351 -2.44 -33.41 8.40
CA ASN B 351 -2.20 -32.55 9.55
C ASN B 351 -2.28 -31.06 9.21
N ILE B 352 -2.59 -30.73 7.96
CA ILE B 352 -2.52 -29.34 7.53
C ILE B 352 -3.52 -28.44 8.28
N CYS B 353 -3.05 -27.27 8.70
CA CYS B 353 -3.88 -26.27 9.35
C CYS B 353 -3.76 -24.96 8.58
N THR B 354 -2.82 -24.11 9.00
CA THR B 354 -2.52 -22.90 8.23
C THR B 354 -2.12 -23.32 6.83
N ALA B 355 -2.65 -22.64 5.83
CA ALA B 355 -2.36 -22.97 4.44
C ALA B 355 -1.68 -21.79 3.73
N GLN B 356 -2.20 -21.40 2.58
CA GLN B 356 -1.65 -20.29 1.79
C GLN B 356 -2.70 -19.31 1.29
N VAL B 357 -3.67 -18.96 2.14
CA VAL B 357 -4.80 -18.13 1.72
C VAL B 357 -4.44 -16.83 0.97
N LEU B 358 -3.54 -16.02 1.54
CA LEU B 358 -3.22 -14.72 0.91
C LEU B 358 -2.75 -14.92 -0.53
N LEU B 359 -1.97 -15.97 -0.75
CA LEU B 359 -1.42 -16.22 -2.08
C LEU B 359 -2.45 -16.84 -3.01
N ALA B 360 -3.42 -17.56 -2.44
CA ALA B 360 -4.54 -18.03 -3.25
C ALA B 360 -5.39 -16.86 -3.70
N VAL B 361 -5.57 -15.87 -2.82
CA VAL B 361 -6.28 -14.66 -3.17
C VAL B 361 -5.57 -13.95 -4.31
N MET B 362 -4.25 -13.84 -4.21
CA MET B 362 -3.48 -13.19 -5.27
C MET B 362 -3.62 -13.93 -6.59
N ALA B 363 -3.52 -15.25 -6.54
CA ALA B 363 -3.60 -16.02 -7.78
C ALA B 363 -4.99 -15.93 -8.40
N SER B 364 -6.02 -15.89 -7.58
CA SER B 364 -7.38 -15.78 -8.13
C SER B 364 -7.59 -14.39 -8.73
N MET B 365 -7.03 -13.36 -8.10
CA MET B 365 -7.14 -12.01 -8.66
C MET B 365 -6.39 -11.88 -9.98
N TYR B 366 -5.30 -12.62 -10.13
CA TYR B 366 -4.59 -12.68 -11.41
C TYR B 366 -5.52 -13.24 -12.48
N GLY B 367 -6.27 -14.28 -12.12
CA GLY B 367 -7.24 -14.87 -13.03
C GLY B 367 -8.39 -13.91 -13.35
N VAL B 368 -8.88 -13.22 -12.33
CA VAL B 368 -9.93 -12.23 -12.51
C VAL B 368 -9.47 -11.10 -13.44
N TYR B 369 -8.24 -10.63 -13.24
CA TYR B 369 -7.75 -9.47 -13.98
C TYR B 369 -7.41 -9.79 -15.42
N HIS B 370 -6.87 -10.98 -15.67
CA HIS B 370 -6.51 -11.38 -17.03
C HIS B 370 -7.68 -12.01 -17.78
N GLY B 371 -8.54 -12.73 -17.06
CA GLY B 371 -9.66 -13.41 -17.71
C GLY B 371 -9.17 -14.60 -18.53
N SER B 372 -10.10 -15.35 -19.10
CA SER B 372 -9.72 -16.53 -19.87
C SER B 372 -8.89 -16.16 -21.10
N THR B 373 -9.29 -15.11 -21.79
CA THR B 373 -8.56 -14.67 -22.98
C THR B 373 -7.17 -14.18 -22.65
N GLY B 374 -7.06 -13.35 -21.62
CA GLY B 374 -5.77 -12.85 -21.17
C GLY B 374 -4.81 -13.94 -20.72
N LEU B 375 -5.31 -14.91 -19.95
CA LEU B 375 -4.47 -16.01 -19.50
C LEU B 375 -3.98 -16.84 -20.67
N LYS B 376 -4.89 -17.13 -21.59
CA LYS B 376 -4.52 -17.94 -22.75
C LYS B 376 -3.46 -17.22 -23.59
N ASN B 377 -3.63 -15.92 -23.76
CA ASN B 377 -2.63 -15.15 -24.51
C ASN B 377 -1.27 -15.14 -23.85
N ILE B 378 -1.23 -15.10 -22.52
CA ILE B 378 0.04 -15.20 -21.81
C ILE B 378 0.70 -16.55 -22.11
N ALA B 379 -0.08 -17.63 -22.04
CA ALA B 379 0.44 -18.96 -22.34
C ALA B 379 0.82 -19.14 -23.83
N LEU B 380 0.01 -18.59 -24.72
CA LEU B 380 0.28 -18.71 -26.15
C LEU B 380 1.60 -18.04 -26.49
N ARG B 381 1.79 -16.86 -25.93
CA ARG B 381 2.99 -16.08 -26.18
C ARG B 381 4.24 -16.78 -25.64
N ILE B 382 4.17 -17.29 -24.42
CA ILE B 382 5.27 -18.07 -23.88
C ILE B 382 5.59 -19.25 -24.79
N HIS B 383 4.55 -19.94 -25.25
CA HIS B 383 4.76 -21.11 -26.10
C HIS B 383 5.36 -20.71 -27.45
N GLN B 384 4.87 -19.61 -28.02
CA GLN B 384 5.39 -19.15 -29.30
C GLN B 384 6.86 -18.80 -29.19
N LEU B 385 7.24 -18.13 -28.10
CA LEU B 385 8.64 -17.76 -27.87
C LEU B 385 9.50 -19.01 -27.69
N THR B 386 8.93 -20.02 -27.05
CA THR B 386 9.65 -21.27 -26.85
C THR B 386 9.85 -22.00 -28.19
N VAL B 387 8.85 -21.97 -29.06
CA VAL B 387 8.99 -22.61 -30.37
C VAL B 387 10.03 -21.87 -31.21
N LEU B 388 9.96 -20.53 -31.19
CA LEU B 388 10.98 -19.69 -31.83
C LEU B 388 12.38 -20.03 -31.34
N LEU B 389 12.52 -20.12 -30.02
CA LEU B 389 13.80 -20.45 -29.40
C LEU B 389 14.33 -21.78 -29.94
N ALA B 390 13.47 -22.80 -29.96
CA ALA B 390 13.86 -24.13 -30.46
C ALA B 390 14.28 -24.11 -31.94
N ILE B 391 13.53 -23.41 -32.77
CA ILE B 391 13.88 -23.34 -34.19
C ILE B 391 15.27 -22.75 -34.40
N GLY B 392 15.56 -21.68 -33.67
CA GLY B 392 16.88 -21.06 -33.72
C GLY B 392 17.98 -21.95 -33.20
N LEU B 393 17.73 -22.64 -32.09
CA LEU B 393 18.70 -23.59 -31.54
C LEU B 393 18.98 -24.72 -32.53
N LYS B 394 17.93 -25.16 -33.23
CA LYS B 394 18.08 -26.18 -34.27
C LYS B 394 19.00 -25.71 -35.38
N ARG B 395 18.80 -24.46 -35.82
CA ARG B 395 19.62 -23.88 -36.88
C ARG B 395 21.08 -23.77 -36.44
N LEU B 396 21.29 -23.81 -35.13
CA LEU B 396 22.64 -23.76 -34.57
C LEU B 396 23.19 -25.16 -34.35
N ASN B 397 22.49 -26.16 -34.88
CA ASN B 397 22.89 -27.57 -34.85
C ASN B 397 22.73 -28.29 -33.52
N TYR B 398 21.94 -27.73 -32.61
CA TYR B 398 21.70 -28.39 -31.34
C TYR B 398 20.59 -29.42 -31.46
N SER B 399 20.56 -30.38 -30.54
CA SER B 399 19.56 -31.44 -30.59
C SER B 399 18.38 -31.09 -29.68
N LEU B 400 17.18 -31.08 -30.24
CA LEU B 400 15.99 -30.72 -29.47
C LEU B 400 15.18 -31.97 -29.16
N ASN B 401 15.09 -32.33 -27.89
CA ASN B 401 14.62 -33.67 -27.52
C ASN B 401 13.11 -33.78 -27.27
N ASN B 402 12.48 -32.69 -26.86
CA ASN B 402 11.03 -32.71 -26.63
C ASN B 402 10.26 -32.64 -27.94
N ASP B 403 9.43 -33.65 -28.18
CA ASP B 403 8.57 -33.65 -29.36
C ASP B 403 7.54 -32.53 -29.23
N TYR B 404 6.91 -32.45 -28.07
CA TYR B 404 6.00 -31.34 -27.77
C TYR B 404 6.33 -30.77 -26.42
N PHE B 405 6.07 -29.48 -26.26
CA PHE B 405 6.43 -28.79 -25.03
C PHE B 405 5.49 -27.61 -24.85
N PHE B 406 5.45 -27.08 -23.64
CA PHE B 406 4.75 -25.83 -23.40
C PHE B 406 5.79 -24.70 -23.41
N ASP B 407 6.58 -24.61 -22.35
CA ASP B 407 7.50 -23.49 -22.17
C ASP B 407 8.95 -23.94 -21.98
N THR B 408 9.19 -25.23 -22.09
CA THR B 408 10.46 -25.78 -21.61
C THR B 408 11.10 -26.71 -22.63
N LEU B 409 12.35 -26.40 -22.96
CA LEU B 409 13.12 -27.16 -23.92
C LEU B 409 14.17 -28.02 -23.23
N ARG B 410 14.39 -29.19 -23.78
CA ARG B 410 15.52 -30.04 -23.40
C ARG B 410 16.49 -29.96 -24.57
N VAL B 411 17.67 -29.41 -24.33
CA VAL B 411 18.60 -29.13 -25.43
C VAL B 411 19.88 -29.97 -25.32
N GLY B 412 20.14 -30.77 -26.35
CA GLY B 412 21.34 -31.60 -26.39
C GLY B 412 22.53 -30.82 -26.94
N VAL B 413 23.54 -30.62 -26.10
CA VAL B 413 24.67 -29.80 -26.51
C VAL B 413 25.99 -30.57 -26.53
N GLY B 414 26.01 -31.72 -25.88
CA GLY B 414 27.25 -32.49 -25.76
C GLY B 414 27.99 -32.10 -24.48
N GLU B 415 28.71 -33.04 -23.89
CA GLU B 415 29.37 -32.80 -22.60
C GLU B 415 30.33 -31.61 -22.66
N GLN B 416 31.02 -31.48 -23.79
CA GLN B 416 32.06 -30.46 -23.93
C GLN B 416 31.50 -29.03 -23.89
N SER B 417 30.35 -28.83 -24.55
CA SER B 417 29.79 -27.48 -24.68
C SER B 417 28.94 -27.02 -23.49
N ALA B 418 28.29 -27.96 -22.81
CA ALA B 418 27.37 -27.64 -21.71
C ALA B 418 27.91 -26.67 -20.65
N PRO B 419 29.15 -26.91 -20.14
CA PRO B 419 29.67 -25.98 -19.13
C PRO B 419 29.91 -24.57 -19.68
N ALA B 420 30.46 -24.47 -20.89
CA ALA B 420 30.72 -23.18 -21.51
C ALA B 420 29.43 -22.40 -21.81
N ILE B 421 28.38 -23.12 -22.18
CA ILE B 421 27.09 -22.48 -22.43
C ILE B 421 26.50 -21.95 -21.12
N LEU B 422 26.51 -22.78 -20.07
CA LEU B 422 25.98 -22.36 -18.78
C LEU B 422 26.73 -21.15 -18.25
N LYS B 423 28.04 -21.12 -18.47
CA LYS B 423 28.87 -20.02 -18.01
C LYS B 423 28.66 -18.76 -18.82
N ALA B 424 28.57 -18.92 -20.14
CA ALA B 424 28.25 -17.79 -21.01
C ALA B 424 26.90 -17.18 -20.62
N ALA B 425 25.95 -18.05 -20.30
CA ALA B 425 24.64 -17.62 -19.85
C ALA B 425 24.77 -16.78 -18.58
N GLU B 426 25.49 -17.33 -17.60
CA GLU B 426 25.70 -16.63 -16.34
C GLU B 426 26.38 -15.28 -16.56
N GLY B 427 27.24 -15.22 -17.56
CA GLY B 427 27.87 -13.96 -17.97
C GLY B 427 26.88 -12.87 -18.35
N ARG B 428 25.71 -13.26 -18.84
CA ARG B 428 24.66 -12.29 -19.18
C ARG B 428 23.55 -12.23 -18.15
N GLY B 429 23.80 -12.81 -16.97
CA GLY B 429 22.83 -12.79 -15.91
C GLY B 429 21.66 -13.71 -16.18
N ILE B 430 21.94 -14.85 -16.80
CA ILE B 430 20.92 -15.84 -17.14
C ILE B 430 21.27 -17.18 -16.49
N ASN B 431 20.30 -17.83 -15.85
CA ASN B 431 20.48 -19.19 -15.35
C ASN B 431 19.72 -20.21 -16.18
N LEU B 432 20.44 -21.23 -16.63
CA LEU B 432 19.78 -22.35 -17.32
C LEU B 432 19.79 -23.53 -16.38
N ARG B 433 19.10 -24.60 -16.75
CA ARG B 433 19.06 -25.81 -15.93
C ARG B 433 19.99 -26.91 -16.41
N PRO B 434 20.98 -27.27 -15.58
CA PRO B 434 21.81 -28.41 -15.97
C PRO B 434 21.04 -29.69 -15.73
N LEU B 435 20.67 -30.38 -16.81
CA LEU B 435 19.87 -31.59 -16.72
C LEU B 435 20.69 -32.83 -16.46
N VAL B 436 21.43 -33.25 -17.47
CA VAL B 436 22.39 -34.34 -17.36
C VAL B 436 23.59 -33.80 -18.10
N PRO B 437 24.77 -34.45 -17.97
CA PRO B 437 25.90 -33.97 -18.75
C PRO B 437 25.55 -33.86 -20.24
N GLY B 438 25.89 -32.74 -20.86
CA GLY B 438 25.65 -32.58 -22.27
C GLY B 438 24.22 -32.18 -22.64
N GLU B 439 23.39 -31.98 -21.62
CA GLU B 439 22.04 -31.49 -21.87
C GLU B 439 21.68 -30.34 -20.95
N VAL B 440 21.01 -29.34 -21.51
CA VAL B 440 20.67 -28.13 -20.79
C VAL B 440 19.17 -27.90 -20.94
N GLY B 441 18.51 -27.49 -19.86
CA GLY B 441 17.09 -27.19 -19.90
C GLY B 441 16.83 -25.69 -19.84
N ILE B 442 15.80 -25.25 -20.55
CA ILE B 442 15.44 -23.84 -20.58
C ILE B 442 13.93 -23.70 -20.47
N SER B 443 13.46 -23.01 -19.43
CA SER B 443 12.03 -22.75 -19.26
C SER B 443 11.73 -21.27 -19.42
N LEU B 444 10.95 -20.93 -20.42
CA LEU B 444 10.56 -19.53 -20.61
C LEU B 444 9.32 -19.19 -19.79
N ASP B 445 9.03 -17.90 -19.66
CA ASP B 445 7.96 -17.47 -18.78
C ASP B 445 7.37 -16.14 -19.23
N GLU B 446 6.48 -15.60 -18.41
CA GLU B 446 5.72 -14.41 -18.78
C GLU B 446 6.61 -13.17 -18.97
N THR B 447 7.78 -13.17 -18.34
CA THR B 447 8.65 -12.00 -18.42
C THR B 447 9.48 -11.95 -19.70
N VAL B 448 9.51 -13.07 -20.44
CA VAL B 448 10.44 -13.22 -21.55
C VAL B 448 10.08 -12.35 -22.75
N THR B 449 11.07 -11.67 -23.31
CA THR B 449 10.89 -10.82 -24.47
C THR B 449 11.71 -11.37 -25.63
N VAL B 450 11.51 -10.82 -26.82
CA VAL B 450 12.31 -11.26 -27.96
C VAL B 450 13.78 -10.91 -27.74
N GLN B 451 14.03 -9.85 -26.97
CA GLN B 451 15.40 -9.50 -26.61
C GLN B 451 16.08 -10.60 -25.79
N ASP B 452 15.32 -11.26 -24.93
CA ASP B 452 15.85 -12.37 -24.14
C ASP B 452 16.19 -13.58 -25.03
N LEU B 453 15.33 -13.86 -26.02
CA LEU B 453 15.61 -14.95 -26.97
C LEU B 453 16.92 -14.72 -27.69
N LEU B 454 17.15 -13.47 -28.08
CA LEU B 454 18.38 -13.10 -28.76
C LEU B 454 19.59 -13.41 -27.89
N ASP B 455 19.52 -13.04 -26.62
CA ASP B 455 20.59 -13.36 -25.68
C ASP B 455 20.81 -14.87 -25.64
N LEU B 456 19.72 -15.63 -25.58
CA LEU B 456 19.81 -17.09 -25.52
C LEU B 456 20.45 -17.69 -26.78
N TRP B 457 20.01 -17.23 -27.95
CA TRP B 457 20.61 -17.71 -29.20
C TRP B 457 22.10 -17.40 -29.24
N GLN B 458 22.47 -16.19 -28.82
CA GLN B 458 23.87 -15.78 -28.90
C GLN B 458 24.73 -16.58 -27.94
N VAL B 459 24.19 -16.84 -26.76
CA VAL B 459 24.85 -17.66 -25.77
C VAL B 459 25.09 -19.07 -26.31
N PHE B 460 24.10 -19.63 -26.98
CA PHE B 460 24.25 -20.97 -27.55
C PHE B 460 25.09 -20.98 -28.83
N ALA B 461 25.05 -19.88 -29.58
CA ALA B 461 25.86 -19.78 -30.79
C ALA B 461 27.34 -19.56 -30.47
N GLY B 462 27.62 -18.95 -29.32
CA GLY B 462 28.99 -18.64 -28.94
C GLY B 462 29.47 -17.36 -29.60
N LYS B 463 28.56 -16.67 -30.29
CA LYS B 463 28.84 -15.40 -30.92
C LYS B 463 27.55 -14.62 -31.11
N ASP B 464 27.66 -13.34 -31.44
CA ASP B 464 26.48 -12.48 -31.53
C ASP B 464 25.85 -12.47 -32.93
N ASN B 465 26.68 -12.63 -33.95
CA ASN B 465 26.18 -12.70 -35.32
C ASN B 465 25.59 -14.08 -35.63
N LEU B 466 24.28 -14.12 -35.80
CA LEU B 466 23.57 -15.37 -35.99
C LEU B 466 23.37 -15.71 -37.47
N PRO B 467 23.34 -17.01 -37.80
CA PRO B 467 23.15 -17.50 -39.18
C PRO B 467 21.69 -17.42 -39.61
N PHE B 468 20.89 -16.68 -38.86
CA PHE B 468 19.50 -16.43 -39.21
C PHE B 468 19.07 -15.09 -38.64
N THR B 469 17.98 -14.55 -39.17
CA THR B 469 17.37 -13.37 -38.58
C THR B 469 16.13 -13.81 -37.81
N PRO B 470 15.96 -13.25 -36.59
CA PRO B 470 14.83 -13.55 -35.71
C PRO B 470 13.50 -13.64 -36.46
N GLU B 471 13.14 -12.60 -37.22
CA GLU B 471 11.83 -12.57 -37.87
C GLU B 471 11.65 -13.68 -38.92
N GLU B 472 12.72 -14.02 -39.63
CA GLU B 472 12.65 -15.05 -40.68
C GLU B 472 12.24 -16.43 -40.15
N LEU B 473 12.42 -16.64 -38.85
CA LEU B 473 12.04 -17.90 -38.20
C LEU B 473 10.54 -18.04 -38.02
N TRP B 474 9.84 -16.91 -38.00
CA TRP B 474 8.40 -16.93 -37.68
C TRP B 474 7.56 -17.77 -38.63
N SER B 475 7.94 -17.80 -39.90
CA SER B 475 7.19 -18.58 -40.88
C SER B 475 7.25 -20.07 -40.58
N GLU B 476 8.28 -20.48 -39.85
CA GLU B 476 8.49 -21.89 -39.55
C GLU B 476 7.76 -22.33 -38.28
N VAL B 477 7.48 -21.37 -37.39
CA VAL B 477 6.87 -21.72 -36.11
C VAL B 477 5.54 -22.43 -36.32
N LYS B 478 5.42 -23.59 -35.70
CA LYS B 478 4.15 -24.26 -35.64
C LYS B 478 3.89 -24.53 -34.16
N THR B 479 2.92 -23.78 -33.65
CA THR B 479 2.68 -23.67 -32.23
C THR B 479 1.49 -24.51 -31.81
N SER B 480 0.99 -25.30 -32.76
CA SER B 480 -0.13 -26.19 -32.50
C SER B 480 0.34 -27.48 -31.84
N PHE B 481 -0.56 -28.12 -31.12
CA PHE B 481 -0.32 -29.43 -30.55
C PHE B 481 -1.21 -30.42 -31.31
N PRO B 482 -0.88 -31.72 -31.24
CA PRO B 482 -1.81 -32.68 -31.86
C PRO B 482 -3.19 -32.57 -31.24
N ALA B 483 -4.21 -33.04 -31.95
CA ALA B 483 -5.59 -32.89 -31.51
C ALA B 483 -5.81 -33.52 -30.13
N ASP B 484 -5.14 -34.65 -29.88
CA ASP B 484 -5.29 -35.35 -28.61
C ASP B 484 -4.70 -34.59 -27.41
N LEU B 485 -3.93 -33.54 -27.67
CA LEU B 485 -3.38 -32.72 -26.59
C LEU B 485 -3.93 -31.29 -26.61
N THR B 486 -4.79 -31.02 -27.60
CA THR B 486 -5.30 -29.66 -27.80
C THR B 486 -6.63 -29.48 -27.07
N ARG B 487 -6.62 -28.57 -26.10
CA ARG B 487 -7.82 -28.29 -25.32
C ARG B 487 -8.91 -27.60 -26.14
N GLN B 488 -10.16 -28.06 -25.99
CA GLN B 488 -11.32 -27.41 -26.61
C GLN B 488 -12.28 -26.81 -25.59
N SER B 489 -12.31 -27.38 -24.39
CA SER B 489 -13.24 -26.92 -23.35
C SER B 489 -12.88 -25.52 -22.83
N LEU B 490 -13.91 -24.77 -22.42
CA LEU B 490 -13.72 -23.39 -21.96
C LEU B 490 -13.43 -23.32 -20.47
N TYR B 491 -13.00 -22.15 -20.01
CA TYR B 491 -12.64 -21.97 -18.60
C TYR B 491 -12.81 -20.51 -18.21
N LEU B 492 -13.02 -20.26 -16.92
CA LEU B 492 -13.17 -18.89 -16.40
C LEU B 492 -14.27 -18.13 -17.14
N GLN B 493 -15.37 -18.81 -17.43
CA GLN B 493 -16.49 -18.21 -18.16
C GLN B 493 -17.46 -17.46 -17.25
N ASP B 494 -17.31 -17.64 -15.93
CA ASP B 494 -18.17 -16.94 -14.98
C ASP B 494 -17.93 -15.43 -15.05
N ALA B 495 -18.99 -14.66 -14.84
CA ALA B 495 -18.93 -13.20 -14.98
C ALA B 495 -17.79 -12.55 -14.20
N VAL B 496 -17.45 -13.12 -13.05
CA VAL B 496 -16.42 -12.52 -12.20
C VAL B 496 -15.05 -12.41 -12.91
N PHE B 497 -14.82 -13.30 -13.88
CA PHE B 497 -13.54 -13.32 -14.60
C PHE B 497 -13.58 -12.45 -15.83
N ASN B 498 -14.73 -11.81 -16.08
CA ASN B 498 -14.87 -10.96 -17.25
C ASN B 498 -15.09 -9.47 -16.94
N GLN B 499 -15.59 -9.17 -15.74
CA GLN B 499 -16.14 -7.84 -15.44
C GLN B 499 -15.15 -6.81 -14.89
N TYR B 500 -13.94 -7.23 -14.55
CA TYR B 500 -13.05 -6.35 -13.81
C TYR B 500 -11.69 -6.25 -14.49
N HIS B 501 -11.70 -5.87 -15.77
CA HIS B 501 -10.44 -5.83 -16.52
C HIS B 501 -9.75 -4.46 -16.60
N SER B 502 -10.46 -3.38 -16.30
CA SER B 502 -9.75 -2.10 -16.19
C SER B 502 -9.11 -2.01 -14.81
N GLU B 503 -8.06 -1.21 -14.66
CA GLU B 503 -7.45 -1.12 -13.33
C GLU B 503 -8.43 -0.54 -12.32
N THR B 504 -9.23 0.41 -12.79
CA THR B 504 -10.20 1.05 -11.91
C THR B 504 -11.26 0.04 -11.44
N GLU B 505 -11.73 -0.79 -12.36
CA GLU B 505 -12.68 -1.84 -11.99
C GLU B 505 -12.11 -2.81 -10.95
N LEU B 506 -10.88 -3.26 -11.16
CA LEU B 506 -10.30 -4.24 -10.23
C LEU B 506 -10.04 -3.58 -8.87
N LEU B 507 -9.55 -2.34 -8.88
CA LEU B 507 -9.34 -1.58 -7.65
C LEU B 507 -10.63 -1.55 -6.81
N ARG B 508 -11.75 -1.32 -7.47
CA ARG B 508 -13.03 -1.21 -6.78
C ARG B 508 -13.57 -2.55 -6.32
N TYR B 509 -13.35 -3.59 -7.12
CA TYR B 509 -13.72 -4.93 -6.70
C TYR B 509 -12.93 -5.34 -5.45
N LEU B 510 -11.61 -5.12 -5.48
CA LEU B 510 -10.76 -5.42 -4.33
C LEU B 510 -11.21 -4.67 -3.10
N HIS B 511 -11.53 -3.39 -3.29
CA HIS B 511 -11.91 -2.56 -2.16
C HIS B 511 -13.25 -2.99 -1.55
N GLN B 512 -14.20 -3.38 -2.40
CA GLN B 512 -15.49 -3.86 -1.91
CA GLN B 512 -15.48 -3.84 -1.90
C GLN B 512 -15.37 -5.15 -1.12
N LEU B 513 -14.55 -6.07 -1.61
CA LEU B 513 -14.33 -7.33 -0.88
C LEU B 513 -13.60 -7.06 0.42
N GLU B 514 -12.59 -6.18 0.36
CA GLU B 514 -11.80 -5.87 1.54
C GLU B 514 -12.68 -5.26 2.64
N SER B 515 -13.62 -4.42 2.22
N SER B 515 -13.63 -4.42 2.23
CA SER B 515 -14.49 -3.70 3.14
CA SER B 515 -14.48 -3.71 3.18
C SER B 515 -15.39 -4.63 3.96
C SER B 515 -15.40 -4.63 3.96
N LYS B 516 -15.65 -5.82 3.44
CA LYS B 516 -16.52 -6.79 4.11
C LYS B 516 -15.80 -7.50 5.25
N ASP B 517 -14.48 -7.40 5.27
CA ASP B 517 -13.70 -8.23 6.16
C ASP B 517 -13.15 -7.44 7.33
N LEU B 518 -13.27 -8.02 8.52
CA LEU B 518 -12.75 -7.40 9.73
C LEU B 518 -11.31 -7.87 9.95
N ALA B 519 -10.36 -6.96 9.78
CA ALA B 519 -8.96 -7.30 9.96
C ALA B 519 -8.30 -6.43 11.05
N LEU B 520 -6.98 -6.54 11.22
CA LEU B 520 -6.33 -5.85 12.33
C LEU B 520 -6.26 -4.33 12.14
N ASN B 521 -6.57 -3.85 10.93
CA ASN B 521 -6.70 -2.41 10.71
C ASN B 521 -8.03 -1.84 11.21
N THR B 522 -8.87 -2.70 11.80
CA THR B 522 -10.12 -2.23 12.42
C THR B 522 -10.13 -2.40 13.95
N SER B 523 -9.93 -3.62 14.44
CA SER B 523 -9.97 -3.83 15.90
C SER B 523 -9.25 -5.11 16.28
N MET B 524 -9.01 -5.30 17.58
CA MET B 524 -8.30 -6.48 18.08
C MET B 524 -9.05 -7.75 17.73
N ILE B 525 -8.31 -8.78 17.33
CA ILE B 525 -8.88 -10.08 17.03
C ILE B 525 -8.22 -11.04 18.02
N PRO B 526 -8.81 -11.20 19.20
CA PRO B 526 -8.08 -11.86 20.29
C PRO B 526 -8.17 -13.38 20.25
N LEU B 527 -7.78 -13.96 19.12
CA LEU B 527 -7.88 -15.41 18.94
C LEU B 527 -6.85 -16.17 19.75
N GLY B 528 -7.33 -16.92 20.73
CA GLY B 528 -6.48 -17.80 21.51
C GLY B 528 -5.75 -18.77 20.59
N SER B 529 -4.50 -19.03 20.93
CA SER B 529 -3.62 -19.95 20.18
C SER B 529 -3.18 -19.40 18.82
N CYS B 530 -3.44 -18.12 18.54
CA CYS B 530 -3.09 -17.57 17.22
C CYS B 530 -2.13 -16.38 17.26
N THR B 531 -2.03 -15.71 18.41
CA THR B 531 -1.13 -14.57 18.59
C THR B 531 -1.28 -13.50 17.48
N MET B 532 -2.44 -12.85 17.46
CA MET B 532 -2.71 -11.81 16.47
C MET B 532 -2.03 -10.49 16.82
N LYS B 533 -0.69 -10.48 16.83
CA LYS B 533 0.06 -9.29 17.20
C LYS B 533 0.36 -8.39 15.99
N LEU B 534 1.07 -7.29 16.21
CA LEU B 534 1.42 -6.37 15.12
C LEU B 534 2.27 -6.98 14.02
N ASN B 535 1.79 -6.86 12.78
CA ASN B 535 2.59 -7.15 11.61
C ASN B 535 3.08 -5.80 11.09
N ALA B 536 4.26 -5.39 11.55
CA ALA B 536 4.69 -4.00 11.40
C ALA B 536 5.05 -3.74 9.96
N THR B 537 4.83 -2.51 9.50
CA THR B 537 5.12 -2.15 8.11
C THR B 537 6.59 -2.40 7.78
N ALA B 538 7.48 -2.04 8.69
CA ALA B 538 8.92 -2.21 8.46
C ALA B 538 9.30 -3.69 8.27
N GLU B 539 8.58 -4.58 8.94
CA GLU B 539 8.82 -6.02 8.78
C GLU B 539 8.35 -6.50 7.42
N MET B 540 7.25 -5.92 6.93
CA MET B 540 6.63 -6.40 5.69
C MET B 540 7.33 -5.86 4.45
N MET B 541 7.86 -4.66 4.55
CA MET B 541 8.46 -3.97 3.40
C MET B 541 9.46 -4.80 2.59
N PRO B 542 10.42 -5.47 3.26
CA PRO B 542 11.43 -6.12 2.43
C PRO B 542 10.95 -7.35 1.69
N VAL B 543 9.79 -7.90 2.05
CA VAL B 543 9.26 -9.07 1.34
C VAL B 543 9.19 -8.79 -0.17
N THR B 544 8.87 -7.56 -0.53
CA THR B 544 8.68 -7.23 -1.94
C THR B 544 9.85 -6.51 -2.59
N TRP B 545 11.01 -6.46 -1.92
CA TRP B 545 12.23 -6.05 -2.60
C TRP B 545 12.57 -7.15 -3.59
N PRO B 546 12.91 -6.77 -4.84
CA PRO B 546 13.28 -7.79 -5.85
C PRO B 546 14.41 -8.71 -5.41
N GLU B 547 15.33 -8.20 -4.60
CA GLU B 547 16.48 -9.00 -4.16
CA GLU B 547 16.48 -9.01 -4.17
C GLU B 547 16.08 -10.15 -3.25
N PHE B 548 14.86 -10.09 -2.73
CA PHE B 548 14.32 -11.22 -1.97
C PHE B 548 13.22 -11.91 -2.78
N GLY B 549 12.37 -11.11 -3.42
CA GLY B 549 11.18 -11.68 -4.05
C GLY B 549 11.37 -12.30 -5.42
N LYS B 550 12.43 -11.90 -6.13
CA LYS B 550 12.58 -12.28 -7.53
C LYS B 550 13.70 -13.30 -7.75
N ILE B 551 14.02 -14.07 -6.71
CA ILE B 551 15.09 -15.07 -6.81
C ILE B 551 14.46 -16.45 -6.92
N HIS B 552 14.95 -17.24 -7.87
CA HIS B 552 14.49 -18.63 -8.05
C HIS B 552 15.09 -19.48 -6.92
N PRO B 553 14.29 -20.39 -6.33
CA PRO B 553 14.81 -21.16 -5.18
C PRO B 553 16.01 -22.03 -5.53
N PHE B 554 16.23 -22.32 -6.81
CA PHE B 554 17.35 -23.19 -7.19
C PHE B 554 18.43 -22.43 -7.95
N ALA B 555 18.44 -21.12 -7.79
CA ALA B 555 19.51 -20.29 -8.34
C ALA B 555 20.82 -20.72 -7.73
N PRO B 556 21.93 -20.61 -8.49
CA PRO B 556 23.24 -20.95 -7.96
C PRO B 556 23.56 -20.19 -6.66
N ALA B 557 24.24 -20.86 -5.74
CA ALA B 557 24.56 -20.32 -4.42
C ALA B 557 25.29 -18.98 -4.49
N GLY B 558 26.09 -18.80 -5.54
CA GLY B 558 26.84 -17.57 -5.73
C GLY B 558 25.96 -16.34 -5.88
N GLN B 559 24.67 -16.55 -6.13
CA GLN B 559 23.75 -15.43 -6.35
C GLN B 559 22.86 -15.18 -5.15
N THR B 560 22.98 -16.00 -4.13
CA THR B 560 22.06 -15.91 -3.02
C THR B 560 22.76 -15.68 -1.68
N GLU B 561 23.91 -15.00 -1.71
CA GLU B 561 24.68 -14.82 -0.48
C GLU B 561 23.94 -13.95 0.54
N GLY B 562 23.07 -13.08 0.07
CA GLY B 562 22.26 -12.27 0.98
C GLY B 562 21.30 -13.15 1.77
N TYR B 563 20.66 -14.09 1.08
CA TYR B 563 19.79 -15.05 1.77
C TYR B 563 20.59 -15.92 2.74
N GLN B 564 21.82 -16.28 2.36
N GLN B 564 21.82 -16.26 2.36
CA GLN B 564 22.68 -17.08 3.23
CA GLN B 564 22.72 -17.06 3.19
C GLN B 564 22.94 -16.37 4.56
C GLN B 564 22.98 -16.38 4.53
N ILE B 565 23.23 -15.08 4.48
CA ILE B 565 23.48 -14.29 5.69
C ILE B 565 22.19 -14.21 6.51
N LEU B 566 21.07 -13.95 5.83
CA LEU B 566 19.76 -13.88 6.49
C LEU B 566 19.46 -15.18 7.25
N PHE B 567 19.65 -16.32 6.61
CA PHE B 567 19.39 -17.61 7.25
C PHE B 567 20.31 -17.85 8.44
N ALA B 568 21.60 -17.54 8.26
CA ALA B 568 22.57 -17.79 9.31
C ALA B 568 22.21 -16.98 10.55
N GLN B 569 21.82 -15.72 10.35
CA GLN B 569 21.45 -14.86 11.48
C GLN B 569 20.16 -15.36 12.14
N LEU B 570 19.14 -15.66 11.34
CA LEU B 570 17.88 -16.13 11.90
C LEU B 570 18.06 -17.43 12.68
N GLU B 571 18.89 -18.32 12.13
CA GLU B 571 19.20 -19.60 12.80
C GLU B 571 19.89 -19.36 14.15
N ALA B 572 20.87 -18.47 14.16
CA ALA B 572 21.56 -18.14 15.41
C ALA B 572 20.60 -17.53 16.42
N TRP B 573 19.77 -16.59 15.96
CA TRP B 573 18.84 -15.91 16.86
C TRP B 573 17.75 -16.83 17.39
N LEU B 574 17.13 -17.63 16.53
CA LEU B 574 16.10 -18.57 16.99
C LEU B 574 16.72 -19.66 17.87
N GLY B 575 17.99 -20.00 17.59
CA GLY B 575 18.71 -20.94 18.43
C GLY B 575 18.87 -20.40 19.84
N GLU B 576 19.24 -19.12 19.93
CA GLU B 576 19.42 -18.47 21.22
C GLU B 576 18.08 -18.34 21.97
N ILE B 577 17.02 -18.00 21.25
CA ILE B 577 15.70 -17.86 21.86
C ILE B 577 15.18 -19.19 22.41
N THR B 578 15.39 -20.27 21.65
CA THR B 578 14.91 -21.57 22.07
C THR B 578 15.90 -22.36 22.93
N GLY B 579 17.18 -22.00 22.85
CA GLY B 579 18.23 -22.79 23.49
C GLY B 579 18.70 -23.98 22.68
N PHE B 580 18.16 -24.16 21.48
CA PHE B 580 18.56 -25.30 20.65
C PHE B 580 19.87 -25.07 19.90
N ASP B 581 20.54 -26.16 19.56
CA ASP B 581 21.85 -26.12 18.93
C ASP B 581 21.81 -25.93 17.41
N ALA B 582 20.68 -26.28 16.80
CA ALA B 582 20.52 -26.15 15.35
C ALA B 582 19.08 -25.84 15.00
N ILE B 583 18.90 -25.12 13.90
CA ILE B 583 17.58 -24.69 13.45
C ILE B 583 17.42 -25.09 11.98
N SER B 584 16.26 -25.64 11.62
CA SER B 584 15.93 -25.83 10.21
C SER B 584 14.82 -24.85 9.86
N LEU B 585 15.10 -24.00 8.87
CA LEU B 585 14.12 -23.01 8.43
C LEU B 585 13.18 -23.57 7.35
N GLN B 586 13.36 -24.83 6.99
CA GLN B 586 12.59 -25.41 5.88
C GLN B 586 11.06 -25.57 6.05
N PRO B 587 10.58 -26.10 7.19
CA PRO B 587 9.15 -26.44 7.21
C PRO B 587 8.24 -25.21 7.08
N ASN B 588 7.21 -25.30 6.24
CA ASN B 588 6.47 -24.11 5.85
C ASN B 588 5.07 -24.00 6.46
N ALA B 589 4.91 -24.57 7.65
CA ALA B 589 3.72 -24.41 8.48
C ALA B 589 4.04 -25.06 9.81
N GLY B 590 3.28 -24.74 10.85
CA GLY B 590 3.45 -25.42 12.13
C GLY B 590 3.28 -26.92 11.98
N SER B 591 2.28 -27.33 11.19
CA SER B 591 2.04 -28.76 10.95
C SER B 591 3.29 -29.44 10.37
N GLN B 592 3.95 -28.77 9.44
CA GLN B 592 5.16 -29.29 8.81
C GLN B 592 6.31 -29.35 9.81
N GLY B 593 6.38 -28.34 10.70
CA GLY B 593 7.35 -28.37 11.78
C GLY B 593 7.17 -29.60 12.66
N GLU B 594 5.94 -29.84 13.12
CA GLU B 594 5.66 -31.01 13.94
C GLU B 594 6.05 -32.28 13.21
N TYR B 595 5.68 -32.36 11.95
CA TYR B 595 5.95 -33.53 11.14
C TYR B 595 7.47 -33.73 10.95
N ALA B 596 8.17 -32.63 10.69
CA ALA B 596 9.62 -32.69 10.55
C ALA B 596 10.28 -33.11 11.87
N GLY B 597 9.81 -32.55 12.97
CA GLY B 597 10.33 -32.90 14.29
C GLY B 597 10.16 -34.37 14.63
N LEU B 598 8.99 -34.92 14.35
CA LEU B 598 8.77 -36.33 14.63
C LEU B 598 9.59 -37.21 13.69
N GLN B 599 9.77 -36.76 12.46
CA GLN B 599 10.61 -37.53 11.51
C GLN B 599 12.05 -37.61 12.00
N VAL B 600 12.56 -36.51 12.53
CA VAL B 600 13.91 -36.48 13.06
C VAL B 600 14.06 -37.38 14.28
N ILE B 601 13.05 -37.39 15.14
CA ILE B 601 13.03 -38.30 16.29
C ILE B 601 13.01 -39.76 15.83
N ARG B 602 12.19 -40.05 14.82
CA ARG B 602 12.12 -41.40 14.28
C ARG B 602 13.47 -41.83 13.72
N GLN B 603 14.11 -40.93 12.98
CA GLN B 603 15.42 -41.24 12.38
C GLN B 603 16.45 -41.47 13.47
N TYR B 604 16.36 -40.69 14.54
CA TYR B 604 17.24 -40.84 15.70
C TYR B 604 17.15 -42.25 16.30
N HIS B 605 15.93 -42.71 16.59
CA HIS B 605 15.78 -44.04 17.16
C HIS B 605 16.33 -45.12 16.22
N LEU B 606 16.09 -44.94 14.92
CA LEU B 606 16.65 -45.87 13.92
C LEU B 606 18.18 -45.90 13.97
N SER B 607 18.79 -44.72 14.13
CA SER B 607 20.25 -44.61 14.15
C SER B 607 20.84 -45.31 15.36
N ARG B 608 20.02 -45.55 16.38
CA ARG B 608 20.49 -46.27 17.57
C ARG B 608 20.18 -47.76 17.49
N GLY B 609 19.53 -48.18 16.41
CA GLY B 609 19.14 -49.57 16.26
C GLY B 609 17.87 -49.91 17.04
N GLU B 610 17.06 -48.89 17.31
CA GLU B 610 15.83 -49.09 18.08
C GLU B 610 14.59 -48.88 17.19
N GLU B 611 14.36 -49.80 16.26
CA GLU B 611 13.26 -49.69 15.29
C GLU B 611 11.87 -49.80 15.93
N GLN B 612 11.80 -50.46 17.08
CA GLN B 612 10.52 -50.76 17.71
C GLN B 612 9.88 -49.57 18.43
N ARG B 613 10.59 -48.44 18.52
CA ARG B 613 10.03 -47.27 19.20
C ARG B 613 9.11 -46.45 18.30
N ASN B 614 7.81 -46.67 18.44
CA ASN B 614 6.84 -45.96 17.61
C ASN B 614 5.64 -45.44 18.40
N ILE B 615 5.71 -45.51 19.72
CA ILE B 615 4.62 -44.97 20.55
C ILE B 615 4.84 -43.49 20.73
N CYS B 616 3.79 -42.69 20.51
CA CYS B 616 3.84 -41.26 20.73
C CYS B 616 2.81 -40.90 21.79
N LEU B 617 3.29 -40.44 22.94
CA LEU B 617 2.41 -39.97 24.00
C LEU B 617 1.91 -38.58 23.67
N ILE B 618 0.60 -38.37 23.75
CA ILE B 618 0.01 -37.06 23.47
C ILE B 618 -1.09 -36.73 24.47
N PRO B 619 -0.92 -35.65 25.24
CA PRO B 619 -1.94 -35.23 26.21
C PRO B 619 -3.24 -34.89 25.48
N GLU B 620 -4.37 -35.14 26.12
CA GLU B 620 -5.67 -34.95 25.46
C GLU B 620 -5.98 -33.51 25.08
N SER B 621 -5.26 -32.56 25.67
CA SER B 621 -5.48 -31.14 25.40
C SER B 621 -4.75 -30.63 24.14
N ALA B 622 -3.99 -31.51 23.49
CA ALA B 622 -3.13 -31.07 22.38
C ALA B 622 -3.90 -30.59 21.15
N HIS B 623 -3.31 -29.65 20.41
CA HIS B 623 -3.83 -29.24 19.12
C HIS B 623 -3.93 -30.46 18.20
N GLY B 624 -4.98 -30.52 17.39
CA GLY B 624 -5.26 -31.71 16.59
C GLY B 624 -4.21 -32.00 15.53
N THR B 625 -3.40 -31.02 15.20
CA THR B 625 -2.27 -31.26 14.29
C THR B 625 -1.29 -32.28 14.89
N ASN B 626 -1.19 -32.30 16.22
CA ASN B 626 -0.22 -33.18 16.88
C ASN B 626 -0.44 -34.68 16.57
N PRO B 627 -1.63 -35.22 16.91
CA PRO B 627 -1.77 -36.65 16.59
C PRO B 627 -1.80 -36.93 15.09
N ALA B 628 -2.32 -36.01 14.29
CA ALA B 628 -2.28 -36.20 12.84
C ALA B 628 -0.84 -36.34 12.33
N SER B 629 0.04 -35.49 12.84
CA SER B 629 1.46 -35.53 12.48
C SER B 629 2.11 -36.83 12.95
N ALA B 630 1.75 -37.27 14.15
CA ALA B 630 2.33 -38.51 14.69
C ALA B 630 1.96 -39.70 13.83
N VAL B 631 0.71 -39.75 13.41
CA VAL B 631 0.22 -40.84 12.58
C VAL B 631 0.89 -40.83 11.19
N MET B 632 1.01 -39.64 10.59
CA MET B 632 1.74 -39.51 9.32
C MET B 632 3.17 -39.99 9.48
N CYS B 633 3.69 -39.91 10.71
CA CYS B 633 5.05 -40.35 10.98
C CYS B 633 5.13 -41.83 11.40
N GLY B 634 4.07 -42.59 11.16
CA GLY B 634 4.06 -44.01 11.45
C GLY B 634 4.04 -44.36 12.93
N MET B 635 3.66 -43.39 13.76
CA MET B 635 3.62 -43.64 15.20
C MET B 635 2.21 -43.99 15.65
N GLN B 636 2.12 -44.73 16.74
CA GLN B 636 0.84 -45.07 17.35
C GLN B 636 0.59 -44.11 18.50
N VAL B 637 -0.50 -43.35 18.42
CA VAL B 637 -0.79 -42.33 19.43
C VAL B 637 -1.37 -42.93 20.71
N VAL B 638 -0.76 -42.60 21.85
CA VAL B 638 -1.29 -43.00 23.15
C VAL B 638 -1.64 -41.74 23.93
N PRO B 639 -2.93 -41.55 24.25
CA PRO B 639 -3.28 -40.31 24.94
C PRO B 639 -2.80 -40.32 26.39
N VAL B 640 -2.53 -39.12 26.92
CA VAL B 640 -2.16 -38.96 28.32
C VAL B 640 -3.19 -38.05 29.00
N LYS B 641 -3.70 -38.49 30.15
CA LYS B 641 -4.72 -37.75 30.86
C LYS B 641 -4.25 -36.36 31.29
N CYS B 642 -5.20 -35.42 31.36
CA CYS B 642 -4.96 -34.15 31.98
C CYS B 642 -5.81 -34.09 33.27
N ASP B 643 -5.22 -33.62 34.35
CA ASP B 643 -5.83 -33.73 35.69
C ASP B 643 -7.09 -32.89 35.88
N GLY B 644 -7.54 -32.78 37.14
CA GLY B 644 -8.70 -31.98 37.47
C GLY B 644 -8.45 -30.49 37.28
N GLU B 645 -7.22 -30.06 37.54
CA GLU B 645 -6.84 -28.66 37.40
C GLU B 645 -6.50 -28.31 35.94
N GLY B 646 -6.61 -29.30 35.05
CA GLY B 646 -6.38 -29.08 33.63
C GLY B 646 -4.99 -29.43 33.14
N ASN B 647 -4.10 -29.78 34.06
CA ASN B 647 -2.70 -30.03 33.73
C ASN B 647 -2.39 -31.48 33.35
N ILE B 648 -1.27 -31.70 32.69
CA ILE B 648 -0.80 -33.07 32.41
C ILE B 648 -0.74 -33.88 33.70
N ASP B 649 -1.43 -35.02 33.70
CA ASP B 649 -1.44 -35.92 34.85
C ASP B 649 -0.11 -36.67 34.87
N VAL B 650 0.76 -36.31 35.81
CA VAL B 650 2.12 -36.87 35.88
C VAL B 650 2.12 -38.36 36.24
N GLU B 651 1.19 -38.77 37.09
CA GLU B 651 1.06 -40.18 37.45
C GLU B 651 0.64 -41.02 36.24
N ASP B 652 -0.28 -40.50 35.44
CA ASP B 652 -0.70 -41.19 34.22
C ASP B 652 0.42 -41.28 33.20
N LEU B 653 1.11 -40.15 32.99
CA LEU B 653 2.27 -40.11 32.11
C LEU B 653 3.29 -41.17 32.49
N THR B 654 3.63 -41.23 33.77
CA THR B 654 4.61 -42.19 34.27
C THR B 654 4.16 -43.63 34.02
N SER B 655 2.90 -43.91 34.30
CA SER B 655 2.34 -45.25 34.06
C SER B 655 2.38 -45.63 32.59
N LYS B 656 2.03 -44.69 31.70
CA LYS B 656 2.03 -45.01 30.28
C LYS B 656 3.45 -45.14 29.74
N ALA B 657 4.35 -44.26 30.20
CA ALA B 657 5.76 -44.35 29.85
C ALA B 657 6.36 -45.70 30.26
N GLU B 658 6.01 -46.16 31.47
CA GLU B 658 6.46 -47.47 31.95
C GLU B 658 5.92 -48.60 31.08
N LYS B 659 4.61 -48.57 30.85
CA LYS B 659 3.94 -49.60 30.07
C LYS B 659 4.52 -49.72 28.67
N TYR B 660 4.77 -48.59 28.03
CA TYR B 660 5.33 -48.59 26.68
C TYR B 660 6.84 -48.31 26.66
N GLY B 661 7.50 -48.60 27.78
CA GLY B 661 8.92 -48.32 27.94
C GLY B 661 9.82 -48.67 26.77
N ASP B 662 9.72 -49.90 26.28
CA ASP B 662 10.60 -50.37 25.22
C ASP B 662 10.19 -49.87 23.83
N ARG B 663 9.00 -49.26 23.75
CA ARG B 663 8.46 -48.82 22.47
C ARG B 663 8.23 -47.31 22.40
N LEU B 664 8.63 -46.60 23.44
CA LEU B 664 8.32 -45.17 23.55
C LEU B 664 9.18 -44.37 22.58
N ALA B 665 8.54 -43.71 21.60
CA ALA B 665 9.26 -42.87 20.67
C ALA B 665 9.38 -41.45 21.17
N ALA B 666 8.25 -40.90 21.64
CA ALA B 666 8.16 -39.48 21.92
C ALA B 666 7.00 -39.08 22.79
N LEU B 667 7.10 -37.88 23.36
CA LEU B 667 5.96 -37.20 23.95
C LEU B 667 5.85 -35.91 23.18
N MET B 668 4.64 -35.51 22.82
CA MET B 668 4.42 -34.20 22.23
C MET B 668 3.75 -33.31 23.26
N VAL B 669 4.42 -32.24 23.67
CA VAL B 669 3.91 -31.43 24.76
C VAL B 669 3.83 -29.98 24.30
N THR B 670 2.85 -29.24 24.81
CA THR B 670 2.74 -27.81 24.50
C THR B 670 3.03 -27.05 25.79
N TYR B 671 3.90 -26.05 25.70
CA TYR B 671 4.25 -25.26 26.89
C TYR B 671 4.24 -23.77 26.57
N PRO B 672 3.49 -22.98 27.37
CA PRO B 672 2.50 -23.39 28.36
C PRO B 672 1.40 -24.19 27.67
N SER B 673 0.48 -24.75 28.45
CA SER B 673 -0.50 -25.69 27.89
C SER B 673 -1.45 -25.00 26.91
N THR B 674 -2.21 -25.79 26.17
CA THR B 674 -3.25 -25.25 25.30
C THR B 674 -4.36 -24.58 26.11
N HIS B 675 -4.32 -24.73 27.44
CA HIS B 675 -5.25 -24.05 28.35
C HIS B 675 -4.67 -22.72 28.84
N GLY B 676 -3.48 -22.36 28.36
CA GLY B 676 -2.87 -21.10 28.74
C GLY B 676 -2.24 -21.10 30.12
N VAL B 677 -1.69 -22.23 30.54
CA VAL B 677 -1.16 -22.37 31.90
C VAL B 677 0.29 -22.87 31.92
N PHE B 678 1.14 -22.17 32.67
CA PHE B 678 2.50 -22.65 32.91
C PHE B 678 2.50 -23.77 33.94
N GLU B 679 2.64 -25.01 33.50
CA GLU B 679 2.73 -26.11 34.47
C GLU B 679 4.11 -26.12 35.11
N ALA B 680 4.18 -26.30 36.41
CA ALA B 680 5.47 -26.29 37.10
C ALA B 680 6.24 -27.61 36.91
N THR B 681 5.54 -28.60 36.38
CA THR B 681 6.05 -29.96 36.29
C THR B 681 6.78 -30.28 34.98
N ILE B 682 6.91 -29.30 34.09
CA ILE B 682 7.38 -29.56 32.73
C ILE B 682 8.75 -30.24 32.70
N GLY B 683 9.64 -29.84 33.59
CA GLY B 683 10.98 -30.42 33.63
C GLY B 683 10.93 -31.87 34.07
N THR B 684 10.13 -32.13 35.11
CA THR B 684 9.93 -33.49 35.60
C THR B 684 9.33 -34.36 34.51
N ILE B 685 8.39 -33.79 33.76
CA ILE B 685 7.75 -34.49 32.67
C ILE B 685 8.77 -34.92 31.60
N CYS B 686 9.65 -34.00 31.23
CA CYS B 686 10.72 -34.36 30.29
C CYS B 686 11.67 -35.45 30.84
N ASP B 687 12.01 -35.36 32.13
CA ASP B 687 12.89 -36.34 32.73
C ASP B 687 12.30 -37.75 32.64
N ILE B 688 11.00 -37.85 32.87
CA ILE B 688 10.31 -39.14 32.85
C ILE B 688 10.36 -39.74 31.45
N VAL B 689 10.07 -38.93 30.43
CA VAL B 689 10.11 -39.40 29.05
C VAL B 689 11.50 -39.92 28.69
N HIS B 690 12.54 -39.17 29.06
CA HIS B 690 13.91 -39.57 28.79
C HIS B 690 14.30 -40.84 29.53
N ARG B 691 13.84 -40.95 30.77
CA ARG B 691 14.09 -42.15 31.59
C ARG B 691 13.62 -43.41 30.86
N PHE B 692 12.52 -43.28 30.11
CA PHE B 692 11.99 -44.44 29.40
C PHE B 692 12.36 -44.49 27.92
N GLY B 693 13.33 -43.65 27.54
CA GLY B 693 13.97 -43.78 26.24
C GLY B 693 13.32 -43.00 25.11
N GLY B 694 12.36 -42.15 25.45
CA GLY B 694 11.70 -41.35 24.43
C GLY B 694 12.36 -40.00 24.23
N GLU B 695 11.99 -39.32 23.15
CA GLU B 695 12.41 -37.94 22.92
C GLU B 695 11.24 -37.04 23.28
N VAL B 696 11.54 -35.79 23.63
CA VAL B 696 10.47 -34.82 23.86
C VAL B 696 10.34 -33.82 22.71
N TYR B 697 9.17 -33.80 22.08
CA TYR B 697 8.83 -32.80 21.09
C TYR B 697 7.96 -31.72 21.71
N MET B 698 8.33 -30.45 21.55
CA MET B 698 7.44 -29.39 22.01
C MET B 698 6.78 -28.63 20.88
N ASP B 699 5.45 -28.60 20.91
CA ASP B 699 4.64 -27.72 20.08
C ASP B 699 4.88 -26.29 20.58
N GLY B 700 5.45 -25.44 19.72
CA GLY B 700 5.84 -24.10 20.13
C GLY B 700 4.87 -22.98 19.77
N ALA B 701 3.59 -23.32 19.58
CA ALA B 701 2.61 -22.32 19.21
C ALA B 701 2.39 -21.28 20.31
N ASN B 702 2.65 -21.68 21.56
CA ASN B 702 2.49 -20.76 22.68
C ASN B 702 3.80 -20.09 23.08
N MET B 703 4.71 -19.95 22.11
CA MET B 703 6.01 -19.36 22.43
C MET B 703 5.91 -17.88 22.81
N ASN B 704 4.79 -17.23 22.50
CA ASN B 704 4.63 -15.82 22.88
C ASN B 704 4.56 -15.62 24.39
N ALA B 705 4.37 -16.71 25.13
CA ALA B 705 4.46 -16.64 26.59
C ALA B 705 5.87 -16.94 27.10
N GLN B 706 6.77 -17.34 26.20
CA GLN B 706 8.09 -17.84 26.59
C GLN B 706 9.30 -16.94 26.28
N VAL B 707 9.25 -16.19 25.19
CA VAL B 707 10.47 -15.56 24.67
C VAL B 707 11.16 -14.67 25.71
N GLY B 708 12.38 -15.04 26.07
CA GLY B 708 13.16 -14.33 27.07
C GLY B 708 12.88 -14.79 28.49
N LEU B 709 11.82 -15.58 28.68
CA LEU B 709 11.42 -16.00 30.02
C LEU B 709 11.71 -17.47 30.28
N CYS B 710 11.62 -18.29 29.24
CA CYS B 710 12.11 -19.66 29.36
C CYS B 710 12.47 -20.20 27.99
N ARG B 711 13.21 -21.29 27.97
CA ARG B 711 13.76 -21.84 26.73
C ARG B 711 13.51 -23.32 26.75
N PRO B 712 12.79 -23.84 25.75
CA PRO B 712 12.41 -25.26 25.67
C PRO B 712 13.58 -26.21 25.83
N ALA B 713 14.70 -25.92 25.16
CA ALA B 713 15.87 -26.78 25.27
C ALA B 713 16.36 -26.88 26.70
N ASP B 714 16.24 -25.78 27.45
CA ASP B 714 16.75 -25.76 28.82
C ASP B 714 15.95 -26.64 29.77
N PHE B 715 14.65 -26.75 29.56
CA PHE B 715 13.90 -27.58 30.51
C PHE B 715 13.67 -29.03 30.09
N GLY B 716 14.21 -29.41 28.93
CA GLY B 716 14.26 -30.81 28.56
C GLY B 716 13.66 -31.19 27.21
N ALA B 717 13.22 -30.22 26.43
CA ALA B 717 12.72 -30.55 25.08
C ALA B 717 13.90 -30.92 24.18
N ASP B 718 13.71 -31.91 23.31
CA ASP B 718 14.75 -32.28 22.34
C ASP B 718 14.59 -31.56 21.02
N VAL B 719 13.36 -31.17 20.73
CA VAL B 719 13.03 -30.51 19.47
C VAL B 719 11.74 -29.73 19.67
N CYS B 720 11.62 -28.59 19.01
CA CYS B 720 10.37 -27.85 19.01
C CYS B 720 10.18 -27.22 17.66
N HIS B 721 8.96 -26.82 17.32
CA HIS B 721 8.77 -25.96 16.15
C HIS B 721 8.35 -24.60 16.67
N LEU B 722 8.55 -23.58 15.85
CA LEU B 722 8.06 -22.24 16.15
C LEU B 722 7.06 -21.89 15.06
N ASN B 723 5.97 -21.19 15.40
CA ASN B 723 5.11 -20.61 14.37
C ASN B 723 5.53 -19.17 14.16
N LEU B 724 6.20 -18.88 13.05
CA LEU B 724 6.70 -17.52 12.83
C LEU B 724 5.52 -16.57 12.59
N HIS B 725 4.42 -17.12 12.09
CA HIS B 725 3.19 -16.36 11.83
C HIS B 725 2.31 -16.19 13.08
N1 LLP B 726 -0.48 -26.15 17.70
C2 LLP B 726 -1.10 -25.05 18.23
C2' LLP B 726 -1.39 -24.97 19.70
C3 LLP B 726 -1.45 -23.98 17.40
O3 LLP B 726 -2.00 -22.98 17.89
C4 LLP B 726 -1.17 -24.04 16.03
C4' LLP B 726 -1.54 -22.88 15.15
C5 LLP B 726 -0.54 -25.18 15.50
C6 LLP B 726 -0.21 -26.23 16.35
C5' LLP B 726 -0.25 -25.33 14.02
OP4 LLP B 726 0.47 -24.39 13.19
P LLP B 726 0.04 -24.17 11.64
OP1 LLP B 726 0.20 -25.50 11.01
OP2 LLP B 726 1.02 -23.18 11.15
OP3 LLP B 726 -1.37 -23.70 11.68
N LLP B 726 2.77 -16.71 14.21
CA LLP B 726 2.12 -16.38 15.47
CB LLP B 726 1.67 -17.68 16.20
CG LLP B 726 0.71 -18.53 15.33
CD LLP B 726 0.12 -19.76 16.06
CE LLP B 726 -0.86 -20.57 15.15
NZ LLP B 726 -1.49 -21.75 15.88
C LLP B 726 3.08 -15.53 16.29
O LLP B 726 2.94 -14.30 16.35
N THR B 727 4.11 -16.16 16.84
CA THR B 727 5.02 -15.46 17.75
C THR B 727 5.89 -14.37 17.09
N PHE B 728 6.25 -14.56 15.82
CA PHE B 728 7.29 -13.72 15.22
C PHE B 728 6.85 -12.90 14.01
N CYS B 729 5.55 -12.56 13.98
CA CYS B 729 5.03 -11.43 13.20
C CYS B 729 4.73 -11.67 11.73
N ILE B 730 5.02 -12.86 11.20
CA ILE B 730 4.57 -13.13 9.84
C ILE B 730 3.05 -12.97 9.86
N PRO B 731 2.46 -12.25 8.88
CA PRO B 731 1.03 -11.95 8.99
C PRO B 731 0.16 -13.18 8.78
N HIS B 732 -1.06 -13.14 9.33
CA HIS B 732 -1.92 -14.30 9.34
C HIS B 732 -2.52 -14.61 7.95
N GLY B 733 -2.56 -13.59 7.10
CA GLY B 733 -2.79 -13.77 5.68
C GLY B 733 -4.20 -14.16 5.28
N GLY B 734 -5.10 -14.14 6.24
CA GLY B 734 -6.44 -14.62 6.02
C GLY B 734 -6.52 -16.14 6.12
N GLY B 735 -5.45 -16.75 6.61
CA GLY B 735 -5.34 -18.21 6.70
C GLY B 735 -4.06 -18.77 6.07
N GLY B 736 -2.97 -18.02 6.13
CA GLY B 736 -1.71 -18.40 5.50
C GLY B 736 -1.19 -17.22 4.69
N PRO B 737 0.14 -17.11 4.52
CA PRO B 737 1.17 -18.13 4.73
C PRO B 737 1.72 -18.19 6.14
N GLY B 738 2.32 -19.33 6.48
CA GLY B 738 3.09 -19.44 7.70
C GLY B 738 4.47 -20.03 7.46
N MET B 739 5.28 -20.10 8.52
CA MET B 739 6.54 -20.85 8.51
C MET B 739 6.68 -21.53 9.87
N GLY B 740 7.15 -22.76 9.87
CA GLY B 740 7.29 -23.51 11.11
C GLY B 740 8.67 -24.12 11.30
N PRO B 741 9.69 -23.26 11.49
CA PRO B 741 11.06 -23.77 11.64
C PRO B 741 11.19 -24.63 12.89
N ILE B 742 12.09 -25.60 12.88
CA ILE B 742 12.28 -26.42 14.06
C ILE B 742 13.67 -26.21 14.64
N GLY B 743 13.78 -26.32 15.96
CA GLY B 743 15.08 -26.29 16.62
C GLY B 743 15.32 -27.66 17.21
N VAL B 744 16.54 -28.16 17.15
CA VAL B 744 16.84 -29.47 17.70
C VAL B 744 18.10 -29.44 18.54
N LYS B 745 18.23 -30.39 19.45
CA LYS B 745 19.50 -30.57 20.14
C LYS B 745 20.53 -31.22 19.20
N SER B 746 21.81 -31.11 19.56
CA SER B 746 22.90 -31.63 18.72
C SER B 746 22.69 -33.07 18.25
N HIS B 747 22.21 -33.94 19.13
CA HIS B 747 22.06 -35.35 18.78
C HIS B 747 21.03 -35.63 17.68
N LEU B 748 20.27 -34.60 17.30
CA LEU B 748 19.26 -34.72 16.24
C LEU B 748 19.66 -33.99 14.98
N GLN B 749 20.74 -33.23 15.04
CA GLN B 749 21.08 -32.29 13.99
C GLN B 749 21.37 -32.99 12.65
N ALA B 750 21.96 -34.17 12.71
CA ALA B 750 22.37 -34.90 11.51
C ALA B 750 21.19 -35.24 10.62
N PHE B 751 20.00 -35.29 11.21
CA PHE B 751 18.80 -35.78 10.53
C PHE B 751 17.96 -34.70 9.85
N LEU B 752 18.31 -33.44 10.07
CA LEU B 752 17.56 -32.31 9.53
C LEU B 752 17.38 -32.36 8.02
N PRO B 753 16.27 -31.78 7.53
CA PRO B 753 15.95 -31.74 6.09
C PRO B 753 17.07 -31.10 5.29
N ARG B 754 17.27 -31.59 4.07
CA ARG B 754 18.34 -31.10 3.21
C ARG B 754 18.05 -29.67 2.75
N THR B 755 19.12 -28.89 2.62
CA THR B 755 19.03 -27.53 2.08
C THR B 755 19.66 -27.50 0.69
N ASP B 767 23.75 -39.09 3.65
CA ASP B 767 23.84 -40.35 4.38
C ASP B 767 22.88 -40.39 5.56
N GLN B 768 22.38 -39.23 5.98
CA GLN B 768 21.63 -39.16 7.24
C GLN B 768 20.37 -38.30 7.27
N SER B 769 20.21 -37.37 6.33
CA SER B 769 19.04 -36.48 6.36
C SER B 769 17.74 -37.27 6.15
N ILE B 770 16.65 -36.80 6.75
CA ILE B 770 15.34 -37.40 6.51
C ILE B 770 14.84 -37.12 5.10
N GLY B 771 15.50 -36.18 4.41
CA GLY B 771 15.12 -35.83 3.05
C GLY B 771 14.59 -34.41 2.96
N MET B 772 13.43 -34.22 2.32
CA MET B 772 12.82 -32.90 2.24
C MET B 772 11.38 -32.90 2.76
N ILE B 773 11.08 -31.92 3.60
CA ILE B 773 9.76 -31.74 4.20
C ILE B 773 8.93 -30.75 3.37
N SER B 774 9.59 -29.69 2.89
CA SER B 774 8.97 -28.70 2.00
C SER B 774 9.55 -28.87 0.62
N ALA B 775 8.86 -28.37 -0.40
CA ALA B 775 9.36 -28.45 -1.78
C ALA B 775 10.63 -27.62 -2.01
N ALA B 776 10.73 -26.48 -1.34
CA ALA B 776 11.91 -25.61 -1.47
C ALA B 776 12.78 -25.78 -0.24
N PRO B 777 14.10 -25.70 -0.43
CA PRO B 777 15.05 -26.00 0.66
C PRO B 777 14.85 -25.08 1.86
N TYR B 778 14.42 -23.85 1.63
CA TYR B 778 14.11 -22.95 2.75
C TYR B 778 12.65 -22.55 2.81
N GLY B 779 11.78 -23.44 2.31
CA GLY B 779 10.35 -23.20 2.32
C GLY B 779 10.03 -21.85 1.70
N SER B 780 9.17 -21.08 2.36
CA SER B 780 8.79 -19.78 1.84
C SER B 780 9.81 -18.76 2.31
N ALA B 781 10.98 -18.77 1.66
CA ALA B 781 12.11 -18.02 2.18
C ALA B 781 11.86 -16.52 2.27
N SER B 782 11.15 -15.96 1.29
CA SER B 782 10.99 -14.51 1.22
C SER B 782 10.29 -13.90 2.43
N ILE B 783 9.42 -14.66 3.10
CA ILE B 783 8.75 -14.10 4.27
C ILE B 783 9.54 -14.27 5.57
N LEU B 784 10.67 -14.97 5.50
CA LEU B 784 11.53 -15.05 6.68
C LEU B 784 12.11 -13.68 7.05
N VAL B 785 12.13 -12.73 6.10
CA VAL B 785 12.68 -11.41 6.41
C VAL B 785 11.86 -10.70 7.46
N ILE B 786 10.58 -11.06 7.54
CA ILE B 786 9.66 -10.45 8.50
C ILE B 786 10.11 -10.72 9.93
N SER B 787 10.40 -11.99 10.23
CA SER B 787 10.85 -12.34 11.58
C SER B 787 12.25 -11.82 11.87
N TRP B 788 13.11 -11.77 10.86
CA TRP B 788 14.45 -11.17 11.02
C TRP B 788 14.28 -9.72 11.43
N MET B 789 13.42 -9.00 10.71
CA MET B 789 13.18 -7.59 11.04
C MET B 789 12.64 -7.42 12.46
N TYR B 790 11.71 -8.27 12.87
CA TYR B 790 11.15 -8.16 14.23
C TYR B 790 12.23 -8.32 15.28
N ILE B 791 13.05 -9.35 15.15
CA ILE B 791 14.12 -9.57 16.12
C ILE B 791 15.13 -8.42 16.10
N ALA B 792 15.53 -7.98 14.91
CA ALA B 792 16.52 -6.91 14.80
C ALA B 792 16.04 -5.59 15.41
N MET B 793 14.75 -5.31 15.30
CA MET B 793 14.23 -4.02 15.79
C MET B 793 13.89 -4.09 17.28
N MET B 794 13.62 -5.29 17.78
CA MET B 794 13.22 -5.46 19.19
C MET B 794 14.41 -5.59 20.11
N GLY B 795 15.40 -6.38 19.72
CA GLY B 795 16.54 -6.64 20.57
C GLY B 795 16.14 -7.56 21.70
N PRO B 796 17.10 -7.93 22.55
CA PRO B 796 16.80 -8.92 23.60
C PRO B 796 15.85 -8.39 24.68
N GLN B 797 16.06 -7.17 25.15
CA GLN B 797 15.18 -6.59 26.15
C GLN B 797 13.77 -6.37 25.58
N GLY B 798 13.69 -5.94 24.33
CA GLY B 798 12.42 -5.69 23.67
C GLY B 798 11.59 -6.95 23.47
N LEU B 799 12.24 -8.00 22.98
CA LEU B 799 11.57 -9.28 22.81
C LEU B 799 11.01 -9.80 24.13
N THR B 800 11.77 -9.63 25.19
CA THR B 800 11.34 -10.15 26.50
C THR B 800 10.21 -9.30 27.05
N LYS B 801 10.32 -7.98 26.88
CA LYS B 801 9.25 -7.09 27.32
C LYS B 801 7.94 -7.43 26.61
N ALA B 802 8.03 -7.76 25.33
CA ALA B 802 6.84 -8.14 24.55
C ALA B 802 6.15 -9.35 25.17
N THR B 803 6.92 -10.39 25.50
CA THR B 803 6.37 -11.55 26.19
C THR B 803 5.70 -11.14 27.48
N GLU B 804 6.36 -10.30 28.26
CA GLU B 804 5.85 -9.93 29.57
C GLU B 804 4.54 -9.14 29.44
N VAL B 805 4.47 -8.24 28.47
CA VAL B 805 3.25 -7.46 28.28
C VAL B 805 2.10 -8.36 27.74
N ALA B 806 2.43 -9.35 26.93
CA ALA B 806 1.40 -10.28 26.45
C ALA B 806 0.75 -11.02 27.63
N ILE B 807 1.57 -11.41 28.59
CA ILE B 807 1.08 -12.05 29.80
C ILE B 807 0.30 -11.05 30.66
N LEU B 808 0.80 -9.83 30.77
CA LEU B 808 0.08 -8.81 31.54
C LEU B 808 -1.32 -8.59 30.98
N SER B 809 -1.42 -8.44 29.67
CA SER B 809 -2.71 -8.12 29.06
C SER B 809 -3.72 -9.25 29.16
N ALA B 810 -3.27 -10.50 28.98
CA ALA B 810 -4.15 -11.65 29.19
C ALA B 810 -4.66 -11.69 30.63
N ASN B 811 -3.76 -11.50 31.58
CA ASN B 811 -4.18 -11.48 32.98
C ASN B 811 -5.13 -10.33 33.30
N TYR B 812 -4.90 -9.16 32.70
CA TYR B 812 -5.76 -8.00 32.91
C TYR B 812 -7.18 -8.31 32.44
N MET B 813 -7.31 -8.90 31.25
CA MET B 813 -8.63 -9.24 30.73
C MET B 813 -9.33 -10.30 31.59
N ALA B 814 -8.57 -11.31 32.02
CA ALA B 814 -9.13 -12.35 32.88
C ALA B 814 -9.67 -11.76 34.16
N LYS B 815 -8.91 -10.84 34.74
CA LYS B 815 -9.31 -10.20 35.99
C LYS B 815 -10.57 -9.37 35.77
N ARG B 816 -10.64 -8.65 34.65
CA ARG B 816 -11.83 -7.83 34.38
C ARG B 816 -13.08 -8.68 34.18
N LEU B 817 -12.91 -9.88 33.66
CA LEU B 817 -14.06 -10.67 33.20
C LEU B 817 -14.46 -11.78 34.15
N GLU B 818 -13.59 -12.07 35.12
CA GLU B 818 -13.76 -13.24 35.99
C GLU B 818 -15.10 -13.31 36.76
N ASN B 819 -15.68 -12.16 37.12
CA ASN B 819 -16.97 -12.18 37.82
C ASN B 819 -18.17 -12.37 36.89
N TYR B 820 -17.91 -12.35 35.60
CA TYR B 820 -18.96 -12.46 34.58
C TYR B 820 -18.86 -13.81 33.89
N TYR B 821 -17.63 -14.19 33.54
CA TYR B 821 -17.37 -15.49 32.93
C TYR B 821 -16.27 -16.18 33.73
N PRO B 822 -16.57 -17.34 34.31
CA PRO B 822 -15.54 -18.07 35.07
C PRO B 822 -14.26 -18.27 34.24
N ILE B 823 -13.11 -17.94 34.83
CA ILE B 823 -11.82 -18.23 34.18
C ILE B 823 -11.49 -19.69 34.48
N LEU B 824 -11.39 -20.50 33.44
CA LEU B 824 -11.49 -21.96 33.57
C LEU B 824 -10.23 -22.67 34.09
N PHE B 825 -9.07 -22.14 33.74
CA PHE B 825 -7.81 -22.76 34.14
C PHE B 825 -6.82 -21.67 34.52
N ARG B 826 -6.32 -21.74 35.74
CA ARG B 826 -5.30 -20.80 36.17
C ARG B 826 -4.10 -21.57 36.71
N GLY B 827 -2.92 -20.99 36.55
CA GLY B 827 -1.72 -21.63 37.03
C GLY B 827 -1.60 -21.43 38.51
N ASN B 828 -0.49 -21.93 39.06
CA ASN B 828 -0.14 -21.62 40.43
C ASN B 828 -0.08 -20.10 40.55
N ASN B 829 -0.40 -19.59 41.75
CA ASN B 829 -0.43 -18.15 42.01
C ASN B 829 -1.61 -17.43 41.33
N GLU B 830 -2.51 -18.21 40.74
CA GLU B 830 -3.79 -17.73 40.17
C GLU B 830 -3.64 -16.87 38.90
N LEU B 831 -2.45 -16.87 38.34
CA LEU B 831 -2.24 -16.13 37.09
C LEU B 831 -2.36 -17.06 35.89
N VAL B 832 -2.75 -16.50 34.76
CA VAL B 832 -2.65 -17.24 33.51
C VAL B 832 -1.35 -16.85 32.81
N ALA B 833 -1.12 -17.44 31.65
CA ALA B 833 0.03 -17.09 30.83
C ALA B 833 -0.41 -16.01 29.83
N HIS B 834 -0.38 -16.33 28.53
CA HIS B 834 -0.63 -15.33 27.50
C HIS B 834 -2.08 -15.34 26.99
N GLU B 835 -2.90 -16.19 27.56
CA GLU B 835 -4.29 -16.31 27.12
C GLU B 835 -5.11 -16.87 28.25
N CYS B 836 -6.43 -16.68 28.20
CA CYS B 836 -7.28 -17.24 29.23
C CYS B 836 -8.54 -17.83 28.61
N ILE B 837 -9.12 -18.79 29.29
CA ILE B 837 -10.35 -19.41 28.82
C ILE B 837 -11.56 -18.93 29.62
N LEU B 838 -12.52 -18.34 28.90
CA LEU B 838 -13.77 -17.87 29.49
C LEU B 838 -14.82 -18.97 29.38
N ASP B 839 -15.41 -19.35 30.51
CA ASP B 839 -16.43 -20.39 30.49
C ASP B 839 -17.81 -19.80 30.18
N LEU B 840 -18.34 -20.14 29.00
CA LEU B 840 -19.64 -19.61 28.58
C LEU B 840 -20.77 -20.63 28.80
N ARG B 841 -20.39 -21.82 29.26
CA ARG B 841 -21.37 -22.87 29.48
C ARG B 841 -22.53 -22.53 30.43
N PRO B 842 -22.28 -21.75 31.50
CA PRO B 842 -23.44 -21.32 32.30
C PRO B 842 -24.50 -20.54 31.51
N LEU B 843 -24.10 -19.76 30.51
CA LEU B 843 -25.07 -19.02 29.70
C LEU B 843 -26.03 -19.94 28.98
N LYS B 844 -25.52 -21.11 28.59
CA LYS B 844 -26.30 -22.11 27.89
C LYS B 844 -27.37 -22.65 28.83
N LYS B 845 -26.98 -22.95 30.06
CA LYS B 845 -27.89 -23.47 31.05
C LYS B 845 -28.95 -22.43 31.42
N GLN B 846 -28.50 -21.18 31.60
CA GLN B 846 -29.35 -20.12 32.12
C GLN B 846 -30.26 -19.48 31.08
N ALA B 847 -29.71 -19.20 29.90
CA ALA B 847 -30.41 -18.38 28.90
C ALA B 847 -30.59 -19.11 27.57
N ALA B 848 -30.14 -20.36 27.50
CA ALA B 848 -30.14 -21.10 26.25
C ALA B 848 -29.34 -20.38 25.17
N ILE B 849 -28.29 -19.69 25.62
CA ILE B 849 -27.36 -18.99 24.74
C ILE B 849 -26.13 -19.84 24.45
N GLU B 850 -25.78 -19.99 23.17
CA GLU B 850 -24.62 -20.77 22.76
C GLU B 850 -23.40 -19.87 22.56
N VAL B 851 -22.20 -20.46 22.55
N VAL B 851 -22.21 -20.47 22.51
CA VAL B 851 -21.00 -19.68 22.30
CA VAL B 851 -21.02 -19.68 22.24
C VAL B 851 -21.10 -18.97 20.97
C VAL B 851 -21.09 -19.01 20.87
N GLU B 852 -21.72 -19.64 19.99
N GLU B 852 -21.76 -19.64 19.92
CA GLU B 852 -21.89 -19.07 18.67
CA GLU B 852 -21.93 -19.03 18.61
C GLU B 852 -22.71 -17.77 18.70
C GLU B 852 -22.71 -17.74 18.69
N ASP B 853 -23.73 -17.70 19.56
CA ASP B 853 -24.53 -16.49 19.73
C ASP B 853 -23.65 -15.35 20.20
N VAL B 854 -22.83 -15.61 21.21
CA VAL B 854 -21.91 -14.59 21.71
C VAL B 854 -20.92 -14.17 20.62
N ALA B 855 -20.42 -15.15 19.87
CA ALA B 855 -19.48 -14.84 18.80
C ALA B 855 -20.11 -13.92 17.74
N LYS B 856 -21.35 -14.19 17.36
CA LYS B 856 -22.01 -13.34 16.36
C LYS B 856 -22.36 -11.97 16.94
N ARG B 857 -22.79 -11.93 18.19
CA ARG B 857 -23.16 -10.65 18.81
C ARG B 857 -21.96 -9.71 18.94
N LEU B 858 -20.78 -10.27 19.16
CA LEU B 858 -19.57 -9.44 19.19
C LEU B 858 -19.40 -8.66 17.90
N MET B 859 -19.83 -9.22 16.77
CA MET B 859 -19.74 -8.53 15.49
C MET B 859 -20.47 -7.18 15.51
N ASP B 860 -21.60 -7.13 16.21
CA ASP B 860 -22.38 -5.90 16.31
C ASP B 860 -21.66 -4.86 17.18
N PHE B 861 -20.71 -5.33 17.98
CA PHE B 861 -19.89 -4.43 18.80
C PHE B 861 -18.60 -4.07 18.07
N GLY B 862 -18.43 -4.57 16.85
CA GLY B 862 -17.25 -4.27 16.07
C GLY B 862 -16.06 -5.18 16.35
N PHE B 863 -16.31 -6.36 16.92
CA PHE B 863 -15.24 -7.32 17.21
C PHE B 863 -15.40 -8.69 16.54
N HIS B 864 -14.25 -9.22 16.12
CA HIS B 864 -14.10 -10.61 15.68
C HIS B 864 -14.01 -11.43 16.96
N ALA B 865 -14.70 -12.57 17.01
CA ALA B 865 -14.71 -13.39 18.22
C ALA B 865 -13.33 -13.95 18.51
N PRO B 866 -13.06 -14.28 19.78
CA PRO B 866 -11.82 -15.01 20.08
C PRO B 866 -11.97 -16.46 19.64
N THR B 867 -11.06 -17.33 20.06
CA THR B 867 -11.13 -18.72 19.63
C THR B 867 -12.31 -19.42 20.31
N VAL B 868 -13.15 -20.04 19.50
CA VAL B 868 -14.39 -20.61 19.99
C VAL B 868 -14.33 -22.14 20.17
N SER B 869 -14.70 -22.62 21.35
CA SER B 869 -14.87 -24.05 21.63
C SER B 869 -13.62 -24.90 21.44
N TRP B 870 -12.45 -24.27 21.55
CA TRP B 870 -11.20 -25.01 21.60
C TRP B 870 -10.24 -24.31 22.55
N PRO B 871 -9.52 -25.08 23.39
CA PRO B 871 -9.56 -26.54 23.48
C PRO B 871 -10.78 -27.10 24.20
N VAL B 872 -11.61 -26.24 24.81
CA VAL B 872 -12.76 -26.73 25.55
C VAL B 872 -14.07 -26.30 24.92
N LEU B 873 -14.92 -27.28 24.60
CA LEU B 873 -16.22 -27.01 24.01
C LEU B 873 -17.04 -26.07 24.88
N GLY B 874 -17.68 -25.10 24.25
CA GLY B 874 -18.59 -24.24 24.98
C GLY B 874 -17.90 -23.07 25.65
N THR B 875 -16.63 -22.84 25.31
CA THR B 875 -15.88 -21.75 25.94
C THR B 875 -15.24 -20.89 24.86
N MET B 876 -14.64 -19.79 25.30
CA MET B 876 -13.86 -18.95 24.39
C MET B 876 -12.47 -18.78 24.98
N MET B 877 -11.45 -18.84 24.12
CA MET B 877 -10.08 -18.61 24.56
C MET B 877 -9.55 -17.32 23.96
N VAL B 878 -9.19 -16.40 24.84
CA VAL B 878 -8.90 -15.02 24.49
C VAL B 878 -7.41 -14.74 24.61
N GLU B 879 -6.78 -14.30 23.52
CA GLU B 879 -5.37 -13.94 23.57
C GLU B 879 -5.19 -12.56 22.96
N PRO B 880 -5.00 -11.52 23.80
CA PRO B 880 -4.90 -10.15 23.27
C PRO B 880 -3.58 -9.84 22.57
N THR B 881 -2.50 -10.52 22.96
CA THR B 881 -1.12 -10.17 22.61
C THR B 881 -0.69 -8.83 23.24
N GLU B 882 0.59 -8.52 23.09
CA GLU B 882 1.19 -7.31 23.66
C GLU B 882 0.95 -6.06 22.80
N SER B 883 0.38 -6.24 21.61
CA SER B 883 0.32 -5.16 20.63
C SER B 883 -0.94 -4.31 20.74
N GLU B 884 -1.86 -4.70 21.62
CA GLU B 884 -3.15 -4.03 21.73
C GLU B 884 -3.21 -3.10 22.93
N SER B 885 -3.80 -1.92 22.73
CA SER B 885 -3.83 -0.87 23.75
C SER B 885 -4.82 -1.18 24.88
N LEU B 886 -4.59 -0.55 26.02
CA LEU B 886 -5.50 -0.70 27.16
C LEU B 886 -6.94 -0.33 26.75
N GLY B 887 -7.07 0.76 25.99
CA GLY B 887 -8.37 1.19 25.53
C GLY B 887 -9.06 0.12 24.72
N GLU B 888 -8.29 -0.56 23.89
CA GLU B 888 -8.83 -1.64 23.07
C GLU B 888 -9.21 -2.85 23.93
N LEU B 889 -8.34 -3.20 24.89
CA LEU B 889 -8.65 -4.31 25.79
C LEU B 889 -9.93 -4.01 26.55
N ASP B 890 -10.05 -2.77 27.01
CA ASP B 890 -11.22 -2.37 27.77
C ASP B 890 -12.50 -2.40 26.92
N ARG B 891 -12.40 -1.99 25.67
CA ARG B 891 -13.58 -2.06 24.80
C ARG B 891 -14.03 -3.50 24.62
N PHE B 892 -13.08 -4.41 24.44
CA PHE B 892 -13.46 -5.81 24.30
C PHE B 892 -14.09 -6.37 25.57
N CYS B 893 -13.49 -6.11 26.73
CA CYS B 893 -14.10 -6.55 27.99
C CYS B 893 -15.49 -5.93 28.20
N ASP B 894 -15.61 -4.65 27.88
CA ASP B 894 -16.90 -3.97 28.01
C ASP B 894 -17.99 -4.60 27.13
N ALA B 895 -17.61 -4.98 25.92
CA ALA B 895 -18.52 -5.69 25.02
C ALA B 895 -18.96 -7.03 25.62
N MET B 896 -18.01 -7.80 26.15
CA MET B 896 -18.36 -9.08 26.79
C MET B 896 -19.25 -8.88 28.00
N ILE B 897 -19.05 -7.79 28.73
CA ILE B 897 -19.89 -7.51 29.90
C ILE B 897 -21.29 -7.10 29.48
N ALA B 898 -21.40 -6.30 28.41
CA ALA B 898 -22.73 -5.94 27.91
C ALA B 898 -23.49 -7.18 27.42
N ILE B 899 -22.79 -8.06 26.73
CA ILE B 899 -23.38 -9.32 26.28
C ILE B 899 -23.82 -10.17 27.47
N TYR B 900 -23.02 -10.16 28.54
CA TYR B 900 -23.40 -10.87 29.76
C TYR B 900 -24.73 -10.35 30.28
N GLN B 901 -24.91 -9.04 30.23
CA GLN B 901 -26.14 -8.43 30.70
C GLN B 901 -27.32 -8.72 29.76
N GLU B 902 -27.03 -8.84 28.47
CA GLU B 902 -28.06 -9.24 27.51
C GLU B 902 -28.55 -10.65 27.80
N ALA B 903 -27.62 -11.54 28.11
CA ALA B 903 -27.98 -12.91 28.45
C ALA B 903 -28.76 -12.95 29.76
N GLN B 904 -28.35 -12.13 30.73
CA GLN B 904 -29.09 -12.02 31.99
C GLN B 904 -30.55 -11.61 31.77
N ALA B 905 -30.78 -10.73 30.81
CA ALA B 905 -32.14 -10.29 30.51
C ALA B 905 -32.98 -11.47 30.03
N ILE B 906 -32.38 -12.34 29.23
CA ILE B 906 -33.07 -13.55 28.79
C ILE B 906 -33.35 -14.46 29.98
N THR B 907 -32.32 -14.76 30.75
CA THR B 907 -32.47 -15.58 31.95
C THR B 907 -33.60 -15.09 32.83
N HIS B 908 -33.71 -13.77 32.97
CA HIS B 908 -34.69 -13.20 33.89
C HIS B 908 -36.05 -12.94 33.25
N GLY B 909 -36.24 -13.39 32.00
CA GLY B 909 -37.52 -13.30 31.33
C GLY B 909 -37.88 -11.92 30.81
N GLU B 910 -36.90 -11.01 30.83
CA GLU B 910 -37.13 -9.61 30.48
C GLU B 910 -37.18 -9.37 28.97
N ILE B 911 -36.70 -10.34 28.21
CA ILE B 911 -36.78 -10.28 26.76
C ILE B 911 -36.99 -11.68 26.21
N ASP B 912 -37.65 -11.79 25.06
CA ASP B 912 -37.95 -13.09 24.45
C ASP B 912 -36.67 -13.92 24.29
N PRO B 913 -36.74 -15.21 24.65
CA PRO B 913 -35.55 -16.05 24.59
C PRO B 913 -35.17 -16.44 23.16
N ALA B 914 -36.08 -16.26 22.21
CA ALA B 914 -35.79 -16.57 20.81
C ALA B 914 -35.56 -15.32 19.97
N ASP B 915 -36.30 -14.25 20.26
CA ASP B 915 -36.16 -13.01 19.49
C ASP B 915 -35.44 -11.95 20.31
N ASN B 916 -34.12 -11.89 20.19
CA ASN B 916 -33.33 -10.94 20.95
C ASN B 916 -32.01 -10.69 20.21
N PRO B 917 -31.22 -9.68 20.63
CA PRO B 917 -30.04 -9.39 19.82
C PRO B 917 -29.03 -10.55 19.74
N LEU B 918 -28.91 -11.37 20.78
CA LEU B 918 -27.93 -12.47 20.74
C LEU B 918 -28.29 -13.51 19.68
N LYS B 919 -29.57 -13.87 19.61
CA LYS B 919 -30.02 -14.89 18.66
C LYS B 919 -30.05 -14.38 17.22
N ASN B 920 -30.24 -13.08 17.05
CA ASN B 920 -30.40 -12.49 15.70
C ASN B 920 -29.14 -11.87 15.13
N ALA B 921 -28.06 -11.87 15.91
CA ALA B 921 -26.79 -11.33 15.46
C ALA B 921 -26.15 -12.22 14.39
N PRO B 922 -25.34 -11.64 13.50
CA PRO B 922 -25.05 -10.20 13.43
C PRO B 922 -26.14 -9.46 12.66
N HIS B 923 -26.29 -8.16 12.92
CA HIS B 923 -27.35 -7.37 12.30
C HIS B 923 -26.81 -6.53 11.13
N THR B 924 -27.27 -6.81 9.92
CA THR B 924 -26.81 -6.00 8.77
C THR B 924 -27.56 -4.67 8.72
N ALA B 925 -26.97 -3.68 8.08
CA ALA B 925 -27.67 -2.40 7.90
C ALA B 925 -29.00 -2.59 7.18
N GLN B 926 -29.01 -3.42 6.15
CA GLN B 926 -30.24 -3.61 5.39
C GLN B 926 -31.35 -4.24 6.23
N SER B 927 -30.99 -5.13 7.15
CA SER B 927 -32.02 -5.78 7.97
C SER B 927 -32.63 -4.79 8.95
N LEU B 928 -31.89 -3.74 9.28
CA LEU B 928 -32.41 -2.72 10.20
C LEU B 928 -33.22 -1.65 9.48
N ILE B 929 -32.84 -1.37 8.24
CA ILE B 929 -33.41 -0.25 7.49
C ILE B 929 -34.55 -0.66 6.57
N CYS B 930 -34.47 -1.84 5.96
CA CYS B 930 -35.48 -2.26 5.00
C CYS B 930 -36.58 -3.12 5.63
N GLY B 931 -37.82 -2.89 5.20
CA GLY B 931 -38.94 -3.70 5.64
C GLY B 931 -39.41 -3.36 7.05
N GLU B 932 -40.30 -4.18 7.58
CA GLU B 932 -40.87 -3.93 8.89
C GLU B 932 -39.95 -4.43 10.01
N TRP B 933 -39.91 -3.67 11.10
CA TRP B 933 -39.10 -4.02 12.26
C TRP B 933 -39.99 -4.61 13.35
N ASN B 934 -39.96 -5.93 13.49
CA ASN B 934 -40.77 -6.61 14.50
C ASN B 934 -39.91 -7.33 15.53
N HIS B 935 -39.27 -6.56 16.40
CA HIS B 935 -38.41 -7.13 17.43
C HIS B 935 -38.68 -6.42 18.75
N PRO B 936 -38.45 -7.12 19.87
CA PRO B 936 -38.66 -6.50 21.18
C PRO B 936 -37.44 -5.68 21.62
N TYR B 937 -36.57 -5.32 20.68
CA TYR B 937 -35.45 -4.42 20.96
C TYR B 937 -35.35 -3.44 19.79
N SER B 938 -34.67 -2.33 20.00
CA SER B 938 -34.67 -1.28 18.98
C SER B 938 -33.55 -1.53 17.97
N GLN B 939 -33.68 -0.92 16.79
CA GLN B 939 -32.58 -0.99 15.82
C GLN B 939 -31.31 -0.40 16.42
N GLU B 940 -31.44 0.63 17.26
CA GLU B 940 -30.27 1.22 17.88
C GLU B 940 -29.56 0.28 18.85
N GLU B 941 -30.34 -0.48 19.65
CA GLU B 941 -29.77 -1.51 20.50
C GLU B 941 -29.04 -2.60 19.68
N ALA B 942 -29.55 -2.86 18.48
CA ALA B 942 -28.92 -3.87 17.61
C ALA B 942 -27.58 -3.41 17.02
N ALA B 943 -27.55 -2.22 16.44
CA ALA B 943 -26.39 -1.76 15.69
C ALA B 943 -25.39 -0.91 16.49
N TYR B 944 -25.89 -0.19 17.50
CA TYR B 944 -25.01 0.67 18.29
C TYR B 944 -25.06 0.32 19.78
N PRO B 945 -24.72 -0.94 20.14
CA PRO B 945 -24.88 -1.35 21.53
C PRO B 945 -23.81 -0.78 22.47
N ALA B 946 -22.82 -0.09 21.92
CA ALA B 946 -21.75 0.53 22.71
C ALA B 946 -21.35 1.87 22.08
N PRO B 947 -20.83 2.81 22.89
CA PRO B 947 -20.60 4.17 22.41
C PRO B 947 -19.59 4.26 21.26
N TRP B 948 -18.58 3.40 21.27
CA TRP B 948 -17.57 3.46 20.22
C TRP B 948 -18.13 3.15 18.84
N THR B 949 -19.24 2.43 18.77
CA THR B 949 -19.83 2.07 17.49
C THR B 949 -20.44 3.30 16.83
N LYS B 950 -20.73 4.32 17.64
CA LYS B 950 -21.20 5.58 17.11
C LYS B 950 -20.07 6.51 16.64
N GLN B 951 -18.84 6.18 17.02
CA GLN B 951 -17.66 6.88 16.47
C GLN B 951 -17.20 6.25 15.16
N PHE B 952 -17.16 4.92 15.14
CA PHE B 952 -16.86 4.18 13.92
C PHE B 952 -17.62 2.87 13.93
N LYS B 953 -18.43 2.65 12.90
CA LYS B 953 -19.26 1.43 12.83
C LYS B 953 -18.73 0.47 11.78
N PHE B 954 -18.45 -0.78 12.18
CA PHE B 954 -18.13 -1.82 11.21
C PHE B 954 -19.39 -2.60 10.87
N TRP B 955 -19.77 -2.64 9.60
CA TRP B 955 -20.99 -3.33 9.22
C TRP B 955 -20.76 -4.78 8.81
N PRO B 956 -21.42 -5.71 9.53
CA PRO B 956 -21.45 -7.12 9.09
C PRO B 956 -22.10 -7.17 7.71
N ALA B 957 -21.49 -7.87 6.77
CA ALA B 957 -21.96 -7.83 5.38
C ALA B 957 -23.16 -8.71 5.15
N VAL B 958 -23.30 -9.75 5.97
CA VAL B 958 -24.41 -10.69 5.84
C VAL B 958 -24.95 -11.04 7.21
N GLY B 959 -26.14 -11.63 7.25
CA GLY B 959 -26.70 -12.12 8.49
C GLY B 959 -26.11 -13.46 8.84
N ARG B 960 -26.59 -14.11 9.91
CA ARG B 960 -26.00 -15.37 10.35
C ARG B 960 -26.12 -16.44 9.27
N ILE B 961 -25.01 -17.11 9.00
CA ILE B 961 -24.97 -18.07 7.90
C ILE B 961 -25.43 -19.44 8.37
N ASN B 962 -26.24 -20.10 7.53
CA ASN B 962 -26.75 -21.43 7.82
C ASN B 962 -25.64 -22.44 7.57
N ASN B 963 -25.16 -23.08 8.63
CA ASN B 963 -24.03 -23.99 8.50
C ASN B 963 -24.40 -25.38 7.98
N THR B 964 -25.45 -25.98 8.55
CA THR B 964 -25.90 -27.30 8.11
C THR B 964 -26.35 -27.34 6.65
N TYR B 965 -27.06 -26.31 6.21
CA TYR B 965 -27.52 -26.26 4.84
C TYR B 965 -26.34 -26.29 3.85
N GLY B 966 -25.28 -25.55 4.17
CA GLY B 966 -24.11 -25.49 3.32
C GLY B 966 -23.40 -26.82 3.11
N ASP B 967 -23.26 -27.60 4.17
CA ASP B 967 -22.62 -28.90 4.10
C ASP B 967 -23.48 -29.93 3.37
N ARG B 968 -24.79 -29.78 3.50
CA ARG B 968 -25.73 -30.67 2.83
C ARG B 968 -25.69 -30.52 1.32
N HIS B 969 -25.62 -29.27 0.88
CA HIS B 969 -25.64 -28.92 -0.53
C HIS B 969 -24.31 -28.29 -0.90
N LEU B 970 -23.28 -29.12 -1.02
CA LEU B 970 -21.94 -28.59 -1.24
C LEU B 970 -21.81 -27.92 -2.61
N VAL B 971 -21.64 -26.61 -2.59
CA VAL B 971 -21.47 -25.83 -3.81
C VAL B 971 -20.16 -25.07 -3.65
N CYS B 972 -19.12 -25.47 -4.39
N CYS B 972 -19.15 -25.45 -4.44
CA CYS B 972 -17.80 -24.88 -4.19
CA CYS B 972 -17.80 -24.94 -4.26
C CYS B 972 -17.26 -24.07 -5.38
C CYS B 972 -17.26 -24.08 -5.39
N SER B 973 -18.15 -23.56 -6.24
CA SER B 973 -17.72 -22.68 -7.33
C SER B 973 -18.66 -21.50 -7.52
N CYS B 974 -18.17 -20.49 -8.25
CA CYS B 974 -18.93 -19.28 -8.57
C CYS B 974 -20.24 -19.56 -9.28
N GLU B 975 -20.35 -20.72 -9.91
CA GLU B 975 -21.60 -21.14 -10.52
C GLU B 975 -22.75 -21.04 -9.52
N GLY B 976 -22.45 -21.33 -8.26
CA GLY B 976 -23.45 -21.36 -7.21
C GLY B 976 -23.83 -20.02 -6.62
N MET B 977 -23.00 -19.00 -6.83
CA MET B 977 -23.36 -17.64 -6.43
C MET B 977 -22.88 -16.63 -7.46
N GLY C . -10.33 24.09 -9.63
CA GLY C . -10.97 23.41 -10.74
C GLY C . -12.48 23.56 -10.69
O GLY C . -13.04 24.48 -11.28
OXT GLY C . -13.17 22.76 -10.04
N GLY D . -9.14 31.94 -7.45
CA GLY D . -8.98 30.51 -7.23
C GLY D . -9.88 29.68 -8.12
O GLY D . -10.18 30.04 -9.26
OXT GLY D . -10.34 28.60 -7.73
N GLY E . -37.39 3.71 15.17
CA GLY E . -35.98 3.69 14.85
C GLY E . -35.71 3.98 13.38
O GLY E . -35.28 3.08 12.64
OXT GLY E . -35.89 5.10 12.89
N GLY F . -19.50 26.37 -30.94
CA GLY F . -19.48 26.58 -32.38
C GLY F . -18.20 27.24 -32.84
O GLY F . -17.51 26.70 -33.69
OXT GLY F . -17.81 28.31 -32.36
C BCT G . -21.31 3.13 -7.87
O1 BCT G . -21.13 3.19 -9.10
O2 BCT G . -20.84 2.18 -7.19
O3 BCT G . -22.00 4.09 -7.25
C BCT H . 6.95 -7.82 -20.67
O1 BCT H . 5.70 -7.91 -20.68
O2 BCT H . 7.66 -8.84 -20.57
O3 BCT H . 7.51 -6.62 -20.74
P PO4 I . 8.65 31.36 -33.18
O1 PO4 I . 7.62 32.09 -33.98
O2 PO4 I . 8.35 29.88 -33.19
O3 PO4 I . 8.64 31.89 -31.77
O4 PO4 I . 10.01 31.59 -33.80
P PO4 J . 11.21 9.84 -29.56
O1 PO4 J . 9.90 9.26 -30.01
O2 PO4 J . 12.10 8.73 -29.03
O3 PO4 J . 10.98 10.87 -28.47
O4 PO4 J . 11.88 10.52 -30.75
P PO4 K . -5.30 24.22 20.00
O1 PO4 K . -6.31 23.17 19.57
O2 PO4 K . -3.94 23.60 20.20
O3 PO4 K . -5.76 24.82 21.31
O4 PO4 K . -5.23 25.30 18.96
C1 EDO L . -32.89 4.00 -9.28
O1 EDO L . -33.38 2.65 -9.15
C2 EDO L . -31.56 3.96 -10.03
O2 EDO L . -31.77 3.42 -11.34
C1 EDO M . 12.25 7.39 -0.25
O1 EDO M . 12.38 6.44 -1.30
C2 EDO M . 11.20 8.41 -0.62
O2 EDO M . 9.87 7.85 -0.59
C1 EDO N . -3.41 11.08 -37.11
O1 EDO N . -4.53 10.20 -37.00
C2 EDO N . -3.87 12.52 -36.94
O2 EDO N . -4.96 12.84 -37.83
C1 EDO O . 3.30 20.69 -37.61
O1 EDO O . 3.55 22.00 -37.09
C2 EDO O . 1.92 20.64 -38.26
O2 EDO O . 0.90 20.59 -37.26
C1 EDO P . 6.57 44.30 18.88
O1 EDO P . 5.95 45.56 18.54
C2 EDO P . 5.60 43.34 19.57
O2 EDO P . 4.64 42.83 18.63
C1 EDO Q . -5.90 5.51 -31.63
O1 EDO Q . -5.08 6.59 -32.09
C2 EDO Q . -5.92 4.40 -32.68
O2 EDO Q . -7.14 4.48 -33.44
N1 BCN R . 29.61 16.37 -8.80
C1 BCN R . 30.99 16.59 -8.35
C2 BCN R . 31.11 17.87 -7.58
O21 BCN R . 32.21 18.18 -7.04
O22 BCN R . 30.12 18.65 -7.45
C3 BCN R . 29.30 14.95 -8.69
C4 BCN R . 29.42 14.53 -7.24
O4 BCN R . 29.49 13.16 -7.10
C5 BCN R . 29.50 16.80 -10.18
C6 BCN R . 28.84 18.15 -10.25
O6 BCN R . 27.78 18.13 -11.14
C1 EDO S . -25.40 15.26 -27.01
O1 EDO S . -25.24 16.66 -27.24
C2 EDO S . -24.04 14.57 -27.05
O2 EDO S . -23.43 14.79 -28.32
N GLY T . -5.22 -23.25 15.12
CA GLY T . -5.69 -22.36 16.17
C GLY T . -7.09 -22.70 16.66
O GLY T . -8.09 -22.24 16.11
OXT GLY T . -7.25 -23.44 17.64
C BCT U . -13.31 -1.36 18.77
O1 BCT U . -13.34 -0.49 17.88
O2 BCT U . -12.33 -1.42 19.57
O3 BCT U . -14.29 -2.23 18.86
P PO4 V . 22.99 -32.86 23.14
O1 PO4 V . 22.21 -33.44 21.98
O2 PO4 V . 22.38 -33.35 24.43
O3 PO4 V . 24.43 -33.31 23.06
O4 PO4 V . 22.92 -31.34 23.10
P PO4 W . 24.94 -12.09 18.20
O1 PO4 W . 23.87 -12.88 17.48
O2 PO4 W . 25.99 -13.05 18.68
O3 PO4 W . 25.55 -11.08 17.26
O4 PO4 W . 24.33 -11.34 19.37
P PO4 X . -18.22 -23.07 -12.66
O1 PO4 X . -19.46 -23.16 -13.52
O2 PO4 X . -17.06 -22.71 -13.55
O3 PO4 X . -17.99 -24.40 -11.96
O4 PO4 X . -18.43 -22.01 -11.60
C1 EDO Y . 9.66 -9.15 -6.00
O1 EDO Y . 9.91 -7.79 -6.36
C2 EDO Y . 8.15 -9.39 -5.90
O2 EDO Y . 7.63 -8.97 -4.64
C1 EDO Z . 5.41 -1.31 33.88
O1 EDO Z . 6.12 -2.17 32.98
C2 EDO Z . 6.27 -1.16 35.13
O2 EDO Z . 6.47 -2.48 35.62
C1 EDO AA . -5.09 -12.48 39.45
O1 EDO AA . -5.81 -11.92 38.34
C2 EDO AA . -4.17 -11.42 40.03
O2 EDO AA . -4.97 -10.28 40.39
C1 EDO BA . -22.10 -1.05 26.35
O1 EDO BA . -22.27 0.38 26.32
C2 EDO BA . -20.61 -1.34 26.45
O2 EDO BA . -20.02 -0.54 27.48
C1 EDO CA . -4.15 -55.22 -9.02
O1 EDO CA . -4.79 -55.27 -10.31
C2 EDO CA . -2.75 -55.78 -9.14
O2 EDO CA . -2.01 -54.99 -10.09
C1 EDO DA . 22.34 -30.52 3.81
O1 EDO DA . 21.60 -30.81 2.61
C2 EDO DA . 21.62 -29.44 4.59
O2 EDO DA . 20.71 -30.03 5.55
C1 EDO EA . 15.89 -21.81 31.61
O1 EDO EA . 17.13 -21.34 31.08
C2 EDO EA . 14.82 -21.58 30.57
O2 EDO EA . 13.75 -22.53 30.69
C1 EDO FA . 21.78 -23.67 6.17
O1 EDO FA . 20.89 -24.39 7.01
C2 EDO FA . 21.70 -22.16 6.43
O2 EDO FA . 22.74 -21.76 7.32
C1 EDO GA . -42.05 -10.36 20.29
O1 EDO GA . -41.35 -10.44 21.53
C2 EDO GA . -41.98 -11.70 19.56
O2 EDO GA . -40.78 -11.77 18.79
#